data_2V4Y
#
_entry.id   2V4Y
#
_cell.length_a   66.280
_cell.length_b   145.780
_cell.length_c   146.600
_cell.angle_alpha   90.00
_cell.angle_beta   90.00
_cell.angle_gamma   90.00
#
_symmetry.space_group_name_H-M   'P 21 21 21'
#
loop_
_entity.id
_entity.type
_entity.pdbx_description
1 polymer 'URIDYLATE KINASE'
2 non-polymer "GUANOSINE-5'-TRIPHOSPHATE"
3 water water
#
_entity_poly.entity_id   1
_entity_poly.type   'polypeptide(L)'
_entity_poly.pdbx_seq_one_letter_code
;MATNAKPVYKRILLKLSGEALQGTEGFGIDASILDRMAQEIKELVELGIQVGVVIGGGNLFRGAGLAKAGMNRVVGDHMG
MLATVMNGLAMRDALHRAYVNARLMSAIPLNGVCDSYSWAEAISLLRNNRVVILSAGTGNPFFTTDSAACLRGIEIEANV
VLKATKVDGVFTADPAKDPTATMYEQLTYSEVLEKELKVMDLAAFTLARDHKLPIRVFNMNKPGALRRVVMGEKEGTLIT
E
;
_entity_poly.pdbx_strand_id   A,B,C,D,E,F
#
# COMPACT_ATOMS: atom_id res chain seq x y z
N ALA A 5 34.86 -13.28 -25.76
CA ALA A 5 35.61 -13.81 -24.63
C ALA A 5 34.66 -14.38 -23.58
N LYS A 6 35.16 -14.51 -22.35
CA LYS A 6 34.34 -14.94 -21.22
C LYS A 6 34.30 -13.85 -20.15
N PRO A 7 33.09 -13.39 -19.81
CA PRO A 7 32.89 -12.35 -18.79
C PRO A 7 33.30 -12.86 -17.42
N VAL A 8 34.11 -12.08 -16.71
CA VAL A 8 34.56 -12.47 -15.38
C VAL A 8 33.52 -12.15 -14.31
N TYR A 9 32.35 -11.70 -14.76
CA TYR A 9 31.24 -11.33 -13.87
C TYR A 9 29.93 -11.95 -14.33
N LYS A 10 29.25 -12.69 -13.45
CA LYS A 10 27.95 -13.24 -13.81
C LYS A 10 26.79 -12.29 -13.48
N ARG A 11 27.00 -11.41 -12.52
CA ARG A 11 25.98 -10.45 -12.12
C ARG A 11 26.62 -9.13 -11.70
N ILE A 12 26.26 -8.06 -12.37
CA ILE A 12 26.84 -6.75 -12.07
C ILE A 12 25.77 -5.74 -11.75
N LEU A 13 26.14 -4.73 -10.99
CA LEU A 13 25.25 -3.59 -10.80
C LEU A 13 25.84 -2.35 -11.44
N LEU A 14 25.26 -1.95 -12.56
CA LEU A 14 25.73 -0.81 -13.31
C LEU A 14 25.10 0.46 -12.78
N LYS A 15 25.93 1.39 -12.31
CA LYS A 15 25.45 2.66 -11.77
C LYS A 15 25.67 3.80 -12.75
N LEU A 16 24.60 4.38 -13.25
CA LEU A 16 24.70 5.50 -14.17
C LEU A 16 24.36 6.79 -13.44
N SER A 17 24.97 7.88 -13.90
CA SER A 17 24.59 9.19 -13.43
C SER A 17 23.41 9.59 -14.29
N GLY A 18 22.48 10.35 -13.74
CA GLY A 18 21.35 10.85 -14.50
C GLY A 18 21.84 11.59 -15.74
N GLU A 19 22.87 12.40 -15.58
CA GLU A 19 23.43 13.16 -16.69
C GLU A 19 23.84 12.26 -17.86
N ALA A 20 24.14 11.01 -17.57
CA ALA A 20 24.52 10.07 -18.61
C ALA A 20 23.50 10.02 -19.76
N LEU A 21 22.27 10.45 -19.48
CA LEU A 21 21.21 10.39 -20.46
C LEU A 21 20.92 11.75 -21.10
N GLN A 22 21.64 12.77 -20.66
CA GLN A 22 21.49 14.12 -21.18
C GLN A 22 21.87 14.23 -22.65
N GLY A 23 21.19 15.12 -23.36
CA GLY A 23 21.54 15.41 -24.73
C GLY A 23 22.56 16.53 -24.78
N THR A 24 22.56 17.28 -25.89
CA THR A 24 23.47 18.40 -26.05
C THR A 24 23.03 19.54 -25.14
N GLU A 25 21.73 19.71 -25.01
CA GLU A 25 21.18 20.83 -24.24
C GLU A 25 21.55 20.78 -22.76
N GLY A 26 22.21 19.70 -22.35
CA GLY A 26 22.66 19.56 -20.98
C GLY A 26 21.56 19.28 -19.97
N PHE A 27 20.46 18.73 -20.43
CA PHE A 27 19.35 18.37 -19.57
C PHE A 27 18.40 17.40 -20.28
N GLY A 28 17.48 16.83 -19.52
CA GLY A 28 16.48 15.93 -20.07
C GLY A 28 17.03 14.58 -20.51
N ILE A 29 16.30 13.94 -21.41
CA ILE A 29 16.69 12.63 -21.91
C ILE A 29 16.79 12.68 -23.43
N ASP A 30 17.96 12.38 -23.95
CA ASP A 30 18.16 12.32 -25.40
C ASP A 30 17.93 10.90 -25.91
N ALA A 31 16.90 10.75 -26.74
CA ALA A 31 16.47 9.43 -27.22
C ALA A 31 17.62 8.59 -27.77
N SER A 32 18.49 9.21 -28.57
CA SER A 32 19.57 8.48 -29.23
C SER A 32 20.68 8.07 -28.26
N ILE A 33 21.02 8.97 -27.35
CA ILE A 33 22.04 8.70 -26.34
C ILE A 33 21.52 7.62 -25.38
N LEU A 34 20.20 7.50 -25.32
CA LEU A 34 19.54 6.51 -24.45
C LEU A 34 19.47 5.15 -25.12
N ASP A 35 19.04 5.14 -26.38
CA ASP A 35 18.98 3.91 -27.16
C ASP A 35 20.37 3.32 -27.36
N ARG A 36 21.36 4.19 -27.38
CA ARG A 36 22.74 3.77 -27.48
C ARG A 36 23.08 2.97 -26.23
N MET A 37 22.65 3.51 -25.09
CA MET A 37 22.93 2.90 -23.80
C MET A 37 22.17 1.60 -23.62
N ALA A 38 20.98 1.54 -24.19
CA ALA A 38 20.18 0.32 -24.17
C ALA A 38 20.91 -0.78 -24.91
N GLN A 39 21.56 -0.42 -26.01
CA GLN A 39 22.29 -1.38 -26.83
C GLN A 39 23.52 -1.91 -26.12
N GLU A 40 24.23 -1.02 -25.41
CA GLU A 40 25.38 -1.43 -24.62
C GLU A 40 24.97 -2.48 -23.59
N ILE A 41 23.81 -2.27 -22.98
CA ILE A 41 23.28 -3.21 -22.00
C ILE A 41 22.79 -4.49 -22.66
N LYS A 42 22.24 -4.38 -23.87
CA LYS A 42 21.80 -5.55 -24.61
C LYS A 42 22.99 -6.48 -24.84
N GLU A 43 24.17 -5.91 -25.05
CA GLU A 43 25.37 -6.71 -25.21
C GLU A 43 25.63 -7.53 -23.96
N LEU A 44 25.77 -6.85 -22.82
CA LEU A 44 26.02 -7.53 -21.56
C LEU A 44 25.03 -8.65 -21.31
N VAL A 45 23.76 -8.41 -21.67
CA VAL A 45 22.73 -9.40 -21.50
C VAL A 45 23.01 -10.62 -22.39
N GLU A 46 23.39 -10.35 -23.63
CA GLU A 46 23.65 -11.41 -24.59
C GLU A 46 24.89 -12.23 -24.25
N LEU A 47 25.82 -11.61 -23.52
CA LEU A 47 27.00 -12.32 -23.02
C LEU A 47 26.66 -13.19 -21.81
N GLY A 48 25.38 -13.23 -21.45
CA GLY A 48 24.93 -14.02 -20.32
C GLY A 48 25.12 -13.35 -18.97
N ILE A 49 25.35 -12.05 -18.96
CA ILE A 49 25.50 -11.34 -17.69
C ILE A 49 24.14 -10.87 -17.17
N GLN A 50 23.95 -11.04 -15.86
CA GLN A 50 22.77 -10.52 -15.18
C GLN A 50 23.01 -9.06 -14.78
N VAL A 51 22.16 -8.17 -15.25
CA VAL A 51 22.42 -6.74 -15.14
C VAL A 51 21.37 -5.99 -14.30
N GLY A 52 21.82 -5.44 -13.19
CA GLY A 52 21.01 -4.49 -12.45
C GLY A 52 21.51 -3.09 -12.74
N VAL A 53 20.59 -2.17 -13.02
CA VAL A 53 20.98 -0.80 -13.27
C VAL A 53 20.41 0.16 -12.24
N VAL A 54 21.23 1.08 -11.77
CA VAL A 54 20.78 2.12 -10.84
C VAL A 54 21.06 3.47 -11.48
N ILE A 55 20.02 4.26 -11.72
CA ILE A 55 20.19 5.54 -12.37
C ILE A 55 19.94 6.72 -11.43
N GLY A 56 20.64 7.82 -11.65
CA GLY A 56 20.47 9.04 -10.87
C GLY A 56 19.40 9.90 -11.52
N GLY A 57 19.22 11.11 -11.02
CA GLY A 57 18.21 12.00 -11.56
C GLY A 57 18.71 13.39 -11.93
N GLY A 58 20.02 13.56 -12.00
CA GLY A 58 20.64 14.85 -12.23
C GLY A 58 20.24 15.54 -13.52
N ASN A 59 19.92 14.76 -14.54
CA ASN A 59 19.54 15.30 -15.84
C ASN A 59 18.14 15.89 -15.81
N LEU A 60 17.33 15.47 -14.85
CA LEU A 60 15.93 15.88 -14.79
C LEU A 60 15.66 16.81 -13.62
N PHE A 61 16.53 16.77 -12.62
CA PHE A 61 16.41 17.68 -11.50
C PHE A 61 17.75 18.18 -11.01
N ARG A 62 17.97 19.48 -11.20
CA ARG A 62 19.17 20.14 -10.70
C ARG A 62 18.88 20.63 -9.28
N GLY A 63 18.04 21.65 -9.18
CA GLY A 63 17.57 22.14 -7.91
C GLY A 63 18.65 22.71 -7.00
N ALA A 64 19.77 23.11 -7.57
CA ALA A 64 20.78 23.86 -6.82
C ALA A 64 20.24 25.27 -6.62
N GLY A 65 19.52 25.76 -7.63
CA GLY A 65 18.87 27.05 -7.57
C GLY A 65 17.76 27.10 -6.54
N LEU A 66 16.97 26.03 -6.46
CA LEU A 66 15.90 25.94 -5.48
C LEU A 66 16.45 25.77 -4.06
N ALA A 67 17.57 25.07 -3.94
CA ALA A 67 18.23 24.94 -2.64
C ALA A 67 18.66 26.33 -2.21
N LYS A 68 19.27 27.06 -3.14
CA LYS A 68 19.72 28.43 -2.89
C LYS A 68 18.57 29.31 -2.40
N ALA A 69 17.39 29.11 -2.97
CA ALA A 69 16.22 29.90 -2.58
C ALA A 69 15.64 29.46 -1.24
N GLY A 70 16.24 28.42 -0.65
CA GLY A 70 15.86 27.97 0.67
C GLY A 70 14.98 26.74 0.74
N MET A 71 14.84 26.03 -0.39
CA MET A 71 14.03 24.82 -0.43
C MET A 71 14.53 23.79 0.58
N ASN A 72 13.60 23.16 1.27
CA ASN A 72 13.94 22.13 2.25
C ASN A 72 14.75 20.98 1.63
N ARG A 73 15.83 20.60 2.29
CA ARG A 73 16.73 19.58 1.76
C ARG A 73 15.99 18.26 1.45
N VAL A 74 15.09 17.87 2.34
CA VAL A 74 14.35 16.64 2.17
C VAL A 74 13.51 16.69 0.90
N VAL A 75 12.68 17.73 0.80
CA VAL A 75 11.86 17.93 -0.37
C VAL A 75 12.69 17.89 -1.66
N GLY A 76 13.86 18.51 -1.61
CA GLY A 76 14.77 18.51 -2.74
C GLY A 76 15.18 17.10 -3.14
N ASP A 77 15.62 16.32 -2.18
CA ASP A 77 15.99 14.93 -2.46
C ASP A 77 14.80 14.05 -2.89
N HIS A 78 13.60 14.34 -2.40
CA HIS A 78 12.42 13.64 -2.89
C HIS A 78 12.16 13.93 -4.35
N MET A 79 12.38 15.16 -4.76
CA MET A 79 12.24 15.52 -6.16
C MET A 79 13.23 14.74 -7.01
N GLY A 80 14.48 14.68 -6.55
CA GLY A 80 15.50 13.92 -7.23
C GLY A 80 15.13 12.45 -7.31
N MET A 81 14.58 11.94 -6.22
CA MET A 81 14.16 10.56 -6.12
C MET A 81 13.15 10.22 -7.19
N LEU A 82 12.14 11.06 -7.33
CA LEU A 82 11.18 10.89 -8.42
C LEU A 82 11.87 10.99 -9.77
N ALA A 83 12.81 11.93 -9.89
CA ALA A 83 13.57 12.11 -11.13
C ALA A 83 14.19 10.79 -11.58
N THR A 84 14.79 10.07 -10.65
CA THR A 84 15.44 8.81 -10.96
C THR A 84 14.45 7.80 -11.50
N VAL A 85 13.20 7.92 -11.11
CA VAL A 85 12.18 6.96 -11.55
C VAL A 85 11.78 7.27 -12.97
N MET A 86 11.83 8.54 -13.33
CA MET A 86 11.52 8.93 -14.70
C MET A 86 12.60 8.36 -15.62
N ASN A 87 13.86 8.50 -15.21
CA ASN A 87 14.96 7.92 -15.96
C ASN A 87 14.84 6.41 -16.07
N GLY A 88 14.59 5.75 -14.95
CA GLY A 88 14.41 4.30 -14.96
C GLY A 88 13.27 3.90 -15.87
N LEU A 89 12.21 4.70 -15.83
CA LEU A 89 11.02 4.47 -16.64
C LEU A 89 11.41 4.51 -18.11
N ALA A 90 12.15 5.54 -18.48
CA ALA A 90 12.64 5.71 -19.84
C ALA A 90 13.56 4.57 -20.27
N MET A 91 14.45 4.16 -19.37
CA MET A 91 15.43 3.12 -19.65
C MET A 91 14.75 1.76 -19.84
N ARG A 92 13.79 1.44 -18.99
CA ARG A 92 13.05 0.19 -19.15
C ARG A 92 12.41 0.16 -20.52
N ASP A 93 11.84 1.29 -20.93
CA ASP A 93 11.17 1.37 -22.22
C ASP A 93 12.17 1.17 -23.35
N ALA A 94 13.28 1.92 -23.28
CA ALA A 94 14.36 1.81 -24.27
C ALA A 94 14.83 0.38 -24.46
N LEU A 95 14.91 -0.38 -23.37
CA LEU A 95 15.35 -1.75 -23.45
C LEU A 95 14.33 -2.65 -24.13
N HIS A 96 13.04 -2.41 -23.88
CA HIS A 96 12.01 -3.24 -24.48
C HIS A 96 11.98 -2.99 -25.98
N ARG A 97 12.31 -1.77 -26.37
CA ARG A 97 12.41 -1.42 -27.78
C ARG A 97 13.65 -2.02 -28.42
N ALA A 98 14.61 -2.42 -27.59
CA ALA A 98 15.79 -3.14 -28.04
C ALA A 98 15.62 -4.64 -27.84
N TYR A 99 14.38 -5.06 -27.68
CA TYR A 99 14.07 -6.48 -27.48
C TYR A 99 14.88 -7.09 -26.36
N VAL A 100 15.03 -6.34 -25.27
CA VAL A 100 15.63 -6.83 -24.04
C VAL A 100 14.58 -6.85 -22.94
N ASN A 101 14.41 -8.00 -22.28
CA ASN A 101 13.45 -8.10 -21.18
C ASN A 101 13.94 -7.28 -20.01
N ALA A 102 13.10 -6.38 -19.50
CA ALA A 102 13.52 -5.48 -18.42
C ALA A 102 12.38 -5.09 -17.49
N ARG A 103 12.67 -5.05 -16.19
CA ARG A 103 11.72 -4.63 -15.18
C ARG A 103 12.20 -3.39 -14.44
N LEU A 104 11.27 -2.50 -14.14
CA LEU A 104 11.58 -1.35 -13.30
C LEU A 104 11.08 -1.56 -11.88
N MET A 105 11.98 -1.40 -10.90
CA MET A 105 11.59 -1.47 -9.51
C MET A 105 11.88 -0.15 -8.80
N SER A 106 11.05 0.21 -7.84
CA SER A 106 11.18 1.49 -7.17
C SER A 106 11.27 1.30 -5.66
N ALA A 107 12.15 2.05 -5.01
CA ALA A 107 12.25 1.98 -3.55
C ALA A 107 10.96 2.51 -2.90
N ILE A 108 10.28 3.41 -3.62
CA ILE A 108 9.01 3.96 -3.21
C ILE A 108 7.96 3.32 -4.10
N PRO A 109 7.09 2.47 -3.52
CA PRO A 109 6.04 1.83 -4.34
C PRO A 109 5.28 2.83 -5.21
N LEU A 110 5.07 2.48 -6.48
CA LEU A 110 4.35 3.34 -7.39
C LEU A 110 3.25 2.53 -8.08
N ASN A 111 2.09 2.46 -7.45
CA ASN A 111 1.04 1.58 -7.91
C ASN A 111 0.73 1.78 -9.39
N GLY A 112 0.85 0.71 -10.17
CA GLY A 112 0.46 0.72 -11.57
C GLY A 112 1.52 1.24 -12.53
N VAL A 113 2.58 1.81 -11.99
CA VAL A 113 3.64 2.40 -12.79
C VAL A 113 4.81 1.42 -12.97
N CYS A 114 5.17 0.74 -11.88
CA CYS A 114 6.25 -0.23 -11.84
C CYS A 114 6.16 -0.95 -10.51
N ASP A 115 6.81 -2.10 -10.36
CA ASP A 115 6.67 -2.83 -9.10
C ASP A 115 7.61 -2.32 -8.04
N SER A 116 7.25 -2.57 -6.79
CA SER A 116 8.02 -2.13 -5.65
C SER A 116 9.28 -2.97 -5.57
N TYR A 117 10.37 -2.34 -5.13
CA TYR A 117 11.62 -3.06 -4.93
C TYR A 117 11.49 -4.17 -3.90
N SER A 118 12.12 -5.29 -4.22
CA SER A 118 12.25 -6.40 -3.30
C SER A 118 13.57 -7.05 -3.67
N TRP A 119 14.49 -7.14 -2.72
CA TRP A 119 15.79 -7.71 -3.03
C TRP A 119 15.60 -9.09 -3.66
N ALA A 120 14.70 -9.88 -3.09
CA ALA A 120 14.43 -11.23 -3.57
C ALA A 120 13.85 -11.23 -4.98
N GLU A 121 12.84 -10.39 -5.22
CA GLU A 121 12.23 -10.36 -6.56
C GLU A 121 13.23 -9.89 -7.60
N ALA A 122 14.11 -8.98 -7.19
CA ALA A 122 15.18 -8.51 -8.06
C ALA A 122 16.08 -9.65 -8.51
N ILE A 123 16.51 -10.48 -7.56
CA ILE A 123 17.38 -11.61 -7.87
C ILE A 123 16.66 -12.57 -8.80
N SER A 124 15.41 -12.87 -8.47
CA SER A 124 14.59 -13.76 -9.30
C SER A 124 14.55 -13.25 -10.74
N LEU A 125 14.30 -11.95 -10.90
CA LEU A 125 14.23 -11.37 -12.24
C LEU A 125 15.57 -11.43 -12.97
N LEU A 126 16.66 -11.12 -12.28
CA LEU A 126 17.98 -11.17 -12.90
C LEU A 126 18.29 -12.59 -13.37
N ARG A 127 17.87 -13.58 -12.58
CA ARG A 127 18.12 -14.98 -12.92
C ARG A 127 17.29 -15.44 -14.12
N ASN A 128 16.29 -14.64 -14.49
CA ASN A 128 15.49 -14.92 -15.67
C ASN A 128 15.82 -13.97 -16.81
N ASN A 129 17.09 -13.61 -16.93
CA ASN A 129 17.54 -12.78 -18.04
C ASN A 129 16.76 -11.48 -18.19
N ARG A 130 16.21 -11.00 -17.08
CA ARG A 130 15.65 -9.67 -17.01
C ARG A 130 16.72 -8.68 -16.58
N VAL A 131 16.78 -7.55 -17.27
CA VAL A 131 17.56 -6.43 -16.77
C VAL A 131 16.68 -5.78 -15.72
N VAL A 132 17.21 -5.59 -14.53
CA VAL A 132 16.46 -5.00 -13.44
C VAL A 132 16.94 -3.57 -13.18
N ILE A 133 16.08 -2.60 -13.48
CA ILE A 133 16.39 -1.20 -13.20
C ILE A 133 15.86 -0.83 -11.81
N LEU A 134 16.74 -0.25 -10.98
CA LEU A 134 16.39 0.05 -9.61
C LEU A 134 16.29 1.55 -9.38
N SER A 135 15.08 2.02 -9.09
CA SER A 135 14.81 3.45 -9.02
C SER A 135 14.54 3.99 -7.64
N ALA A 136 14.51 5.32 -7.54
CA ALA A 136 14.20 6.03 -6.31
C ALA A 136 15.27 5.77 -5.23
N GLY A 137 16.48 5.48 -5.67
CA GLY A 137 17.59 5.31 -4.77
C GLY A 137 17.33 4.36 -3.63
N THR A 138 17.64 4.81 -2.42
CA THR A 138 17.47 4.00 -1.22
C THR A 138 16.08 4.17 -0.62
N GLY A 139 15.32 5.12 -1.16
CA GLY A 139 14.01 5.41 -0.64
C GLY A 139 14.08 6.57 0.33
N ASN A 140 15.30 6.88 0.77
CA ASN A 140 15.55 7.96 1.72
C ASN A 140 16.27 9.14 1.09
N PRO A 141 16.13 10.33 1.71
CA PRO A 141 16.88 11.52 1.34
C PRO A 141 18.27 11.47 1.96
N PHE A 142 19.19 12.28 1.45
CA PHE A 142 20.53 12.39 2.02
C PHE A 142 21.38 11.15 1.75
N PHE A 143 20.98 10.39 0.73
CA PHE A 143 21.79 9.29 0.26
C PHE A 143 22.01 9.46 -1.23
N THR A 144 23.27 9.39 -1.63
CA THR A 144 23.65 9.57 -3.02
C THR A 144 23.23 8.37 -3.88
N THR A 145 23.23 8.55 -5.19
CA THR A 145 22.94 7.46 -6.11
C THR A 145 24.00 6.36 -5.96
N ASP A 146 25.22 6.77 -5.60
CA ASP A 146 26.28 5.82 -5.32
C ASP A 146 25.88 4.91 -4.16
N SER A 147 25.39 5.52 -3.08
CA SER A 147 24.94 4.78 -1.92
C SER A 147 23.88 3.74 -2.31
N ALA A 148 22.97 4.16 -3.18
CA ALA A 148 21.91 3.27 -3.65
C ALA A 148 22.49 2.11 -4.46
N ALA A 149 23.47 2.42 -5.31
CA ALA A 149 24.10 1.42 -6.16
C ALA A 149 24.78 0.35 -5.34
N CYS A 150 25.47 0.76 -4.27
CA CYS A 150 26.16 -0.17 -3.40
C CYS A 150 25.16 -0.99 -2.62
N LEU A 151 24.21 -0.31 -2.00
CA LEU A 151 23.18 -1.00 -1.23
C LEU A 151 22.50 -2.06 -2.08
N ARG A 152 21.97 -1.64 -3.23
CA ARG A 152 21.35 -2.56 -4.17
C ARG A 152 22.33 -3.65 -4.59
N GLY A 153 23.55 -3.25 -4.93
CA GLY A 153 24.58 -4.18 -5.33
C GLY A 153 24.78 -5.29 -4.33
N ILE A 154 24.88 -4.92 -3.06
CA ILE A 154 25.00 -5.90 -1.98
C ILE A 154 23.74 -6.77 -1.83
N GLU A 155 22.58 -6.16 -1.92
CA GLU A 155 21.33 -6.86 -1.73
C GLU A 155 21.13 -7.94 -2.80
N ILE A 156 21.30 -7.56 -4.07
CA ILE A 156 21.09 -8.50 -5.17
C ILE A 156 22.29 -9.40 -5.37
N GLU A 157 23.28 -9.28 -4.49
CA GLU A 157 24.45 -10.14 -4.52
C GLU A 157 25.21 -10.02 -5.84
N ALA A 158 25.42 -8.80 -6.29
CA ALA A 158 26.21 -8.55 -7.49
C ALA A 158 27.67 -8.83 -7.21
N ASN A 159 28.41 -9.16 -8.25
CA ASN A 159 29.84 -9.42 -8.13
C ASN A 159 30.63 -8.12 -8.11
N VAL A 160 30.04 -7.08 -8.69
CA VAL A 160 30.73 -5.82 -8.82
C VAL A 160 29.75 -4.68 -9.06
N VAL A 161 30.10 -3.48 -8.62
CA VAL A 161 29.40 -2.27 -8.99
C VAL A 161 30.23 -1.52 -10.04
N LEU A 162 29.62 -1.25 -11.18
CA LEU A 162 30.30 -0.53 -12.24
C LEU A 162 29.87 0.92 -12.26
N LYS A 163 30.66 1.79 -11.62
CA LYS A 163 30.36 3.21 -11.61
C LYS A 163 30.75 3.85 -12.94
N ALA A 164 29.79 4.03 -13.83
CA ALA A 164 30.06 4.67 -15.11
C ALA A 164 30.17 6.17 -14.94
N THR A 165 31.35 6.71 -15.24
CA THR A 165 31.62 8.14 -15.08
C THR A 165 32.16 8.76 -16.36
N LYS A 166 32.42 10.07 -16.30
CA LYS A 166 32.94 10.81 -17.45
C LYS A 166 34.47 10.67 -17.57
N VAL A 167 35.09 10.24 -16.49
CA VAL A 167 36.54 10.08 -16.42
C VAL A 167 36.92 8.62 -16.62
N ASP A 168 38.15 8.35 -17.03
CA ASP A 168 38.57 6.98 -17.35
C ASP A 168 39.23 6.27 -16.18
N GLY A 169 38.62 6.36 -15.00
CA GLY A 169 39.16 5.71 -13.83
C GLY A 169 39.58 6.68 -12.75
N VAL A 170 40.34 6.19 -11.77
CA VAL A 170 40.82 7.03 -10.69
C VAL A 170 42.25 7.48 -10.96
N PHE A 171 42.49 8.78 -10.91
CA PHE A 171 43.82 9.31 -11.22
C PHE A 171 44.56 9.83 -10.00
N THR A 172 45.87 9.62 -10.00
CA THR A 172 46.75 10.17 -8.96
C THR A 172 46.57 11.67 -8.90
N ALA A 173 46.74 12.26 -10.09
CA ALA A 173 46.53 13.67 -10.38
C ALA A 173 45.95 13.79 -11.78
N ASP A 174 45.24 14.88 -12.04
CA ASP A 174 44.63 15.12 -13.35
C ASP A 174 45.62 14.87 -14.49
N PRO A 175 45.19 14.08 -15.49
CA PRO A 175 46.01 13.55 -16.59
C PRO A 175 46.22 14.53 -17.74
N ALA A 176 45.42 15.58 -17.79
CA ALA A 176 45.51 16.55 -18.88
C ALA A 176 46.20 17.83 -18.41
N LYS A 177 46.36 17.94 -17.09
CA LYS A 177 47.10 19.06 -16.51
C LYS A 177 48.37 18.54 -15.85
N ASP A 178 48.77 17.31 -16.22
CA ASP A 178 49.99 16.69 -15.71
C ASP A 178 50.43 15.51 -16.59
N PRO A 179 51.67 15.58 -17.11
CA PRO A 179 52.18 14.50 -17.98
C PRO A 179 52.60 13.24 -17.20
N THR A 180 52.93 13.36 -15.93
CA THR A 180 53.36 12.20 -15.15
C THR A 180 52.17 11.49 -14.51
N ALA A 181 50.97 11.80 -14.99
CA ALA A 181 49.74 11.25 -14.41
C ALA A 181 49.45 9.82 -14.87
N THR A 182 49.42 8.90 -13.92
CA THR A 182 49.09 7.52 -14.27
C THR A 182 47.86 7.01 -13.54
N MET A 183 46.75 6.92 -14.27
CA MET A 183 45.53 6.28 -13.84
C MET A 183 45.73 4.99 -13.12
N TYR A 184 45.34 4.96 -11.87
CA TYR A 184 45.49 3.73 -11.10
C TYR A 184 44.87 2.57 -11.85
N GLU A 185 45.13 1.36 -11.43
CA GLU A 185 44.58 0.22 -12.13
C GLU A 185 43.85 -0.60 -11.14
N GLN A 186 44.34 -0.61 -9.92
CA GLN A 186 43.65 -1.26 -8.82
C GLN A 186 44.01 -0.60 -7.51
N LEU A 187 43.04 -0.56 -6.60
CA LEU A 187 43.24 0.01 -5.28
C LEU A 187 42.55 -0.85 -4.24
N THR A 188 42.71 -0.49 -2.98
CA THR A 188 41.97 -1.15 -1.91
C THR A 188 41.15 -0.08 -1.21
N TYR A 189 40.10 -0.49 -0.52
CA TYR A 189 39.28 0.47 0.21
C TYR A 189 40.17 1.30 1.12
N SER A 190 41.04 0.64 1.87
CA SER A 190 41.99 1.31 2.74
C SER A 190 42.89 2.25 1.95
N GLU A 191 43.38 1.78 0.81
CA GLU A 191 44.30 2.55 -0.02
C GLU A 191 43.65 3.83 -0.55
N VAL A 192 42.34 3.79 -0.76
CA VAL A 192 41.61 4.91 -1.31
C VAL A 192 41.35 5.99 -0.27
N LEU A 193 41.02 5.56 0.95
CA LEU A 193 40.80 6.48 2.05
C LEU A 193 42.13 7.13 2.44
N GLU A 194 43.15 6.29 2.53
CA GLU A 194 44.49 6.73 2.91
C GLU A 194 45.03 7.79 1.94
N LYS A 195 44.99 7.50 0.65
CA LYS A 195 45.47 8.41 -0.36
C LYS A 195 44.46 9.52 -0.65
N GLU A 196 43.39 9.57 0.15
CA GLU A 196 42.33 10.57 -0.01
C GLU A 196 41.91 10.78 -1.47
N LEU A 197 41.46 9.69 -2.10
CA LEU A 197 41.02 9.75 -3.49
C LEU A 197 39.50 9.84 -3.58
N LYS A 198 39.03 10.59 -4.57
CA LYS A 198 37.60 10.78 -4.77
C LYS A 198 37.01 9.70 -5.69
N VAL A 199 36.58 8.59 -5.10
CA VAL A 199 35.95 7.51 -5.86
C VAL A 199 34.44 7.70 -5.82
N MET A 200 33.90 7.84 -4.62
CA MET A 200 32.49 8.12 -4.42
C MET A 200 32.22 8.62 -3.02
N ASP A 201 31.02 9.16 -2.82
CA ASP A 201 30.57 9.57 -1.50
C ASP A 201 31.11 8.62 -0.45
N LEU A 202 31.54 9.18 0.67
CA LEU A 202 32.15 8.41 1.76
C LEU A 202 31.23 7.37 2.41
N ALA A 203 29.96 7.73 2.59
CA ALA A 203 28.98 6.81 3.15
C ALA A 203 28.78 5.61 2.23
N ALA A 204 28.63 5.89 0.94
CA ALA A 204 28.50 4.86 -0.08
C ALA A 204 29.70 3.93 -0.10
N PHE A 205 30.89 4.54 -0.07
CA PHE A 205 32.15 3.81 -0.11
C PHE A 205 32.29 2.86 1.08
N THR A 206 31.94 3.36 2.26
CA THR A 206 31.98 2.56 3.49
C THR A 206 31.11 1.31 3.38
N LEU A 207 29.94 1.48 2.77
CA LEU A 207 29.01 0.38 2.55
C LEU A 207 29.63 -0.73 1.69
N ALA A 208 30.29 -0.33 0.60
CA ALA A 208 30.94 -1.26 -0.31
C ALA A 208 32.13 -1.94 0.36
N ARG A 209 32.91 -1.16 1.09
CA ARG A 209 34.06 -1.65 1.83
C ARG A 209 33.66 -2.73 2.83
N ASP A 210 32.73 -2.38 3.71
CA ASP A 210 32.30 -3.26 4.78
C ASP A 210 31.68 -4.56 4.27
N HIS A 211 31.29 -4.57 3.00
CA HIS A 211 30.68 -5.76 2.43
C HIS A 211 31.52 -6.33 1.29
N LYS A 212 32.74 -5.85 1.19
CA LYS A 212 33.69 -6.38 0.23
C LYS A 212 33.09 -6.43 -1.17
N LEU A 213 32.42 -5.35 -1.54
CA LEU A 213 31.81 -5.23 -2.86
C LEU A 213 32.74 -4.46 -3.80
N PRO A 214 33.34 -5.16 -4.76
CA PRO A 214 34.28 -4.57 -5.72
C PRO A 214 33.65 -3.41 -6.50
N ILE A 215 34.40 -2.33 -6.67
CA ILE A 215 33.91 -1.20 -7.43
C ILE A 215 34.84 -0.95 -8.61
N ARG A 216 34.26 -0.85 -9.80
CA ARG A 216 35.03 -0.49 -10.98
C ARG A 216 34.56 0.86 -11.50
N VAL A 217 35.46 1.84 -11.43
CA VAL A 217 35.20 3.14 -12.03
C VAL A 217 35.71 3.12 -13.45
N PHE A 218 34.90 3.55 -14.40
CA PHE A 218 35.30 3.51 -15.80
C PHE A 218 34.64 4.62 -16.58
N ASN A 219 34.89 4.66 -17.89
CA ASN A 219 34.40 5.75 -18.73
C ASN A 219 33.33 5.31 -19.71
N MET A 220 32.09 5.71 -19.44
CA MET A 220 30.94 5.34 -20.26
C MET A 220 31.03 5.92 -21.67
N ASN A 221 31.84 6.97 -21.83
CA ASN A 221 31.98 7.65 -23.10
C ASN A 221 33.00 6.97 -24.00
N LYS A 222 33.95 6.29 -23.39
CA LYS A 222 34.96 5.53 -24.11
C LYS A 222 34.29 4.31 -24.73
N PRO A 223 34.13 4.31 -26.06
CA PRO A 223 33.38 3.25 -26.76
C PRO A 223 33.86 1.84 -26.39
N GLY A 224 32.92 0.95 -26.12
CA GLY A 224 33.23 -0.42 -25.80
C GLY A 224 33.93 -0.61 -24.47
N ALA A 225 34.09 0.48 -23.74
CA ALA A 225 34.72 0.41 -22.42
C ALA A 225 33.94 -0.51 -21.51
N LEU A 226 32.61 -0.42 -21.57
CA LEU A 226 31.76 -1.25 -20.74
C LEU A 226 31.99 -2.72 -21.08
N ARG A 227 31.96 -3.06 -22.36
CA ARG A 227 32.19 -4.43 -22.80
C ARG A 227 33.51 -4.95 -22.25
N ARG A 228 34.52 -4.10 -22.24
CA ARG A 228 35.85 -4.49 -21.79
C ARG A 228 35.90 -4.72 -20.28
N VAL A 229 35.33 -3.78 -19.52
CA VAL A 229 35.31 -3.90 -18.06
C VAL A 229 34.79 -5.25 -17.63
N VAL A 230 33.77 -5.72 -18.34
CA VAL A 230 33.16 -7.02 -18.09
C VAL A 230 34.05 -8.19 -18.51
N MET A 231 34.73 -8.06 -19.65
CA MET A 231 35.61 -9.11 -20.14
C MET A 231 36.72 -9.41 -19.14
N GLY A 232 36.91 -8.50 -18.18
CA GLY A 232 37.99 -8.63 -17.22
C GLY A 232 39.19 -7.77 -17.62
N GLU A 233 39.23 -7.40 -18.90
CA GLU A 233 40.31 -6.58 -19.44
C GLU A 233 40.52 -5.33 -18.60
N LYS A 234 41.68 -4.68 -18.66
CA LYS A 234 41.98 -3.59 -17.70
C LYS A 234 41.58 -2.18 -18.08
N GLU A 235 40.33 -1.84 -17.82
CA GLU A 235 39.66 -0.58 -18.13
C GLU A 235 39.38 0.11 -16.82
N GLY A 236 39.63 1.41 -16.76
CA GLY A 236 39.42 2.18 -15.55
C GLY A 236 40.02 1.48 -14.34
N THR A 237 39.61 1.93 -13.15
CA THR A 237 40.18 1.42 -11.92
C THR A 237 39.28 0.37 -11.29
N LEU A 238 39.89 -0.61 -10.62
CA LEU A 238 39.15 -1.56 -9.82
C LEU A 238 39.48 -1.32 -8.36
N ILE A 239 38.54 -1.62 -7.48
CA ILE A 239 38.71 -1.36 -6.05
C ILE A 239 38.22 -2.55 -5.22
N THR A 240 39.15 -3.26 -4.59
CA THR A 240 38.81 -4.49 -3.88
C THR A 240 39.63 -4.67 -2.61
N GLU A 241 39.36 -5.77 -1.91
CA GLU A 241 40.10 -6.16 -0.71
C GLU A 241 39.30 -7.17 0.13
N ALA B 5 8.01 -44.86 -0.98
CA ALA B 5 6.99 -44.49 0.01
C ALA B 5 6.05 -43.43 -0.55
N LYS B 6 4.75 -43.65 -0.37
CA LYS B 6 3.74 -42.72 -0.85
C LYS B 6 3.00 -42.06 0.32
N PRO B 7 2.68 -40.78 0.15
CA PRO B 7 1.96 -40.02 1.19
C PRO B 7 0.47 -39.97 0.92
N VAL B 8 -0.33 -39.89 1.98
CA VAL B 8 -1.78 -39.84 1.86
C VAL B 8 -2.27 -38.38 1.77
N TYR B 9 -1.33 -37.45 1.69
CA TYR B 9 -1.63 -36.01 1.63
C TYR B 9 -0.83 -35.34 0.52
N LYS B 10 -1.50 -34.65 -0.39
CA LYS B 10 -0.77 -33.93 -1.44
C LYS B 10 -0.43 -32.50 -1.01
N ARG B 11 -1.21 -31.94 -0.10
CA ARG B 11 -0.99 -30.59 0.38
C ARG B 11 -1.34 -30.50 1.86
N ILE B 12 -0.37 -30.11 2.68
CA ILE B 12 -0.59 -30.01 4.12
C ILE B 12 -0.29 -28.61 4.61
N LEU B 13 -0.90 -28.24 5.74
CA LEU B 13 -0.50 -27.03 6.42
C LEU B 13 0.11 -27.39 7.78
N LEU B 14 1.42 -27.26 7.86
CA LEU B 14 2.15 -27.58 9.07
C LEU B 14 2.16 -26.38 10.00
N LYS B 15 1.64 -26.56 11.21
CA LYS B 15 1.58 -25.46 12.18
C LYS B 15 2.59 -25.69 13.28
N LEU B 16 3.56 -24.79 13.39
CA LEU B 16 4.58 -24.89 14.43
C LEU B 16 4.34 -23.85 15.51
N SER B 17 4.73 -24.19 16.72
CA SER B 17 4.72 -23.22 17.80
C SER B 17 6.04 -22.47 17.68
N GLY B 18 6.03 -21.18 17.99
CA GLY B 18 7.26 -20.41 17.98
C GLY B 18 8.34 -21.11 18.80
N GLU B 19 7.96 -21.62 19.95
CA GLU B 19 8.90 -22.29 20.84
C GLU B 19 9.62 -23.44 20.14
N ALA B 20 9.00 -23.99 19.11
CA ALA B 20 9.59 -25.10 18.38
C ALA B 20 10.99 -24.78 17.89
N LEU B 21 11.30 -23.49 17.80
CA LEU B 21 12.60 -23.03 17.28
C LEU B 21 13.57 -22.61 18.40
N GLN B 22 13.09 -22.66 19.64
CA GLN B 22 13.91 -22.29 20.80
C GLN B 22 15.10 -23.21 20.96
N GLY B 23 16.18 -22.65 21.49
CA GLY B 23 17.34 -23.44 21.86
C GLY B 23 17.22 -23.92 23.29
N THR B 24 18.37 -24.15 23.93
CA THR B 24 18.39 -24.58 25.32
C THR B 24 17.97 -23.44 26.24
N GLU B 25 18.38 -22.23 25.87
CA GLU B 25 18.13 -21.04 26.70
C GLU B 25 16.64 -20.72 26.85
N GLY B 26 15.80 -21.46 26.12
CA GLY B 26 14.36 -21.31 26.24
C GLY B 26 13.82 -20.04 25.60
N PHE B 27 14.56 -19.52 24.63
CA PHE B 27 14.14 -18.34 23.89
C PHE B 27 14.95 -18.21 22.60
N GLY B 28 14.47 -17.35 21.72
CA GLY B 28 15.18 -17.04 20.49
C GLY B 28 15.08 -18.13 19.45
N ILE B 29 16.03 -18.13 18.52
CA ILE B 29 16.08 -19.13 17.47
C ILE B 29 17.43 -19.84 17.49
N ASP B 30 17.40 -21.16 17.66
CA ASP B 30 18.61 -21.97 17.66
C ASP B 30 18.89 -22.50 16.27
N ALA B 31 19.99 -22.05 15.68
CA ALA B 31 20.33 -22.37 14.30
C ALA B 31 20.20 -23.85 13.96
N SER B 32 20.71 -24.71 14.83
CA SER B 32 20.73 -26.15 14.56
C SER B 32 19.35 -26.78 14.66
N ILE B 33 18.58 -26.39 15.68
CA ILE B 33 17.22 -26.89 15.86
C ILE B 33 16.34 -26.41 14.70
N LEU B 34 16.78 -25.34 14.04
CA LEU B 34 16.05 -24.75 12.92
C LEU B 34 16.40 -25.44 11.62
N ASP B 35 17.69 -25.65 11.40
CA ASP B 35 18.17 -26.34 10.21
C ASP B 35 17.69 -27.78 10.22
N ARG B 36 17.52 -28.32 11.43
CA ARG B 36 16.97 -29.67 11.60
C ARG B 36 15.56 -29.67 11.05
N MET B 37 14.80 -28.65 11.40
CA MET B 37 13.41 -28.51 10.99
C MET B 37 13.29 -28.24 9.49
N ALA B 38 14.26 -27.53 8.95
CA ALA B 38 14.30 -27.27 7.52
C ALA B 38 14.46 -28.58 6.77
N GLN B 39 15.27 -29.47 7.31
CA GLN B 39 15.52 -30.77 6.70
C GLN B 39 14.28 -31.65 6.73
N GLU B 40 13.58 -31.66 7.87
CA GLU B 40 12.35 -32.41 7.97
C GLU B 40 11.37 -31.98 6.89
N ILE B 41 11.31 -30.68 6.63
CA ILE B 41 10.43 -30.14 5.61
C ILE B 41 10.95 -30.46 4.21
N LYS B 42 12.27 -30.49 4.05
CA LYS B 42 12.87 -30.84 2.77
C LYS B 42 12.41 -32.23 2.36
N GLU B 43 12.31 -33.13 3.34
CA GLU B 43 11.81 -34.47 3.09
C GLU B 43 10.40 -34.43 2.50
N LEU B 44 9.47 -33.83 3.23
CA LEU B 44 8.09 -33.71 2.75
C LEU B 44 8.04 -33.15 1.33
N VAL B 45 8.90 -32.19 1.04
CA VAL B 45 8.93 -31.59 -0.28
C VAL B 45 9.35 -32.61 -1.32
N GLU B 46 10.38 -33.38 -0.98
CA GLU B 46 10.94 -34.39 -1.88
C GLU B 46 9.98 -35.56 -2.11
N LEU B 47 9.10 -35.82 -1.14
CA LEU B 47 8.05 -36.81 -1.30
C LEU B 47 6.92 -36.30 -2.17
N GLY B 48 7.08 -35.09 -2.71
CA GLY B 48 6.09 -34.50 -3.58
C GLY B 48 4.92 -33.83 -2.86
N ILE B 49 5.08 -33.58 -1.55
CA ILE B 49 4.05 -32.90 -0.79
C ILE B 49 4.18 -31.39 -0.86
N GLN B 50 3.05 -30.71 -1.07
CA GLN B 50 3.01 -29.26 -1.07
C GLN B 50 2.85 -28.78 0.36
N VAL B 51 3.79 -27.98 0.84
CA VAL B 51 3.85 -27.65 2.26
C VAL B 51 3.66 -26.16 2.55
N GLY B 52 2.60 -25.85 3.29
CA GLY B 52 2.43 -24.53 3.85
C GLY B 52 2.78 -24.58 5.33
N VAL B 53 3.60 -23.63 5.78
CA VAL B 53 3.96 -23.58 7.19
C VAL B 53 3.44 -22.32 7.88
N VAL B 54 2.88 -22.48 9.08
CA VAL B 54 2.42 -21.36 9.89
C VAL B 54 3.16 -21.42 11.23
N ILE B 55 3.93 -20.37 11.52
CA ILE B 55 4.71 -20.35 12.75
C ILE B 55 4.18 -19.32 13.74
N GLY B 56 4.32 -19.63 15.02
CA GLY B 56 3.97 -18.72 16.09
C GLY B 56 5.14 -17.85 16.46
N GLY B 57 5.01 -17.07 17.52
CA GLY B 57 6.06 -16.15 17.89
C GLY B 57 6.45 -16.20 19.35
N GLY B 58 6.07 -17.28 20.02
CA GLY B 58 6.32 -17.41 21.45
C GLY B 58 7.77 -17.44 21.88
N ASN B 59 8.65 -17.89 20.98
CA ASN B 59 10.08 -17.96 21.27
C ASN B 59 10.74 -16.58 21.24
N LEU B 60 10.08 -15.63 20.61
CA LEU B 60 10.65 -14.29 20.43
C LEU B 60 9.89 -13.26 21.23
N PHE B 61 8.65 -13.56 21.57
CA PHE B 61 7.85 -12.65 22.38
C PHE B 61 7.00 -13.37 23.38
N ARG B 62 7.36 -13.22 24.66
CA ARG B 62 6.57 -13.75 25.77
C ARG B 62 5.51 -12.71 26.13
N GLY B 63 5.96 -11.62 26.75
CA GLY B 63 5.08 -10.51 27.04
C GLY B 63 3.97 -10.81 28.03
N ALA B 64 4.17 -11.86 28.83
CA ALA B 64 3.26 -12.12 29.93
C ALA B 64 3.56 -11.10 31.02
N GLY B 65 4.83 -10.75 31.14
CA GLY B 65 5.27 -9.74 32.08
C GLY B 65 4.77 -8.36 31.73
N LEU B 66 4.80 -8.03 30.44
CA LEU B 66 4.31 -6.74 29.97
C LEU B 66 2.80 -6.65 30.09
N ALA B 67 2.12 -7.76 29.89
CA ALA B 67 0.67 -7.80 30.08
C ALA B 67 0.39 -7.49 31.54
N LYS B 68 1.15 -8.14 32.42
CA LYS B 68 1.03 -7.95 33.87
C LYS B 68 1.22 -6.48 34.21
N ALA B 69 2.13 -5.81 33.52
CA ALA B 69 2.41 -4.40 33.78
C ALA B 69 1.33 -3.48 33.21
N GLY B 70 0.36 -4.07 32.53
CA GLY B 70 -0.77 -3.32 32.02
C GLY B 70 -0.74 -3.00 30.54
N MET B 71 0.17 -3.63 29.80
CA MET B 71 0.27 -3.39 28.37
C MET B 71 -1.04 -3.71 27.67
N ASN B 72 -1.43 -2.85 26.73
CA ASN B 72 -2.65 -3.07 25.97
C ASN B 72 -2.63 -4.41 25.23
N ARG B 73 -3.74 -5.15 25.32
CA ARG B 73 -3.81 -6.48 24.72
C ARG B 73 -3.49 -6.46 23.22
N VAL B 74 -4.06 -5.49 22.50
CA VAL B 74 -3.86 -5.35 21.07
C VAL B 74 -2.39 -5.18 20.74
N VAL B 75 -1.76 -4.19 21.34
CA VAL B 75 -0.34 -3.93 21.17
C VAL B 75 0.48 -5.19 21.42
N GLY B 76 0.11 -5.94 22.45
CA GLY B 76 0.80 -7.17 22.78
C GLY B 76 0.73 -8.15 21.62
N ASP B 77 -0.47 -8.38 21.11
CA ASP B 77 -0.64 -9.30 20.01
C ASP B 77 0.02 -8.81 18.71
N HIS B 78 0.08 -7.51 18.50
CA HIS B 78 0.84 -6.96 17.37
C HIS B 78 2.32 -7.26 17.48
N MET B 79 2.85 -7.24 18.70
CA MET B 79 4.25 -7.59 18.91
C MET B 79 4.48 -9.07 18.58
N GLY B 80 3.56 -9.92 19.01
CA GLY B 80 3.64 -11.34 18.73
C GLY B 80 3.53 -11.56 17.25
N MET B 81 2.64 -10.81 16.61
CA MET B 81 2.43 -10.90 15.17
C MET B 81 3.75 -10.64 14.42
N LEU B 82 4.43 -9.56 14.77
CA LEU B 82 5.75 -9.29 14.19
C LEU B 82 6.71 -10.42 14.52
N ALA B 83 6.64 -10.93 15.74
CA ALA B 83 7.51 -12.04 16.16
C ALA B 83 7.39 -13.23 15.19
N THR B 84 6.18 -13.54 14.79
CA THR B 84 5.95 -14.66 13.88
C THR B 84 6.60 -14.41 12.52
N VAL B 85 6.71 -13.15 12.13
CA VAL B 85 7.35 -12.83 10.86
C VAL B 85 8.86 -13.00 10.93
N MET B 86 9.43 -12.77 12.11
CA MET B 86 10.86 -12.99 12.28
C MET B 86 11.15 -14.47 12.16
N ASN B 87 10.34 -15.29 12.82
CA ASN B 87 10.45 -16.74 12.71
C ASN B 87 10.30 -17.21 11.27
N GLY B 88 9.25 -16.76 10.60
CA GLY B 88 9.04 -17.09 9.20
C GLY B 88 10.22 -16.68 8.34
N LEU B 89 10.74 -15.49 8.61
CA LEU B 89 11.89 -14.94 7.92
C LEU B 89 13.09 -15.88 8.07
N ALA B 90 13.33 -16.33 9.30
CA ALA B 90 14.41 -17.27 9.58
C ALA B 90 14.20 -18.63 8.91
N MET B 91 12.96 -19.10 8.93
CA MET B 91 12.65 -20.40 8.35
C MET B 91 12.80 -20.38 6.83
N ARG B 92 12.31 -19.33 6.18
CA ARG B 92 12.48 -19.22 4.74
C ARG B 92 13.96 -19.26 4.38
N ASP B 93 14.78 -18.55 5.15
CA ASP B 93 16.22 -18.57 4.93
C ASP B 93 16.81 -19.97 5.13
N ALA B 94 16.47 -20.61 6.25
CA ALA B 94 16.94 -21.96 6.55
C ALA B 94 16.62 -22.95 5.44
N LEU B 95 15.47 -22.77 4.79
CA LEU B 95 15.07 -23.66 3.70
C LEU B 95 15.89 -23.41 2.45
N HIS B 96 16.19 -22.14 2.15
CA HIS B 96 17.00 -21.84 0.97
C HIS B 96 18.41 -22.38 1.13
N ARG B 97 18.88 -22.41 2.37
CA ARG B 97 20.20 -22.97 2.66
C ARG B 97 20.16 -24.49 2.59
N ALA B 98 18.96 -25.06 2.61
CA ALA B 98 18.78 -26.49 2.44
C ALA B 98 18.33 -26.78 1.01
N TYR B 99 18.57 -25.81 0.13
CA TYR B 99 18.23 -25.96 -1.28
C TYR B 99 16.78 -26.36 -1.50
N VAL B 100 15.91 -25.77 -0.70
CA VAL B 100 14.46 -25.91 -0.85
C VAL B 100 13.87 -24.55 -1.25
N ASN B 101 13.12 -24.52 -2.34
CA ASN B 101 12.49 -23.29 -2.77
C ASN B 101 11.41 -22.90 -1.78
N ALA B 102 11.45 -21.67 -1.28
CA ALA B 102 10.50 -21.23 -0.26
C ALA B 102 10.18 -19.75 -0.34
N ARG B 103 8.90 -19.42 -0.15
CA ARG B 103 8.44 -18.05 -0.09
C ARG B 103 7.84 -17.71 1.28
N LEU B 104 8.09 -16.48 1.72
CA LEU B 104 7.47 -15.98 2.96
C LEU B 104 6.34 -15.03 2.61
N MET B 105 5.16 -15.28 3.16
CA MET B 105 4.04 -14.37 2.99
C MET B 105 3.59 -13.85 4.35
N SER B 106 3.10 -12.62 4.38
CA SER B 106 2.70 -12.01 5.63
C SER B 106 1.29 -11.47 5.52
N ALA B 107 0.51 -11.65 6.59
CA ALA B 107 -0.86 -11.15 6.59
C ALA B 107 -0.83 -9.62 6.60
N ILE B 108 0.24 -9.06 7.15
CA ILE B 108 0.48 -7.63 7.15
C ILE B 108 1.57 -7.35 6.12
N PRO B 109 1.21 -6.66 5.02
CA PRO B 109 2.20 -6.38 3.99
C PRO B 109 3.46 -5.78 4.57
N LEU B 110 4.62 -6.28 4.14
CA LEU B 110 5.90 -5.76 4.58
C LEU B 110 6.77 -5.43 3.38
N ASN B 111 6.60 -4.23 2.84
CA ASN B 111 7.28 -3.84 1.62
C ASN B 111 8.77 -4.16 1.62
N GLY B 112 9.22 -4.97 0.66
CA GLY B 112 10.62 -5.25 0.48
C GLY B 112 11.17 -6.37 1.33
N VAL B 113 10.38 -6.84 2.28
CA VAL B 113 10.81 -7.86 3.24
C VAL B 113 10.31 -9.24 2.82
N CYS B 114 9.07 -9.29 2.37
CA CYS B 114 8.43 -10.52 1.93
C CYS B 114 7.12 -10.11 1.26
N ASP B 115 6.53 -10.98 0.47
CA ASP B 115 5.30 -10.59 -0.21
C ASP B 115 4.07 -10.74 0.67
N SER B 116 3.04 -9.98 0.33
CA SER B 116 1.81 -9.97 1.07
C SER B 116 1.05 -11.26 0.82
N TYR B 117 0.35 -11.75 1.85
CA TYR B 117 -0.43 -12.96 1.70
C TYR B 117 -1.52 -12.78 0.68
N SER B 118 -1.70 -13.82 -0.13
CA SER B 118 -2.81 -13.93 -1.06
C SER B 118 -3.11 -15.40 -1.13
N TRP B 119 -4.35 -15.78 -0.84
CA TRP B 119 -4.68 -17.20 -0.83
C TRP B 119 -4.34 -17.81 -2.19
N ALA B 120 -4.63 -17.07 -3.26
CA ALA B 120 -4.37 -17.52 -4.62
C ALA B 120 -2.87 -17.67 -4.90
N GLU B 121 -2.10 -16.65 -4.56
CA GLU B 121 -0.66 -16.70 -4.81
C GLU B 121 -0.02 -17.82 -4.01
N ALA B 122 -0.57 -18.10 -2.83
CA ALA B 122 -0.07 -19.17 -1.99
C ALA B 122 -0.26 -20.52 -2.69
N ILE B 123 -1.44 -20.73 -3.27
CA ILE B 123 -1.73 -21.97 -3.97
C ILE B 123 -0.82 -22.12 -5.18
N SER B 124 -0.69 -21.04 -5.93
CA SER B 124 0.19 -21.03 -7.09
C SER B 124 1.63 -21.43 -6.68
N LEU B 125 2.11 -20.86 -5.59
CA LEU B 125 3.45 -21.15 -5.13
C LEU B 125 3.59 -22.61 -4.69
N LEU B 126 2.61 -23.12 -3.96
CA LEU B 126 2.65 -24.51 -3.50
C LEU B 126 2.65 -25.48 -4.68
N ARG B 127 1.92 -25.12 -5.73
CA ARG B 127 1.85 -25.96 -6.91
C ARG B 127 3.16 -25.97 -7.70
N ASN B 128 4.04 -25.03 -7.38
CA ASN B 128 5.35 -24.96 -8.02
C ASN B 128 6.45 -25.39 -7.06
N ASN B 129 6.13 -26.38 -6.22
CA ASN B 129 7.12 -26.96 -5.31
C ASN B 129 7.82 -25.93 -4.44
N ARG B 130 7.13 -24.84 -4.17
CA ARG B 130 7.59 -23.85 -3.21
C ARG B 130 6.97 -24.18 -1.85
N VAL B 131 7.78 -24.16 -0.80
CA VAL B 131 7.24 -24.20 0.54
C VAL B 131 6.77 -22.77 0.80
N VAL B 132 5.54 -22.62 1.23
CA VAL B 132 4.99 -21.32 1.52
C VAL B 132 4.84 -21.11 3.03
N ILE B 133 5.64 -20.21 3.57
CA ILE B 133 5.58 -19.86 4.98
C ILE B 133 4.63 -18.69 5.18
N LEU B 134 3.67 -18.85 6.09
CA LEU B 134 2.60 -17.88 6.28
C LEU B 134 2.73 -17.19 7.63
N SER B 135 3.04 -15.90 7.59
CA SER B 135 3.39 -15.15 8.80
C SER B 135 2.35 -14.12 9.22
N ALA B 136 2.53 -13.61 10.44
CA ALA B 136 1.67 -12.57 11.00
C ALA B 136 0.25 -13.08 11.22
N GLY B 137 0.13 -14.38 11.47
CA GLY B 137 -1.15 -15.00 11.74
C GLY B 137 -2.28 -14.59 10.81
N THR B 138 -3.39 -14.16 11.41
CA THR B 138 -4.58 -13.78 10.65
C THR B 138 -4.55 -12.33 10.26
N GLY B 139 -3.60 -11.59 10.80
CA GLY B 139 -3.50 -10.17 10.57
C GLY B 139 -4.16 -9.40 11.68
N ASN B 140 -4.95 -10.11 12.48
CA ASN B 140 -5.67 -9.54 13.60
C ASN B 140 -5.13 -10.00 14.94
N PRO B 141 -5.38 -9.22 15.99
CA PRO B 141 -5.07 -9.59 17.38
C PRO B 141 -6.19 -10.49 17.91
N PHE B 142 -5.94 -11.20 19.00
CA PHE B 142 -6.95 -12.02 19.66
C PHE B 142 -7.29 -13.26 18.86
N PHE B 143 -6.36 -13.66 17.99
CA PHE B 143 -6.49 -14.91 17.27
C PHE B 143 -5.21 -15.68 17.47
N THR B 144 -5.34 -16.93 17.88
CA THR B 144 -4.20 -17.79 18.15
C THR B 144 -3.52 -18.23 16.85
N THR B 145 -2.30 -18.77 16.99
CA THR B 145 -1.59 -19.29 15.83
C THR B 145 -2.37 -20.47 15.25
N ASP B 146 -3.03 -21.21 16.11
CA ASP B 146 -3.91 -22.28 15.68
C ASP B 146 -4.98 -21.74 14.74
N SER B 147 -5.67 -20.67 15.14
CA SER B 147 -6.68 -20.04 14.30
C SER B 147 -6.13 -19.68 12.92
N ALA B 148 -4.90 -19.18 12.90
CA ALA B 148 -4.24 -18.80 11.65
C ALA B 148 -3.96 -20.02 10.79
N ALA B 149 -3.50 -21.10 11.44
CA ALA B 149 -3.20 -22.34 10.73
C ALA B 149 -4.43 -22.92 10.05
N CYS B 150 -5.56 -22.95 10.76
CA CYS B 150 -6.80 -23.44 10.18
C CYS B 150 -7.28 -22.52 9.07
N LEU B 151 -7.32 -21.22 9.34
CA LEU B 151 -7.76 -20.24 8.33
C LEU B 151 -6.95 -20.38 7.04
N ARG B 152 -5.63 -20.32 7.17
CA ARG B 152 -4.73 -20.57 6.06
C ARG B 152 -4.95 -21.96 5.44
N GLY B 153 -4.98 -22.98 6.30
CA GLY B 153 -5.28 -24.33 5.86
C GLY B 153 -6.48 -24.42 4.93
N ILE B 154 -7.59 -23.83 5.35
CA ILE B 154 -8.81 -23.79 4.54
C ILE B 154 -8.63 -22.98 3.26
N GLU B 155 -7.94 -21.85 3.36
CA GLU B 155 -7.81 -20.97 2.21
C GLU B 155 -6.98 -21.62 1.10
N ILE B 156 -5.84 -22.20 1.48
CA ILE B 156 -4.96 -22.83 0.51
C ILE B 156 -5.44 -24.23 0.13
N GLU B 157 -6.59 -24.63 0.68
CA GLU B 157 -7.20 -25.91 0.37
C GLU B 157 -6.26 -27.07 0.71
N ALA B 158 -5.70 -27.02 1.91
CA ALA B 158 -4.86 -28.10 2.40
C ALA B 158 -5.72 -29.29 2.73
N ASN B 159 -5.13 -30.48 2.70
CA ASN B 159 -5.85 -31.70 3.02
C ASN B 159 -5.88 -31.90 4.52
N VAL B 160 -4.90 -31.34 5.20
CA VAL B 160 -4.81 -31.52 6.63
C VAL B 160 -3.99 -30.43 7.30
N VAL B 161 -4.28 -30.13 8.56
CA VAL B 161 -3.44 -29.26 9.36
C VAL B 161 -2.68 -30.16 10.33
N LEU B 162 -1.36 -30.06 10.32
CA LEU B 162 -0.54 -30.83 11.23
C LEU B 162 -0.04 -29.97 12.37
N LYS B 163 -0.73 -30.02 13.49
CA LYS B 163 -0.36 -29.28 14.68
C LYS B 163 0.80 -29.97 15.38
N ALA B 164 2.01 -29.50 15.13
CA ALA B 164 3.20 -30.05 15.77
C ALA B 164 3.29 -29.57 17.21
N THR B 165 3.22 -30.49 18.15
CA THR B 165 3.27 -30.15 19.57
C THR B 165 4.31 -30.96 20.33
N LYS B 166 4.42 -30.70 21.62
CA LYS B 166 5.41 -31.35 22.48
C LYS B 166 4.91 -32.71 22.97
N VAL B 167 3.60 -32.92 22.85
CA VAL B 167 2.95 -34.16 23.27
C VAL B 167 2.69 -35.05 22.07
N ASP B 168 2.56 -36.35 22.31
CA ASP B 168 2.40 -37.31 21.22
C ASP B 168 0.94 -37.59 20.87
N GLY B 169 0.14 -36.54 20.72
CA GLY B 169 -1.26 -36.68 20.36
C GLY B 169 -2.20 -36.20 21.46
N VAL B 170 -3.47 -36.58 21.36
CA VAL B 170 -4.46 -36.24 22.37
C VAL B 170 -4.68 -37.39 23.34
N PHE B 171 -4.57 -37.13 24.64
CA PHE B 171 -4.67 -38.18 25.63
C PHE B 171 -5.95 -38.10 26.46
N THR B 172 -6.48 -39.26 26.83
CA THR B 172 -7.63 -39.34 27.72
C THR B 172 -7.35 -38.57 29.00
N PRO B 179 -1.28 -39.86 34.60
CA PRO B 179 -0.38 -40.98 34.31
C PRO B 179 -1.01 -41.95 33.31
N THR B 180 -2.07 -42.63 33.72
CA THR B 180 -2.60 -43.76 32.95
C THR B 180 -3.76 -43.41 32.02
N ALA B 181 -4.24 -44.42 31.30
CA ALA B 181 -5.35 -44.26 30.36
C ALA B 181 -4.94 -44.67 28.95
N THR B 182 -4.69 -43.67 28.10
CA THR B 182 -4.30 -43.88 26.69
C THR B 182 -4.48 -42.74 25.67
N MET B 183 -3.54 -42.70 24.70
CA MET B 183 -3.57 -41.81 23.54
C MET B 183 -4.67 -42.20 22.57
N TYR B 184 -5.56 -41.26 22.26
CA TYR B 184 -6.56 -41.48 21.23
C TYR B 184 -5.86 -41.70 19.89
N GLU B 185 -6.60 -42.23 18.93
CA GLU B 185 -6.02 -42.52 17.63
C GLU B 185 -6.77 -41.73 16.57
N GLN B 186 -8.06 -41.53 16.84
CA GLN B 186 -8.91 -40.71 15.99
C GLN B 186 -10.11 -40.19 16.78
N LEU B 187 -10.54 -38.99 16.47
CA LEU B 187 -11.69 -38.37 17.12
C LEU B 187 -12.52 -37.64 16.09
N THR B 188 -13.65 -37.11 16.52
CA THR B 188 -14.45 -36.24 15.67
C THR B 188 -14.56 -34.89 16.35
N TYR B 189 -14.88 -33.86 15.57
CA TYR B 189 -15.01 -32.54 16.13
C TYR B 189 -16.00 -32.59 17.29
N SER B 190 -17.13 -33.24 17.05
CA SER B 190 -18.15 -33.41 18.09
C SER B 190 -17.61 -34.17 19.28
N GLU B 191 -16.86 -35.24 19.02
CA GLU B 191 -16.32 -36.09 20.06
C GLU B 191 -15.34 -35.33 20.95
N VAL B 192 -14.65 -34.33 20.37
CA VAL B 192 -13.64 -33.58 21.09
C VAL B 192 -14.26 -32.54 22.01
N LEU B 193 -15.31 -31.88 21.53
CA LEU B 193 -16.04 -30.91 22.32
C LEU B 193 -16.76 -31.61 23.45
N GLU B 194 -17.41 -32.72 23.11
CA GLU B 194 -18.17 -33.52 24.06
C GLU B 194 -17.29 -34.02 25.21
N LYS B 195 -16.18 -34.65 24.87
CA LYS B 195 -15.26 -35.17 25.87
C LYS B 195 -14.37 -34.08 26.46
N GLU B 196 -14.68 -32.83 26.11
CA GLU B 196 -13.93 -31.66 26.59
C GLU B 196 -12.42 -31.89 26.55
N LEU B 197 -11.90 -32.16 25.36
CA LEU B 197 -10.47 -32.38 25.19
C LEU B 197 -9.77 -31.13 24.68
N LYS B 198 -8.55 -30.91 25.14
CA LYS B 198 -7.78 -29.74 24.74
C LYS B 198 -6.95 -30.04 23.48
N VAL B 199 -7.55 -29.80 22.31
CA VAL B 199 -6.83 -29.96 21.06
C VAL B 199 -6.24 -28.61 20.64
N MET B 200 -7.11 -27.61 20.59
CA MET B 200 -6.67 -26.25 20.28
C MET B 200 -7.73 -25.23 20.67
N ASP B 201 -7.33 -23.96 20.68
CA ASP B 201 -8.25 -22.87 20.93
C ASP B 201 -9.60 -23.17 20.30
N LEU B 202 -10.66 -22.92 21.07
CA LEU B 202 -12.02 -23.19 20.62
C LEU B 202 -12.46 -22.50 19.32
N ALA B 203 -12.06 -21.24 19.14
CA ALA B 203 -12.40 -20.51 17.94
C ALA B 203 -11.73 -21.13 16.72
N ALA B 204 -10.45 -21.49 16.89
CA ALA B 204 -9.69 -22.16 15.82
C ALA B 204 -10.33 -23.50 15.48
N PHE B 205 -10.66 -24.27 16.51
CA PHE B 205 -11.27 -25.58 16.35
C PHE B 205 -12.59 -25.50 15.57
N THR B 206 -13.42 -24.52 15.93
CA THR B 206 -14.70 -24.31 15.25
C THR B 206 -14.51 -24.08 13.76
N LEU B 207 -13.47 -23.33 13.41
CA LEU B 207 -13.16 -23.02 12.03
C LEU B 207 -12.86 -24.29 11.24
N ALA B 208 -12.04 -25.16 11.83
CA ALA B 208 -11.67 -26.43 11.22
C ALA B 208 -12.88 -27.35 11.09
N ARG B 209 -13.65 -27.44 12.15
CA ARG B 209 -14.87 -28.23 12.17
C ARG B 209 -15.83 -27.80 11.06
N ASP B 210 -16.17 -26.53 11.03
CA ASP B 210 -17.17 -26.03 10.09
C ASP B 210 -16.72 -26.18 8.65
N HIS B 211 -15.44 -26.42 8.45
CA HIS B 211 -14.91 -26.55 7.09
C HIS B 211 -14.32 -27.94 6.86
N LYS B 212 -14.60 -28.84 7.79
CA LYS B 212 -14.24 -30.24 7.65
C LYS B 212 -12.76 -30.37 7.30
N LEU B 213 -11.94 -29.57 7.99
CA LEU B 213 -10.50 -29.61 7.83
C LEU B 213 -9.87 -30.53 8.88
N PRO B 214 -9.37 -31.69 8.43
CA PRO B 214 -8.76 -32.68 9.33
C PRO B 214 -7.59 -32.09 10.11
N ILE B 215 -7.50 -32.42 11.39
CA ILE B 215 -6.39 -31.97 12.21
C ILE B 215 -5.63 -33.16 12.76
N ARG B 216 -4.31 -33.17 12.58
CA ARG B 216 -3.47 -34.20 13.17
C ARG B 216 -2.55 -33.59 14.20
N VAL B 217 -2.76 -33.94 15.46
CA VAL B 217 -1.86 -33.51 16.53
C VAL B 217 -0.78 -34.56 16.70
N PHE B 218 0.47 -34.15 16.65
CA PHE B 218 1.57 -35.11 16.76
C PHE B 218 2.74 -34.52 17.50
N ASN B 219 3.83 -35.28 17.61
CA ASN B 219 5.00 -34.86 18.36
C ASN B 219 6.19 -34.55 17.48
N MET B 220 6.50 -33.27 17.34
CA MET B 220 7.63 -32.81 16.53
C MET B 220 8.98 -33.31 17.06
N ASN B 221 9.02 -33.65 18.34
CA ASN B 221 10.25 -34.10 18.98
C ASN B 221 10.53 -35.57 18.72
N LYS B 222 9.46 -36.34 18.52
CA LYS B 222 9.58 -37.75 18.18
C LYS B 222 10.15 -37.89 16.77
N PRO B 223 11.41 -38.34 16.66
CA PRO B 223 12.12 -38.38 15.37
C PRO B 223 11.31 -39.09 14.30
N GLY B 224 11.27 -38.50 13.11
CA GLY B 224 10.58 -39.09 11.97
C GLY B 224 9.08 -39.17 12.14
N ALA B 225 8.57 -38.61 13.23
CA ALA B 225 7.12 -38.59 13.47
C ALA B 225 6.40 -37.85 12.36
N LEU B 226 6.99 -36.74 11.91
CA LEU B 226 6.42 -35.96 10.81
C LEU B 226 6.33 -36.80 9.55
N ARG B 227 7.43 -37.45 9.20
CA ARG B 227 7.46 -38.30 8.02
C ARG B 227 6.35 -39.34 8.07
N ARG B 228 6.13 -39.91 9.26
CA ARG B 228 5.12 -40.94 9.45
C ARG B 228 3.70 -40.40 9.32
N VAL B 229 3.42 -39.29 9.98
CA VAL B 229 2.10 -38.66 9.91
C VAL B 229 1.64 -38.49 8.47
N VAL B 230 2.58 -38.14 7.61
CA VAL B 230 2.35 -37.98 6.19
C VAL B 230 2.12 -39.30 5.45
N MET B 231 2.92 -40.32 5.80
CA MET B 231 2.80 -41.64 5.18
C MET B 231 1.41 -42.23 5.39
N GLY B 232 0.67 -41.67 6.34
CA GLY B 232 -0.65 -42.18 6.67
C GLY B 232 -0.58 -43.05 7.90
N GLU B 233 0.64 -43.51 8.22
CA GLU B 233 0.88 -44.35 9.39
C GLU B 233 0.31 -43.74 10.66
N LYS B 234 0.11 -44.56 11.68
CA LYS B 234 -0.49 -44.09 12.91
C LYS B 234 0.51 -43.36 13.81
N GLU B 235 0.38 -42.04 13.82
CA GLU B 235 1.16 -41.17 14.69
C GLU B 235 0.22 -40.14 15.25
N GLY B 236 0.35 -39.88 16.56
CA GLY B 236 -0.53 -38.93 17.22
C GLY B 236 -1.98 -39.15 16.86
N THR B 237 -2.80 -38.14 17.15
CA THR B 237 -4.24 -38.23 16.95
C THR B 237 -4.67 -37.57 15.65
N LEU B 238 -5.71 -38.12 15.03
CA LEU B 238 -6.33 -37.49 13.87
C LEU B 238 -7.72 -37.04 14.29
N ILE B 239 -8.21 -35.97 13.67
CA ILE B 239 -9.52 -35.41 14.02
C ILE B 239 -10.30 -35.04 12.77
N THR B 240 -11.38 -35.78 12.49
CA THR B 240 -12.14 -35.60 11.25
C THR B 240 -13.62 -35.80 11.46
N GLU B 241 -14.38 -35.65 10.37
CA GLU B 241 -15.83 -35.89 10.35
C GLU B 241 -16.48 -35.21 9.15
N ALA C 5 -32.35 10.85 30.00
CA ALA C 5 -31.71 10.12 31.08
C ALA C 5 -30.19 10.16 30.96
N LYS C 6 -29.53 9.21 31.61
CA LYS C 6 -28.08 9.07 31.49
C LYS C 6 -27.73 7.69 30.93
N PRO C 7 -27.01 7.68 29.79
CA PRO C 7 -26.59 6.45 29.12
C PRO C 7 -25.61 5.67 29.99
N VAL C 8 -25.87 4.38 30.17
CA VAL C 8 -25.00 3.53 30.98
C VAL C 8 -23.77 3.06 30.20
N TYR C 9 -23.62 3.58 28.98
CA TYR C 9 -22.51 3.22 28.10
C TYR C 9 -21.88 4.48 27.50
N LYS C 10 -20.56 4.64 27.64
CA LYS C 10 -19.88 5.77 27.01
C LYS C 10 -19.41 5.46 25.59
N ARG C 11 -19.16 4.17 25.32
CA ARG C 11 -18.70 3.72 24.01
C ARG C 11 -19.30 2.37 23.66
N ILE C 12 -20.02 2.31 22.55
CA ILE C 12 -20.66 1.07 22.14
C ILE C 12 -20.20 0.67 20.75
N LEU C 13 -20.31 -0.61 20.44
CA LEU C 13 -20.14 -1.06 19.07
C LEU C 13 -21.45 -1.64 18.57
N LEU C 14 -22.12 -0.87 17.71
CA LEU C 14 -23.39 -1.27 17.14
C LEU C 14 -23.17 -2.15 15.91
N LYS C 15 -23.68 -3.38 15.95
CA LYS C 15 -23.50 -4.32 14.84
C LYS C 15 -24.80 -4.47 14.07
N LEU C 16 -24.79 -4.05 12.82
CA LEU C 16 -25.96 -4.17 11.97
C LEU C 16 -25.81 -5.31 10.98
N SER C 17 -26.93 -5.93 10.63
CA SER C 17 -26.92 -6.89 9.55
C SER C 17 -27.07 -6.08 8.26
N GLY C 18 -26.43 -6.52 7.20
CA GLY C 18 -26.58 -5.84 5.92
C GLY C 18 -28.03 -5.65 5.57
N GLU C 19 -28.84 -6.68 5.81
CA GLU C 19 -30.27 -6.65 5.49
C GLU C 19 -30.99 -5.48 6.17
N ALA C 20 -30.43 -5.03 7.29
CA ALA C 20 -30.99 -3.91 8.04
C ALA C 20 -31.23 -2.70 7.15
N LEU C 21 -30.55 -2.62 6.02
CA LEU C 21 -30.66 -1.48 5.13
C LEU C 21 -31.53 -1.78 3.91
N GLN C 22 -32.02 -3.02 3.82
CA GLN C 22 -32.86 -3.44 2.71
C GLN C 22 -34.16 -2.66 2.65
N GLY C 23 -34.66 -2.44 1.44
CA GLY C 23 -35.98 -1.87 1.26
C GLY C 23 -37.05 -2.95 1.23
N THR C 24 -38.15 -2.67 0.53
CA THR C 24 -39.22 -3.65 0.40
C THR C 24 -38.80 -4.78 -0.53
N GLU C 25 -38.04 -4.43 -1.56
CA GLU C 25 -37.64 -5.40 -2.58
C GLU C 25 -36.75 -6.51 -2.04
N GLY C 26 -36.38 -6.39 -0.76
CA GLY C 26 -35.58 -7.41 -0.10
C GLY C 26 -34.13 -7.45 -0.53
N PHE C 27 -33.63 -6.33 -1.04
CA PHE C 27 -32.24 -6.22 -1.46
C PHE C 27 -31.84 -4.77 -1.59
N GLY C 28 -30.54 -4.52 -1.70
CA GLY C 28 -30.02 -3.18 -1.93
C GLY C 28 -30.09 -2.29 -0.71
N ILE C 29 -30.09 -1.00 -0.96
CA ILE C 29 -30.11 -0.02 0.12
C ILE C 29 -31.28 0.94 -0.10
N ASP C 30 -32.19 0.97 0.86
CA ASP C 30 -33.33 1.87 0.79
C ASP C 30 -33.01 3.20 1.48
N ALA C 31 -33.02 4.28 0.70
CA ALA C 31 -32.58 5.58 1.19
C ALA C 31 -33.25 5.98 2.50
N SER C 32 -34.56 5.79 2.59
CA SER C 32 -35.32 6.22 3.76
C SER C 32 -35.07 5.35 5.00
N ILE C 33 -35.00 4.04 4.79
CA ILE C 33 -34.69 3.11 5.88
C ILE C 33 -33.25 3.35 6.38
N LEU C 34 -32.43 3.96 5.53
CA LEU C 34 -31.04 4.24 5.86
C LEU C 34 -30.91 5.55 6.62
N ASP C 35 -31.59 6.58 6.12
CA ASP C 35 -31.61 7.89 6.76
C ASP C 35 -32.28 7.79 8.13
N ARG C 36 -33.19 6.84 8.28
CA ARG C 36 -33.80 6.64 9.56
C ARG C 36 -32.74 6.16 10.49
N MET C 37 -31.98 5.20 10.02
CA MET C 37 -30.95 4.60 10.85
C MET C 37 -29.86 5.61 11.20
N ALA C 38 -29.60 6.54 10.27
CA ALA C 38 -28.66 7.60 10.52
C ALA C 38 -29.13 8.46 11.66
N GLN C 39 -30.45 8.71 11.69
CA GLN C 39 -31.05 9.52 12.75
C GLN C 39 -30.98 8.84 14.10
N GLU C 40 -31.25 7.54 14.14
CA GLU C 40 -31.13 6.78 15.39
C GLU C 40 -29.73 6.91 15.97
N ILE C 41 -28.73 6.88 15.08
CA ILE C 41 -27.35 7.02 15.50
C ILE C 41 -27.04 8.45 15.91
N LYS C 42 -27.66 9.41 15.23
CA LYS C 42 -27.47 10.81 15.58
C LYS C 42 -27.89 11.04 17.03
N GLU C 43 -28.93 10.35 17.45
CA GLU C 43 -29.39 10.43 18.84
C GLU C 43 -28.29 9.97 19.80
N LEU C 44 -27.85 8.73 19.64
CA LEU C 44 -26.77 8.20 20.49
C LEU C 44 -25.57 9.16 20.55
N VAL C 45 -25.24 9.78 19.43
CA VAL C 45 -24.13 10.71 19.39
C VAL C 45 -24.43 11.92 20.26
N GLU C 46 -25.64 12.44 20.13
CA GLU C 46 -26.06 13.63 20.87
C GLU C 46 -26.15 13.36 22.37
N LEU C 47 -26.39 12.11 22.74
CA LEU C 47 -26.39 11.71 24.15
C LEU C 47 -24.99 11.59 24.68
N GLY C 48 -24.01 11.93 23.85
CA GLY C 48 -22.61 11.85 24.24
C GLY C 48 -22.00 10.46 24.18
N ILE C 49 -22.65 9.55 23.46
CA ILE C 49 -22.11 8.21 23.30
C ILE C 49 -21.17 8.13 22.11
N GLN C 50 -20.04 7.46 22.30
CA GLN C 50 -19.10 7.19 21.21
C GLN C 50 -19.53 5.92 20.48
N VAL C 51 -19.80 6.05 19.17
CA VAL C 51 -20.44 4.98 18.41
C VAL C 51 -19.57 4.39 17.31
N GLY C 52 -19.21 3.12 17.45
CA GLY C 52 -18.62 2.37 16.37
C GLY C 52 -19.67 1.50 15.73
N VAL C 53 -19.76 1.52 14.40
CA VAL C 53 -20.72 0.68 13.70
C VAL C 53 -20.05 -0.36 12.83
N VAL C 54 -20.54 -1.59 12.87
CA VAL C 54 -20.04 -2.66 12.02
C VAL C 54 -21.21 -3.18 11.20
N ILE C 55 -21.13 -3.08 9.88
CA ILE C 55 -22.22 -3.52 9.01
C ILE C 55 -21.86 -4.75 8.22
N GLY C 56 -22.86 -5.58 7.92
CA GLY C 56 -22.66 -6.76 7.11
C GLY C 56 -22.98 -6.42 5.66
N GLY C 57 -23.01 -7.43 4.79
CA GLY C 57 -23.20 -7.19 3.38
C GLY C 57 -24.28 -8.02 2.74
N GLY C 58 -25.14 -8.60 3.57
CA GLY C 58 -26.19 -9.51 3.09
C GLY C 58 -27.19 -8.90 2.12
N ASN C 59 -27.41 -7.60 2.25
CA ASN C 59 -28.38 -6.91 1.39
C ASN C 59 -27.84 -6.69 -0.01
N LEU C 60 -26.52 -6.76 -0.15
CA LEU C 60 -25.88 -6.46 -1.43
C LEU C 60 -25.27 -7.70 -2.05
N PHE C 61 -24.98 -8.70 -1.22
CA PHE C 61 -24.48 -9.96 -1.73
C PHE C 61 -25.09 -11.17 -1.02
N ARG C 62 -25.87 -11.94 -1.77
CA ARG C 62 -26.42 -13.18 -1.27
C ARG C 62 -25.43 -14.29 -1.57
N GLY C 63 -25.35 -14.66 -2.84
CA GLY C 63 -24.35 -15.60 -3.30
C GLY C 63 -24.53 -17.01 -2.76
N ALA C 64 -25.74 -17.33 -2.34
CA ALA C 64 -26.03 -18.69 -1.97
C ALA C 64 -26.16 -19.48 -3.27
N GLY C 65 -26.69 -18.82 -4.30
CA GLY C 65 -26.81 -19.40 -5.62
C GLY C 65 -25.47 -19.65 -6.28
N LEU C 66 -24.54 -18.72 -6.11
CA LEU C 66 -23.20 -18.86 -6.66
C LEU C 66 -22.41 -19.93 -5.92
N ALA C 67 -22.65 -20.06 -4.61
CA ALA C 67 -22.02 -21.11 -3.84
C ALA C 67 -22.54 -22.45 -4.36
N LYS C 68 -23.85 -22.52 -4.60
CA LYS C 68 -24.49 -23.70 -5.15
C LYS C 68 -23.85 -24.09 -6.49
N ALA C 69 -23.53 -23.10 -7.31
CA ALA C 69 -22.92 -23.34 -8.62
C ALA C 69 -21.45 -23.72 -8.49
N GLY C 70 -20.92 -23.72 -7.27
CA GLY C 70 -19.56 -24.17 -7.04
C GLY C 70 -18.53 -23.09 -6.79
N MET C 71 -18.98 -21.85 -6.59
CA MET C 71 -18.06 -20.74 -6.37
C MET C 71 -17.20 -20.99 -5.15
N ASN C 72 -15.91 -20.66 -5.28
CA ASN C 72 -14.97 -20.84 -4.19
C ASN C 72 -15.40 -20.06 -2.94
N ARG C 73 -15.34 -20.72 -1.80
CA ARG C 73 -15.80 -20.10 -0.56
C ARG C 73 -15.09 -18.78 -0.26
N VAL C 74 -13.78 -18.75 -0.44
CA VAL C 74 -12.99 -17.56 -0.19
C VAL C 74 -13.47 -16.39 -1.07
N VAL C 75 -13.53 -16.63 -2.37
CA VAL C 75 -13.99 -15.62 -3.30
C VAL C 75 -15.35 -15.09 -2.89
N GLY C 76 -16.21 -16.01 -2.44
CA GLY C 76 -17.55 -15.64 -1.99
C GLY C 76 -17.50 -14.65 -0.84
N ASP C 77 -16.74 -14.99 0.19
CA ASP C 77 -16.59 -14.10 1.32
C ASP C 77 -15.90 -12.78 0.98
N HIS C 78 -14.99 -12.80 0.01
CA HIS C 78 -14.36 -11.55 -0.43
C HIS C 78 -15.41 -10.64 -1.05
N MET C 79 -16.37 -11.23 -1.75
CA MET C 79 -17.42 -10.43 -2.38
C MET C 79 -18.26 -9.80 -1.30
N GLY C 80 -18.57 -10.58 -0.27
CA GLY C 80 -19.35 -10.10 0.85
C GLY C 80 -18.59 -9.01 1.57
N MET C 81 -17.29 -9.20 1.70
CA MET C 81 -16.42 -8.24 2.38
C MET C 81 -16.52 -6.89 1.67
N LEU C 82 -16.42 -6.90 0.34
CA LEU C 82 -16.58 -5.67 -0.43
C LEU C 82 -17.97 -5.11 -0.23
N ALA C 83 -18.96 -6.00 -0.17
CA ALA C 83 -20.35 -5.60 0.04
C ALA C 83 -20.49 -4.74 1.30
N THR C 84 -19.87 -5.19 2.39
CA THR C 84 -19.91 -4.47 3.64
C THR C 84 -19.34 -3.06 3.51
N VAL C 85 -18.39 -2.87 2.61
CA VAL C 85 -17.78 -1.57 2.44
C VAL C 85 -18.72 -0.64 1.70
N MET C 86 -19.54 -1.20 0.81
CA MET C 86 -20.53 -0.39 0.12
C MET C 86 -21.56 0.11 1.11
N ASN C 87 -22.00 -0.77 1.99
CA ASN C 87 -22.92 -0.39 3.06
C ASN C 87 -22.32 0.66 3.97
N GLY C 88 -21.10 0.43 4.44
CA GLY C 88 -20.38 1.41 5.24
C GLY C 88 -20.27 2.76 4.54
N LEU C 89 -19.95 2.71 3.25
CA LEU C 89 -19.80 3.89 2.42
C LEU C 89 -21.11 4.67 2.44
N ALA C 90 -22.22 3.97 2.23
CA ALA C 90 -23.55 4.57 2.21
C ALA C 90 -23.92 5.15 3.57
N MET C 91 -23.55 4.44 4.64
CA MET C 91 -23.88 4.87 5.98
C MET C 91 -23.10 6.10 6.37
N ARG C 92 -21.81 6.13 6.06
CA ARG C 92 -21.02 7.33 6.34
C ARG C 92 -21.62 8.54 5.66
N ASP C 93 -22.06 8.36 4.42
CA ASP C 93 -22.67 9.45 3.69
C ASP C 93 -23.97 9.88 4.36
N ALA C 94 -24.84 8.92 4.64
CA ALA C 94 -26.11 9.20 5.30
C ALA C 94 -25.92 10.01 6.59
N LEU C 95 -24.87 9.70 7.34
CA LEU C 95 -24.60 10.42 8.58
C LEU C 95 -24.16 11.86 8.33
N HIS C 96 -23.35 12.08 7.28
CA HIS C 96 -22.89 13.43 7.00
C HIS C 96 -24.06 14.29 6.56
N ARG C 97 -25.05 13.66 5.93
CA ARG C 97 -26.24 14.37 5.50
C ARG C 97 -27.16 14.64 6.70
N ALA C 98 -26.92 13.93 7.79
CA ALA C 98 -27.63 14.17 9.04
C ALA C 98 -26.76 15.02 9.96
N TYR C 99 -25.76 15.68 9.38
CA TYR C 99 -24.87 16.55 10.14
C TYR C 99 -24.22 15.85 11.34
N VAL C 100 -23.84 14.60 11.12
CA VAL C 100 -23.10 13.82 12.11
C VAL C 100 -21.71 13.53 11.55
N ASN C 101 -20.68 13.86 12.32
CA ASN C 101 -19.31 13.59 11.88
C ASN C 101 -19.05 12.09 11.87
N ALA C 102 -18.61 11.57 10.74
CA ALA C 102 -18.41 10.13 10.61
C ALA C 102 -17.26 9.74 9.68
N ARG C 103 -16.48 8.74 10.12
CA ARG C 103 -15.41 8.19 9.31
C ARG C 103 -15.67 6.73 8.94
N LEU C 104 -15.27 6.36 7.72
CA LEU C 104 -15.33 4.96 7.30
C LEU C 104 -13.93 4.36 7.33
N MET C 105 -13.78 3.23 8.00
CA MET C 105 -12.52 2.51 8.00
C MET C 105 -12.73 1.12 7.41
N SER C 106 -11.70 0.57 6.79
CA SER C 106 -11.82 -0.72 6.13
C SER C 106 -10.69 -1.62 6.57
N ALA C 107 -10.99 -2.89 6.80
CA ALA C 107 -9.96 -3.86 7.17
C ALA C 107 -9.00 -4.07 6.00
N ILE C 108 -9.54 -3.87 4.80
CA ILE C 108 -8.76 -3.93 3.58
C ILE C 108 -8.58 -2.52 3.08
N PRO C 109 -7.33 -2.00 3.15
CA PRO C 109 -7.09 -0.63 2.70
C PRO C 109 -7.68 -0.35 1.32
N LEU C 110 -8.36 0.78 1.19
CA LEU C 110 -8.95 1.16 -0.09
C LEU C 110 -8.52 2.58 -0.42
N ASN C 111 -7.38 2.70 -1.10
CA ASN C 111 -6.77 4.00 -1.35
C ASN C 111 -7.76 4.99 -1.96
N GLY C 112 -7.96 6.11 -1.30
CA GLY C 112 -8.76 7.20 -1.84
C GLY C 112 -10.25 7.07 -1.60
N VAL C 113 -10.67 5.92 -1.09
CA VAL C 113 -12.08 5.63 -0.85
C VAL C 113 -12.46 5.84 0.63
N CYS C 114 -11.59 5.40 1.52
CA CYS C 114 -11.77 5.51 2.95
C CYS C 114 -10.46 5.10 3.62
N ASP C 115 -10.24 5.46 4.88
CA ASP C 115 -8.97 5.13 5.47
C ASP C 115 -8.92 3.70 5.97
N SER C 116 -7.71 3.19 6.12
CA SER C 116 -7.49 1.84 6.56
C SER C 116 -7.79 1.76 8.04
N TYR C 117 -8.26 0.60 8.48
CA TYR C 117 -8.56 0.41 9.88
C TYR C 117 -7.28 0.49 10.70
N SER C 118 -7.39 1.12 11.86
CA SER C 118 -6.35 1.11 12.87
C SER C 118 -7.10 1.20 14.18
N TRP C 119 -6.85 0.25 15.07
CA TRP C 119 -7.56 0.26 16.34
C TRP C 119 -7.37 1.61 17.03
N ALA C 120 -6.13 2.08 17.03
CA ALA C 120 -5.78 3.36 17.63
C ALA C 120 -6.49 4.53 16.98
N GLU C 121 -6.42 4.63 15.66
CA GLU C 121 -7.06 5.74 14.98
C GLU C 121 -8.57 5.71 15.19
N ALA C 122 -9.15 4.52 15.33
CA ALA C 122 -10.57 4.38 15.61
C ALA C 122 -10.92 5.01 16.95
N ILE C 123 -10.13 4.71 17.98
CA ILE C 123 -10.38 5.24 19.30
C ILE C 123 -10.27 6.76 19.27
N SER C 124 -9.21 7.26 18.65
CA SER C 124 -8.99 8.68 18.52
C SER C 124 -10.21 9.35 17.88
N LEU C 125 -10.73 8.76 16.81
CA LEU C 125 -11.88 9.32 16.13
C LEU C 125 -13.15 9.29 16.99
N LEU C 126 -13.37 8.19 17.73
CA LEU C 126 -14.54 8.07 18.61
C LEU C 126 -14.47 9.11 19.74
N ARG C 127 -13.27 9.34 20.25
CA ARG C 127 -13.06 10.36 21.28
C ARG C 127 -13.29 11.78 20.78
N ASN C 128 -13.33 11.94 19.47
CA ASN C 128 -13.63 13.23 18.86
C ASN C 128 -15.02 13.27 18.25
N ASN C 129 -15.97 12.61 18.91
CA ASN C 129 -17.37 12.65 18.51
C ASN C 129 -17.58 12.29 17.04
N ARG C 130 -16.68 11.45 16.53
CA ARG C 130 -16.86 10.86 15.22
C ARG C 130 -17.55 9.52 15.38
N VAL C 131 -18.55 9.26 14.55
CA VAL C 131 -19.05 7.90 14.43
C VAL C 131 -18.05 7.19 13.55
N VAL C 132 -17.54 6.06 14.02
CA VAL C 132 -16.61 5.27 13.24
C VAL C 132 -17.26 4.02 12.67
N ILE C 133 -17.42 3.99 11.35
CA ILE C 133 -17.95 2.81 10.68
C ILE C 133 -16.82 1.86 10.27
N LEU C 134 -16.94 0.59 10.63
CA LEU C 134 -15.88 -0.38 10.44
C LEU C 134 -16.29 -1.41 9.39
N SER C 135 -15.61 -1.40 8.25
CA SER C 135 -16.00 -2.20 7.10
C SER C 135 -15.06 -3.33 6.79
N ALA C 136 -15.51 -4.20 5.88
CA ALA C 136 -14.73 -5.34 5.40
C ALA C 136 -14.41 -6.31 6.53
N GLY C 137 -15.29 -6.35 7.53
CA GLY C 137 -15.19 -7.31 8.61
C GLY C 137 -13.81 -7.41 9.24
N THR C 138 -13.30 -8.63 9.38
CA THR C 138 -12.01 -8.85 10.00
C THR C 138 -10.88 -8.76 8.97
N GLY C 139 -11.24 -8.67 7.70
CA GLY C 139 -10.26 -8.65 6.63
C GLY C 139 -10.06 -10.05 6.08
N ASN C 140 -10.54 -11.05 6.82
CA ASN C 140 -10.44 -12.45 6.43
C ASN C 140 -11.78 -13.05 6.03
N PRO C 141 -11.74 -14.13 5.24
CA PRO C 141 -12.92 -14.92 4.90
C PRO C 141 -13.22 -15.87 6.05
N PHE C 142 -14.43 -16.43 6.09
CA PHE C 142 -14.78 -17.45 7.08
C PHE C 142 -14.95 -16.87 8.47
N PHE C 143 -15.16 -15.56 8.52
CA PHE C 143 -15.48 -14.90 9.76
C PHE C 143 -16.75 -14.10 9.57
N THR C 144 -17.70 -14.32 10.47
CA THR C 144 -19.00 -13.67 10.37
C THR C 144 -18.89 -12.18 10.69
N THR C 145 -19.92 -11.41 10.36
CA THR C 145 -19.97 -10.01 10.75
C THR C 145 -20.01 -9.90 12.26
N ASP C 146 -20.59 -10.89 12.94
CA ASP C 146 -20.58 -10.95 14.39
C ASP C 146 -19.15 -11.01 14.91
N SER C 147 -18.34 -11.90 14.34
CA SER C 147 -16.94 -11.99 14.73
C SER C 147 -16.24 -10.64 14.59
N ALA C 148 -16.57 -9.92 13.53
CA ALA C 148 -15.93 -8.65 13.27
C ALA C 148 -16.35 -7.63 14.31
N ALA C 149 -17.64 -7.66 14.65
CA ALA C 149 -18.21 -6.76 15.65
C ALA C 149 -17.54 -6.95 17.02
N CYS C 150 -17.38 -8.19 17.44
CA CYS C 150 -16.71 -8.47 18.70
C CYS C 150 -15.25 -8.08 18.65
N LEU C 151 -14.54 -8.51 17.60
CA LEU C 151 -13.13 -8.18 17.45
C LEU C 151 -12.92 -6.66 17.50
N ARG C 152 -13.64 -5.93 16.64
CA ARG C 152 -13.60 -4.48 16.67
C ARG C 152 -13.99 -3.95 18.05
N GLY C 153 -15.11 -4.42 18.58
CA GLY C 153 -15.56 -4.04 19.90
C GLY C 153 -14.47 -4.13 20.95
N ILE C 154 -13.74 -5.23 20.98
CA ILE C 154 -12.66 -5.42 21.94
C ILE C 154 -11.50 -4.46 21.65
N GLU C 155 -11.20 -4.27 20.38
CA GLU C 155 -10.06 -3.44 19.99
C GLU C 155 -10.27 -1.98 20.36
N ILE C 156 -11.45 -1.44 20.02
CA ILE C 156 -11.76 -0.06 20.33
C ILE C 156 -12.19 0.13 21.79
N GLU C 157 -12.16 -0.96 22.55
CA GLU C 157 -12.46 -0.93 23.97
C GLU C 157 -13.89 -0.44 24.22
N ALA C 158 -14.83 -0.99 23.48
CA ALA C 158 -16.23 -0.66 23.66
C ALA C 158 -16.73 -1.30 24.95
N ASN C 159 -17.75 -0.70 25.53
CA ASN C 159 -18.35 -1.20 26.76
C ASN C 159 -19.31 -2.34 26.44
N VAL C 160 -19.85 -2.33 25.23
CA VAL C 160 -20.83 -3.31 24.85
C VAL C 160 -20.93 -3.44 23.34
N VAL C 161 -21.33 -4.60 22.87
CA VAL C 161 -21.68 -4.80 21.48
C VAL C 161 -23.19 -4.91 21.39
N LEU C 162 -23.81 -4.06 20.59
CA LEU C 162 -25.25 -4.10 20.40
C LEU C 162 -25.60 -4.81 19.09
N LYS C 163 -25.93 -6.09 19.20
CA LYS C 163 -26.35 -6.85 18.04
C LYS C 163 -27.81 -6.52 17.68
N ALA C 164 -27.99 -5.64 16.70
CA ALA C 164 -29.31 -5.28 16.22
C ALA C 164 -29.87 -6.37 15.32
N THR C 165 -30.95 -6.99 15.77
CA THR C 165 -31.57 -8.09 15.02
C THR C 165 -33.07 -7.87 14.78
N LYS C 166 -33.71 -8.82 14.10
CA LYS C 166 -35.13 -8.72 13.78
C LYS C 166 -36.00 -9.22 14.93
N VAL C 167 -35.39 -9.91 15.87
CA VAL C 167 -36.07 -10.47 17.04
C VAL C 167 -35.82 -9.59 18.27
N ASP C 168 -36.70 -9.67 19.26
CA ASP C 168 -36.60 -8.80 20.43
C ASP C 168 -35.80 -9.42 21.58
N GLY C 169 -34.63 -9.96 21.26
CA GLY C 169 -33.78 -10.57 22.28
C GLY C 169 -33.61 -12.07 22.09
N VAL C 170 -33.11 -12.75 23.13
CA VAL C 170 -32.98 -14.21 23.10
C VAL C 170 -34.17 -14.90 23.77
N PHE C 171 -34.79 -15.83 23.07
CA PHE C 171 -35.97 -16.52 23.61
C PHE C 171 -35.71 -17.97 24.01
N THR C 172 -36.37 -18.40 25.09
CA THR C 172 -36.34 -19.79 25.52
C THR C 172 -36.68 -20.67 24.31
N ALA C 173 -37.67 -20.25 23.53
CA ALA C 173 -37.97 -20.87 22.23
C ALA C 173 -38.06 -19.78 21.17
N ASP C 174 -38.58 -20.09 19.98
CA ASP C 174 -38.77 -19.04 18.98
C ASP C 174 -40.12 -18.37 19.12
N PRO C 175 -40.13 -17.02 19.16
CA PRO C 175 -41.33 -16.20 19.30
C PRO C 175 -42.22 -16.28 18.07
N ALA C 176 -41.62 -16.07 16.90
CA ALA C 176 -42.37 -15.97 15.65
C ALA C 176 -43.10 -17.25 15.23
N LYS C 177 -42.82 -18.36 15.92
CA LYS C 177 -43.41 -19.65 15.56
C LYS C 177 -43.98 -20.42 16.76
N ASP C 178 -43.55 -20.05 17.96
CA ASP C 178 -44.01 -20.73 19.17
C ASP C 178 -44.57 -19.73 20.19
N PRO C 179 -45.79 -19.99 20.68
CA PRO C 179 -46.42 -19.17 21.72
C PRO C 179 -45.95 -19.48 23.14
N THR C 180 -44.99 -20.40 23.29
CA THR C 180 -44.40 -20.68 24.60
C THR C 180 -43.05 -19.98 24.72
N ALA C 181 -42.58 -19.42 23.61
CA ALA C 181 -41.30 -18.75 23.57
C ALA C 181 -41.33 -17.47 24.40
N THR C 182 -40.52 -17.44 25.46
CA THR C 182 -40.42 -16.25 26.31
C THR C 182 -39.01 -15.65 26.24
N MET C 183 -38.88 -14.39 26.66
CA MET C 183 -37.64 -13.65 26.44
C MET C 183 -36.75 -13.57 27.68
N TYR C 184 -35.53 -14.06 27.56
CA TYR C 184 -34.54 -13.87 28.62
C TYR C 184 -34.29 -12.39 28.83
N GLU C 185 -33.68 -12.05 29.95
CA GLU C 185 -33.45 -10.65 30.28
C GLU C 185 -31.96 -10.46 30.46
N GLN C 186 -31.30 -11.52 30.93
CA GLN C 186 -29.86 -11.55 31.08
C GLN C 186 -29.36 -12.99 31.09
N LEU C 187 -28.18 -13.20 30.53
CA LEU C 187 -27.58 -14.53 30.53
C LEU C 187 -26.11 -14.39 30.79
N THR C 188 -25.43 -15.53 30.88
CA THR C 188 -23.97 -15.53 30.96
C THR C 188 -23.42 -16.32 29.77
N TYR C 189 -22.17 -16.09 29.42
CA TYR C 189 -21.58 -16.80 28.30
C TYR C 189 -21.74 -18.30 28.52
N SER C 190 -21.44 -18.75 29.73
CA SER C 190 -21.59 -20.15 30.10
C SER C 190 -23.06 -20.58 29.96
N GLU C 191 -23.96 -19.72 30.43
CA GLU C 191 -25.39 -20.04 30.45
C GLU C 191 -25.94 -20.19 29.04
N VAL C 192 -25.33 -19.48 28.09
CA VAL C 192 -25.78 -19.49 26.69
C VAL C 192 -25.33 -20.76 25.97
N LEU C 193 -24.08 -21.15 26.21
CA LEU C 193 -23.54 -22.38 25.64
C LEU C 193 -24.24 -23.59 26.22
N GLU C 194 -24.41 -23.56 27.54
CA GLU C 194 -25.06 -24.64 28.27
C GLU C 194 -26.49 -24.88 27.77
N LYS C 195 -27.29 -23.82 27.73
CA LYS C 195 -28.68 -23.92 27.29
C LYS C 195 -28.78 -23.97 25.76
N GLU C 196 -27.63 -24.08 25.11
CA GLU C 196 -27.54 -24.14 23.64
C GLU C 196 -28.43 -23.12 22.95
N LEU C 197 -28.21 -21.84 23.24
CA LEU C 197 -29.01 -20.77 22.66
C LEU C 197 -28.29 -20.12 21.49
N LYS C 198 -29.05 -19.72 20.48
CA LYS C 198 -28.48 -19.11 19.29
C LYS C 198 -28.39 -17.59 19.45
N VAL C 199 -27.27 -17.13 19.99
CA VAL C 199 -27.03 -15.70 20.12
C VAL C 199 -26.24 -15.20 18.91
N MET C 200 -25.12 -15.86 18.64
CA MET C 200 -24.32 -15.56 17.47
C MET C 200 -23.34 -16.69 17.17
N ASP C 201 -22.75 -16.64 15.98
CA ASP C 201 -21.72 -17.59 15.60
C ASP C 201 -20.87 -17.93 16.81
N LEU C 202 -20.52 -19.20 16.93
CA LEU C 202 -19.76 -19.69 18.08
C LEU C 202 -18.36 -19.10 18.21
N ALA C 203 -17.68 -18.91 17.09
CA ALA C 203 -16.35 -18.32 17.12
C ALA C 203 -16.40 -16.88 17.60
N ALA C 204 -17.38 -16.13 17.11
CA ALA C 204 -17.59 -14.75 17.53
C ALA C 204 -17.92 -14.69 19.02
N PHE C 205 -18.83 -15.56 19.45
CA PHE C 205 -19.23 -15.64 20.85
C PHE C 205 -18.06 -15.92 21.78
N THR C 206 -17.22 -16.88 21.41
CA THR C 206 -16.02 -17.20 22.18
C THR C 206 -15.13 -15.99 22.37
N LEU C 207 -15.03 -15.16 21.34
CA LEU C 207 -14.20 -13.97 21.36
C LEU C 207 -14.70 -13.00 22.42
N ALA C 208 -16.01 -12.78 22.43
CA ALA C 208 -16.67 -11.88 23.38
C ALA C 208 -16.56 -12.41 24.81
N ARG C 209 -16.80 -13.71 24.96
CA ARG C 209 -16.67 -14.38 26.25
C ARG C 209 -15.28 -14.22 26.84
N ASP C 210 -14.27 -14.59 26.06
CA ASP C 210 -12.89 -14.61 26.54
C ASP C 210 -12.38 -13.21 26.87
N HIS C 211 -13.09 -12.19 26.39
CA HIS C 211 -12.68 -10.82 26.65
C HIS C 211 -13.74 -10.06 27.45
N LYS C 212 -14.68 -10.81 28.00
CA LYS C 212 -15.69 -10.25 28.88
C LYS C 212 -16.36 -9.04 28.25
N LEU C 213 -16.66 -9.15 26.97
CA LEU C 213 -17.35 -8.10 26.23
C LEU C 213 -18.85 -8.35 26.22
N PRO C 214 -19.60 -7.54 26.98
CA PRO C 214 -21.05 -7.67 27.08
C PRO C 214 -21.73 -7.58 25.72
N ILE C 215 -22.72 -8.43 25.50
CA ILE C 215 -23.49 -8.42 24.27
C ILE C 215 -24.95 -8.17 24.57
N ARG C 216 -25.53 -7.19 23.90
CA ARG C 216 -26.95 -6.95 24.01
C ARG C 216 -27.66 -7.23 22.69
N VAL C 217 -28.47 -8.28 22.65
CA VAL C 217 -29.28 -8.56 21.48
C VAL C 217 -30.59 -7.81 21.62
N PHE C 218 -30.98 -7.07 20.59
CA PHE C 218 -32.23 -6.30 20.67
C PHE C 218 -32.90 -6.19 19.30
N ASN C 219 -34.01 -5.46 19.24
CA ASN C 219 -34.77 -5.37 18.02
C ASN C 219 -34.71 -3.99 17.39
N MET C 220 -33.98 -3.88 16.28
CA MET C 220 -33.81 -2.62 15.57
C MET C 220 -35.12 -2.09 15.01
N ASN C 221 -36.11 -2.97 14.85
CA ASN C 221 -37.39 -2.59 14.27
C ASN C 221 -38.33 -2.00 15.31
N LYS C 222 -38.15 -2.41 16.55
CA LYS C 222 -38.92 -1.86 17.67
C LYS C 222 -38.49 -0.41 17.89
N PRO C 223 -39.37 0.54 17.57
CA PRO C 223 -39.02 1.97 17.63
C PRO C 223 -38.43 2.39 18.98
N GLY C 224 -37.36 3.16 18.93
CA GLY C 224 -36.71 3.67 20.13
C GLY C 224 -36.06 2.61 20.98
N ALA C 225 -36.07 1.36 20.50
CA ALA C 225 -35.46 0.26 21.24
C ALA C 225 -33.98 0.52 21.45
N LEU C 226 -33.33 1.06 20.42
CA LEU C 226 -31.92 1.40 20.50
C LEU C 226 -31.67 2.44 21.60
N ARG C 227 -32.44 3.52 21.57
CA ARG C 227 -32.34 4.55 22.59
C ARG C 227 -32.45 3.95 23.99
N ARG C 228 -33.37 3.01 24.16
CA ARG C 228 -33.61 2.38 25.45
C ARG C 228 -32.44 1.49 25.90
N VAL C 229 -31.97 0.64 24.99
CA VAL C 229 -30.85 -0.25 25.29
C VAL C 229 -29.70 0.52 25.90
N VAL C 230 -29.50 1.73 25.39
CA VAL C 230 -28.43 2.61 25.84
C VAL C 230 -28.74 3.24 27.20
N MET C 231 -29.99 3.63 27.41
CA MET C 231 -30.41 4.22 28.68
C MET C 231 -30.18 3.26 29.84
N GLY C 232 -29.97 1.99 29.53
CA GLY C 232 -29.80 0.97 30.55
C GLY C 232 -31.09 0.23 30.78
N GLU C 233 -32.19 0.83 30.33
CA GLU C 233 -33.52 0.23 30.45
C GLU C 233 -33.55 -1.18 29.90
N LYS C 234 -34.56 -1.95 30.31
CA LYS C 234 -34.65 -3.34 29.90
C LYS C 234 -35.22 -3.49 28.49
N GLU C 235 -34.33 -3.77 27.54
CA GLU C 235 -34.68 -4.06 26.17
C GLU C 235 -33.85 -5.25 25.73
N GLY C 236 -34.48 -6.19 25.04
CA GLY C 236 -33.81 -7.40 24.59
C GLY C 236 -32.98 -8.03 25.70
N THR C 237 -32.09 -8.93 25.30
CA THR C 237 -31.28 -9.67 26.25
C THR C 237 -29.90 -9.07 26.42
N LEU C 238 -29.35 -9.17 27.63
CA LEU C 238 -27.97 -8.80 27.88
C LEU C 238 -27.18 -10.07 28.19
N ILE C 239 -25.90 -10.07 27.87
CA ILE C 239 -25.06 -11.26 28.07
C ILE C 239 -23.71 -10.86 28.63
N THR C 240 -23.45 -11.23 29.89
CA THR C 240 -22.25 -10.81 30.59
C THR C 240 -21.71 -11.88 31.53
N GLU C 241 -20.61 -11.56 32.21
CA GLU C 241 -20.00 -12.44 33.19
C GLU C 241 -18.54 -12.05 33.45
N ALA D 5 15.62 24.10 35.52
CA ALA D 5 16.41 24.97 34.66
C ALA D 5 15.74 25.19 33.32
N LYS D 6 16.52 25.61 32.33
CA LYS D 6 16.03 25.77 30.97
C LYS D 6 16.81 24.86 30.02
N PRO D 7 16.09 23.97 29.32
CA PRO D 7 16.68 23.02 28.38
C PRO D 7 17.28 23.77 27.19
N VAL D 8 18.53 23.46 26.85
CA VAL D 8 19.21 24.11 25.73
C VAL D 8 18.81 23.48 24.37
N TYR D 9 17.83 22.57 24.41
CA TYR D 9 17.36 21.87 23.22
C TYR D 9 15.84 21.86 23.18
N LYS D 10 15.25 22.33 22.08
CA LYS D 10 13.78 22.30 21.96
C LYS D 10 13.30 21.00 21.32
N ARG D 11 14.16 20.36 20.54
CA ARG D 11 13.81 19.11 19.87
C ARG D 11 15.04 18.21 19.78
N ILE D 12 14.94 17.02 20.34
CA ILE D 12 16.07 16.10 20.32
C ILE D 12 15.66 14.79 19.69
N LEU D 13 16.64 14.06 19.19
CA LEU D 13 16.40 12.68 18.80
C LEU D 13 17.20 11.75 19.68
N LEU D 14 16.49 11.07 20.56
CA LEU D 14 17.10 10.13 21.50
C LEU D 14 17.26 8.76 20.84
N LYS D 15 18.50 8.28 20.75
CA LYS D 15 18.77 6.99 20.14
C LYS D 15 19.10 5.94 21.19
N LEU D 16 18.24 4.93 21.32
CA LEU D 16 18.46 3.86 22.30
C LEU D 16 18.94 2.60 21.61
N SER D 17 19.78 1.85 22.30
CA SER D 17 20.14 0.53 21.83
C SER D 17 19.03 -0.39 22.26
N GLY D 18 18.70 -1.38 21.43
CA GLY D 18 17.71 -2.37 21.81
C GLY D 18 17.98 -2.96 23.18
N GLU D 19 19.25 -3.28 23.45
CA GLU D 19 19.65 -3.86 24.73
C GLU D 19 19.25 -2.99 25.92
N ALA D 20 19.10 -1.68 25.69
CA ALA D 20 18.69 -0.75 26.73
C ALA D 20 17.42 -1.21 27.44
N LEU D 21 16.64 -2.06 26.77
CA LEU D 21 15.37 -2.53 27.33
C LEU D 21 15.47 -3.94 27.91
N GLN D 22 16.65 -4.55 27.80
CA GLN D 22 16.88 -5.89 28.33
C GLN D 22 16.75 -5.95 29.84
N GLY D 23 16.28 -7.09 30.33
CA GLY D 23 16.23 -7.35 31.76
C GLY D 23 17.53 -7.97 32.23
N THR D 24 17.45 -8.73 33.32
CA THR D 24 18.61 -9.43 33.84
C THR D 24 19.04 -10.57 32.93
N GLU D 25 18.05 -11.24 32.35
CA GLU D 25 18.28 -12.40 31.50
C GLU D 25 19.07 -12.07 30.22
N GLY D 26 19.34 -10.79 30.00
CA GLY D 26 20.13 -10.35 28.87
C GLY D 26 19.43 -10.47 27.53
N PHE D 27 18.11 -10.45 27.57
CA PHE D 27 17.31 -10.49 26.35
C PHE D 27 15.88 -10.04 26.63
N GLY D 28 15.12 -9.78 25.56
CA GLY D 28 13.72 -9.43 25.66
C GLY D 28 13.49 -8.03 26.18
N ILE D 29 12.30 -7.79 26.71
CA ILE D 29 11.95 -6.49 27.26
C ILE D 29 11.53 -6.64 28.72
N ASP D 30 12.24 -5.95 29.61
CA ASP D 30 11.90 -5.94 31.03
C ASP D 30 10.94 -4.79 31.36
N ALA D 31 9.74 -5.14 31.81
CA ALA D 31 8.68 -4.14 32.00
C ALA D 31 9.12 -2.96 32.85
N SER D 32 9.86 -3.23 33.93
CA SER D 32 10.25 -2.19 34.87
C SER D 32 11.35 -1.29 34.31
N ILE D 33 12.34 -1.89 33.66
CA ILE D 33 13.41 -1.15 33.04
C ILE D 33 12.84 -0.28 31.90
N LEU D 34 11.69 -0.68 31.40
CA LEU D 34 11.04 0.01 30.28
C LEU D 34 10.20 1.17 30.79
N ASP D 35 9.40 0.90 31.82
CA ASP D 35 8.58 1.94 32.44
C ASP D 35 9.47 3.01 33.08
N ARG D 36 10.66 2.60 33.50
CA ARG D 36 11.64 3.53 34.03
C ARG D 36 12.01 4.49 32.91
N MET D 37 12.27 3.94 31.74
CA MET D 37 12.69 4.71 30.57
C MET D 37 11.57 5.61 30.06
N ALA D 38 10.33 5.13 30.17
CA ALA D 38 9.18 5.94 29.80
C ALA D 38 9.10 7.18 30.70
N GLN D 39 9.44 7.00 31.98
CA GLN D 39 9.39 8.10 32.94
C GLN D 39 10.48 9.14 32.63
N GLU D 40 11.67 8.67 32.30
CA GLU D 40 12.76 9.58 31.93
C GLU D 40 12.31 10.45 30.77
N ILE D 41 11.60 9.86 29.82
CA ILE D 41 11.12 10.57 28.65
C ILE D 41 9.97 11.51 29.03
N LYS D 42 9.13 11.07 29.97
CA LYS D 42 8.02 11.90 30.42
C LYS D 42 8.57 13.21 30.97
N GLU D 43 9.72 13.14 31.64
CA GLU D 43 10.38 14.33 32.15
C GLU D 43 10.69 15.30 31.01
N LEU D 44 11.50 14.84 30.05
CA LEU D 44 11.86 15.66 28.90
C LEU D 44 10.62 16.30 28.25
N VAL D 45 9.54 15.54 28.20
CA VAL D 45 8.31 16.05 27.61
C VAL D 45 7.75 17.20 28.44
N GLU D 46 7.77 17.01 29.76
CA GLU D 46 7.24 18.00 30.69
C GLU D 46 8.09 19.27 30.75
N LEU D 47 9.38 19.13 30.45
CA LEU D 47 10.27 20.29 30.32
C LEU D 47 10.03 21.05 29.01
N GLY D 48 9.04 20.63 28.23
CA GLY D 48 8.73 21.27 26.96
C GLY D 48 9.64 20.87 25.80
N ILE D 49 10.38 19.76 25.96
CA ILE D 49 11.20 19.26 24.85
C ILE D 49 10.40 18.34 23.94
N GLN D 50 10.59 18.52 22.63
CA GLN D 50 10.02 17.64 21.62
C GLN D 50 10.94 16.44 21.42
N VAL D 51 10.40 15.23 21.62
CA VAL D 51 11.23 14.04 21.69
C VAL D 51 10.95 13.01 20.59
N GLY D 52 11.96 12.76 19.77
CA GLY D 52 11.90 11.68 18.83
C GLY D 52 12.79 10.56 19.34
N VAL D 53 12.27 9.34 19.36
CA VAL D 53 13.07 8.21 19.83
C VAL D 53 13.34 7.21 18.71
N VAL D 54 14.57 6.73 18.63
CA VAL D 54 14.92 5.69 17.66
C VAL D 54 15.49 4.51 18.43
N ILE D 55 14.83 3.36 18.34
CA ILE D 55 15.28 2.19 19.09
C ILE D 55 15.87 1.11 18.18
N GLY D 56 16.84 0.38 18.70
CA GLY D 56 17.42 -0.75 18.00
C GLY D 56 16.66 -2.04 18.28
N GLY D 57 17.20 -3.16 17.84
CA GLY D 57 16.52 -4.42 18.03
C GLY D 57 17.37 -5.53 18.61
N GLY D 58 18.52 -5.18 19.16
CA GLY D 58 19.46 -6.17 19.66
C GLY D 58 18.97 -7.04 20.80
N ASN D 59 18.04 -6.53 21.59
CA ASN D 59 17.49 -7.26 22.72
C ASN D 59 16.56 -8.38 22.27
N LEU D 60 16.02 -8.25 21.06
CA LEU D 60 15.03 -9.18 20.56
C LEU D 60 15.57 -10.04 19.43
N PHE D 61 16.64 -9.57 18.79
CA PHE D 61 17.27 -10.35 17.74
C PHE D 61 18.78 -10.23 17.75
N ARG D 62 19.43 -11.33 18.11
CA ARG D 62 20.87 -11.40 18.09
C ARG D 62 21.30 -11.83 16.69
N GLY D 63 21.06 -13.10 16.40
CA GLY D 63 21.26 -13.61 15.06
C GLY D 63 22.71 -13.61 14.61
N ALA D 64 23.63 -13.60 15.56
CA ALA D 64 25.04 -13.82 15.25
C ALA D 64 25.23 -15.30 14.96
N GLY D 65 24.46 -16.12 15.66
CA GLY D 65 24.49 -17.56 15.47
C GLY D 65 23.89 -17.97 14.14
N LEU D 66 22.83 -17.28 13.73
CA LEU D 66 22.21 -17.56 12.43
C LEU D 66 23.08 -17.08 11.28
N ALA D 67 23.79 -15.97 11.50
CA ALA D 67 24.76 -15.48 10.51
C ALA D 67 25.85 -16.51 10.34
N LYS D 68 26.34 -17.03 11.47
CA LYS D 68 27.34 -18.09 11.49
C LYS D 68 26.88 -19.32 10.70
N ALA D 69 25.59 -19.66 10.82
CA ALA D 69 25.03 -20.79 10.09
C ALA D 69 24.82 -20.51 8.60
N GLY D 70 25.09 -19.28 8.19
CA GLY D 70 25.02 -18.94 6.77
C GLY D 70 23.81 -18.14 6.34
N MET D 71 23.06 -17.63 7.31
CA MET D 71 21.88 -16.83 7.01
C MET D 71 22.22 -15.61 6.16
N ASN D 72 21.40 -15.35 5.15
CA ASN D 72 21.61 -14.20 4.28
C ASN D 72 21.60 -12.89 5.06
N ARG D 73 22.60 -12.06 4.81
CA ARG D 73 22.77 -10.81 5.54
C ARG D 73 21.50 -9.93 5.51
N VAL D 74 20.88 -9.82 4.33
CA VAL D 74 19.68 -9.01 4.17
C VAL D 74 18.54 -9.50 5.04
N VAL D 75 18.25 -10.79 4.94
CA VAL D 75 17.23 -11.41 5.78
C VAL D 75 17.51 -11.16 7.26
N GLY D 76 18.77 -11.27 7.65
CA GLY D 76 19.16 -11.00 9.02
C GLY D 76 18.78 -9.60 9.46
N ASP D 77 19.16 -8.60 8.67
CA ASP D 77 18.83 -7.23 8.97
C ASP D 77 17.32 -6.95 8.92
N HIS D 78 16.59 -7.66 8.06
CA HIS D 78 15.15 -7.50 8.04
C HIS D 78 14.55 -8.00 9.35
N MET D 79 15.12 -9.05 9.90
CA MET D 79 14.65 -9.57 11.19
C MET D 79 14.90 -8.54 12.27
N GLY D 80 16.08 -7.93 12.26
CA GLY D 80 16.39 -6.91 13.23
C GLY D 80 15.47 -5.72 13.06
N MET D 81 15.16 -5.41 11.82
CA MET D 81 14.30 -4.28 11.49
C MET D 81 12.93 -4.47 12.13
N LEU D 82 12.38 -5.66 12.00
CA LEU D 82 11.11 -5.98 12.66
C LEU D 82 11.29 -5.91 14.17
N ALA D 83 12.41 -6.44 14.66
CA ALA D 83 12.71 -6.37 16.09
C ALA D 83 12.56 -4.96 16.62
N THR D 84 13.07 -3.97 15.89
CA THR D 84 13.03 -2.59 16.33
C THR D 84 11.59 -2.09 16.44
N VAL D 85 10.71 -2.66 15.64
CA VAL D 85 9.31 -2.24 15.66
C VAL D 85 8.61 -2.81 16.89
N MET D 86 9.05 -3.98 17.33
CA MET D 86 8.48 -4.56 18.54
C MET D 86 8.87 -3.70 19.72
N ASN D 87 10.14 -3.33 19.81
CA ASN D 87 10.61 -2.39 20.84
C ASN D 87 9.84 -1.07 20.81
N GLY D 88 9.72 -0.46 19.63
CA GLY D 88 8.98 0.78 19.49
C GLY D 88 7.53 0.61 19.91
N LEU D 89 6.96 -0.53 19.55
CA LEU D 89 5.57 -0.85 19.90
C LEU D 89 5.44 -0.88 21.41
N ALA D 90 6.40 -1.51 22.08
CA ALA D 90 6.40 -1.61 23.52
C ALA D 90 6.57 -0.25 24.17
N MET D 91 7.46 0.56 23.62
CA MET D 91 7.77 1.88 24.17
C MET D 91 6.60 2.83 24.01
N ARG D 92 5.95 2.83 22.86
CA ARG D 92 4.76 3.65 22.68
C ARG D 92 3.72 3.30 23.73
N ASP D 93 3.56 2.00 23.99
CA ASP D 93 2.59 1.56 24.99
C ASP D 93 3.00 2.05 26.38
N ALA D 94 4.25 1.78 26.75
CA ALA D 94 4.80 2.23 28.03
C ALA D 94 4.56 3.72 28.29
N LEU D 95 4.66 4.53 27.23
CA LEU D 95 4.46 5.96 27.37
C LEU D 95 3.00 6.31 27.59
N HIS D 96 2.09 5.59 26.94
CA HIS D 96 0.67 5.90 27.11
C HIS D 96 0.24 5.53 28.51
N ARG D 97 0.90 4.53 29.07
CA ARG D 97 0.63 4.12 30.45
C ARG D 97 1.22 5.11 31.44
N ALA D 98 2.15 5.93 30.96
CA ALA D 98 2.72 7.02 31.76
C ALA D 98 2.04 8.34 31.40
N TYR D 99 0.88 8.23 30.79
CA TYR D 99 0.10 9.40 30.42
C TYR D 99 0.90 10.40 29.59
N VAL D 100 1.72 9.87 28.69
CA VAL D 100 2.47 10.67 27.71
C VAL D 100 1.93 10.37 26.31
N ASN D 101 1.55 11.40 25.57
CA ASN D 101 1.06 11.20 24.21
C ASN D 101 2.21 10.74 23.32
N ALA D 102 2.02 9.65 22.59
CA ALA D 102 3.09 9.09 21.78
C ALA D 102 2.61 8.36 20.55
N ARG D 103 3.32 8.57 19.44
CA ARG D 103 3.05 7.88 18.18
C ARG D 103 4.19 6.99 17.74
N LEU D 104 3.85 5.84 17.16
CA LEU D 104 4.87 4.97 16.59
C LEU D 104 4.84 5.08 15.08
N MET D 105 5.99 5.34 14.48
CA MET D 105 6.10 5.37 13.03
C MET D 105 7.11 4.34 12.57
N SER D 106 6.87 3.78 11.39
CA SER D 106 7.75 2.73 10.89
C SER D 106 8.23 3.08 9.50
N ALA D 107 9.50 2.82 9.23
CA ALA D 107 10.06 3.02 7.89
C ALA D 107 9.39 2.09 6.89
N ILE D 108 8.96 0.93 7.40
CA ILE D 108 8.22 -0.05 6.62
C ILE D 108 6.77 0.01 7.03
N PRO D 109 5.89 0.50 6.14
CA PRO D 109 4.47 0.60 6.51
C PRO D 109 3.94 -0.70 7.10
N LEU D 110 3.18 -0.59 8.19
CA LEU D 110 2.61 -1.73 8.86
C LEU D 110 1.12 -1.47 9.08
N ASN D 111 0.32 -1.79 8.06
CA ASN D 111 -1.10 -1.49 8.10
C ASN D 111 -1.79 -1.93 9.40
N GLY D 112 -2.39 -0.97 10.11
CA GLY D 112 -3.18 -1.28 11.28
C GLY D 112 -2.40 -1.40 12.57
N VAL D 113 -1.08 -1.42 12.46
CA VAL D 113 -0.20 -1.60 13.62
C VAL D 113 0.34 -0.26 14.11
N CYS D 114 0.75 0.59 13.17
CA CYS D 114 1.29 1.92 13.45
C CYS D 114 1.35 2.66 12.13
N ASP D 115 1.48 3.98 12.16
CA ASP D 115 1.49 4.69 10.89
C ASP D 115 2.88 4.70 10.25
N SER D 116 2.88 4.92 8.94
CA SER D 116 4.09 4.91 8.15
C SER D 116 4.87 6.18 8.43
N TYR D 117 6.19 6.07 8.42
CA TYR D 117 7.02 7.24 8.65
C TYR D 117 6.80 8.31 7.58
N SER D 118 6.77 9.55 8.03
CA SER D 118 6.75 10.69 7.15
C SER D 118 7.47 11.77 7.91
N TRP D 119 8.57 12.28 7.35
CA TRP D 119 9.34 13.31 8.04
C TRP D 119 8.40 14.45 8.45
N ALA D 120 7.52 14.86 7.54
CA ALA D 120 6.56 15.94 7.83
C ALA D 120 5.60 15.59 8.97
N GLU D 121 4.99 14.40 8.91
CA GLU D 121 4.03 14.02 9.94
C GLU D 121 4.74 13.90 11.28
N ALA D 122 5.98 13.48 11.26
CA ALA D 122 6.79 13.39 12.48
C ALA D 122 6.93 14.76 13.13
N ILE D 123 7.28 15.77 12.32
CA ILE D 123 7.46 17.11 12.85
C ILE D 123 6.15 17.62 13.41
N SER D 124 5.07 17.44 12.67
CA SER D 124 3.75 17.86 13.10
C SER D 124 3.42 17.23 14.46
N LEU D 125 3.72 15.95 14.62
CA LEU D 125 3.43 15.26 15.88
C LEU D 125 4.28 15.78 17.02
N LEU D 126 5.58 15.99 16.76
CA LEU D 126 6.46 16.53 17.79
C LEU D 126 6.02 17.91 18.25
N ARG D 127 5.52 18.70 17.31
CA ARG D 127 5.05 20.04 17.65
C ARG D 127 3.75 20.01 18.46
N ASN D 128 3.11 18.85 18.52
CA ASN D 128 1.90 18.69 19.32
C ASN D 128 2.18 17.85 20.57
N ASN D 129 3.38 18.02 21.13
CA ASN D 129 3.73 17.38 22.39
C ASN D 129 3.54 15.86 22.33
N ARG D 130 3.65 15.31 21.13
CA ARG D 130 3.71 13.88 20.96
C ARG D 130 5.17 13.45 20.98
N VAL D 131 5.47 12.40 21.74
CA VAL D 131 6.73 11.70 21.57
C VAL D 131 6.57 10.86 20.31
N VAL D 132 7.53 10.97 19.41
CA VAL D 132 7.47 10.21 18.17
C VAL D 132 8.54 9.13 18.18
N ILE D 133 8.10 7.87 18.20
CA ILE D 133 9.02 6.75 18.15
C ILE D 133 9.20 6.30 16.71
N LEU D 134 10.45 6.18 16.28
CA LEU D 134 10.78 5.91 14.88
C LEU D 134 11.36 4.51 14.72
N SER D 135 10.62 3.63 14.06
CA SER D 135 10.98 2.22 14.01
C SER D 135 11.41 1.71 12.64
N ALA D 136 11.99 0.52 12.64
CA ALA D 136 12.42 -0.14 11.41
C ALA D 136 13.55 0.64 10.75
N GLY D 137 14.35 1.33 11.56
CA GLY D 137 15.53 2.02 11.09
C GLY D 137 15.30 2.87 9.85
N THR D 138 16.15 2.68 8.84
CA THR D 138 16.09 3.47 7.62
C THR D 138 15.17 2.83 6.61
N GLY D 139 14.73 1.62 6.91
CA GLY D 139 13.91 0.87 5.97
C GLY D 139 14.77 -0.09 5.18
N ASN D 140 16.08 0.14 5.21
CA ASN D 140 17.05 -0.67 4.47
C ASN D 140 17.93 -1.51 5.38
N PRO D 141 18.48 -2.60 4.83
CA PRO D 141 19.48 -3.43 5.51
C PRO D 141 20.84 -2.76 5.41
N PHE D 142 21.79 -3.19 6.23
CA PHE D 142 23.17 -2.69 6.15
C PHE D 142 23.30 -1.24 6.61
N PHE D 143 22.32 -0.79 7.38
CA PHE D 143 22.39 0.49 8.04
C PHE D 143 22.17 0.30 9.53
N THR D 144 23.07 0.86 10.32
CA THR D 144 23.00 0.70 11.76
C THR D 144 21.87 1.55 12.35
N THR D 145 21.52 1.28 13.60
CA THR D 145 20.52 2.07 14.30
C THR D 145 21.03 3.50 14.44
N ASP D 146 22.34 3.65 14.55
CA ASP D 146 22.95 4.97 14.58
C ASP D 146 22.62 5.72 13.31
N SER D 147 22.83 5.08 12.16
CA SER D 147 22.52 5.69 10.87
C SER D 147 21.08 6.18 10.82
N ALA D 148 20.18 5.37 11.35
CA ALA D 148 18.76 5.71 11.38
C ALA D 148 18.50 6.92 12.26
N ALA D 149 19.18 6.96 13.40
CA ALA D 149 19.04 8.06 14.35
C ALA D 149 19.43 9.39 13.74
N CYS D 150 20.58 9.40 13.08
CA CYS D 150 21.08 10.59 12.40
C CYS D 150 20.15 10.99 11.25
N LEU D 151 19.84 10.04 10.37
CA LEU D 151 18.93 10.30 9.26
C LEU D 151 17.62 10.92 9.76
N ARG D 152 16.98 10.25 10.71
CA ARG D 152 15.75 10.77 11.30
C ARG D 152 15.99 12.11 11.98
N GLY D 153 17.09 12.19 12.73
CA GLY D 153 17.47 13.42 13.40
C GLY D 153 17.50 14.59 12.45
N ILE D 154 18.19 14.42 11.34
CA ILE D 154 18.25 15.44 10.29
C ILE D 154 16.90 15.75 9.67
N GLU D 155 16.11 14.72 9.38
CA GLU D 155 14.82 14.90 8.74
C GLU D 155 13.83 15.68 9.61
N ILE D 156 13.72 15.32 10.87
CA ILE D 156 12.78 15.98 11.78
C ILE D 156 13.38 17.28 12.32
N GLU D 157 14.59 17.60 11.87
CA GLU D 157 15.23 18.87 12.23
C GLU D 157 15.43 18.96 13.73
N ALA D 158 15.97 17.90 14.31
CA ALA D 158 16.33 17.88 15.71
C ALA D 158 17.55 18.73 15.92
N ASN D 159 17.71 19.25 17.14
CA ASN D 159 18.86 20.07 17.49
C ASN D 159 20.06 19.20 17.82
N VAL D 160 19.77 17.96 18.23
CA VAL D 160 20.84 17.08 18.68
C VAL D 160 20.38 15.62 18.65
N VAL D 161 21.33 14.71 18.45
CA VAL D 161 21.08 13.30 18.62
C VAL D 161 21.74 12.85 19.92
N LEU D 162 20.95 12.30 20.82
CA LEU D 162 21.47 11.79 22.08
C LEU D 162 21.68 10.29 22.03
N LYS D 163 22.92 9.87 21.74
CA LYS D 163 23.26 8.45 21.71
C LYS D 163 23.41 7.91 23.13
N ALA D 164 22.36 7.26 23.64
CA ALA D 164 22.38 6.68 24.97
C ALA D 164 23.14 5.37 24.96
N THR D 165 24.27 5.34 25.68
CA THR D 165 25.13 4.15 25.72
C THR D 165 25.44 3.70 27.14
N LYS D 166 26.21 2.61 27.26
CA LYS D 166 26.56 2.04 28.56
C LYS D 166 27.75 2.75 29.17
N VAL D 167 28.47 3.50 28.35
CA VAL D 167 29.66 4.24 28.76
C VAL D 167 29.32 5.71 28.99
N ASP D 168 30.12 6.41 29.79
CA ASP D 168 29.83 7.80 30.15
C ASP D 168 30.50 8.80 29.22
N GLY D 169 30.38 8.59 27.92
CA GLY D 169 30.96 9.49 26.94
C GLY D 169 32.07 8.86 26.12
N VAL D 170 32.84 9.69 25.44
CA VAL D 170 33.98 9.21 24.65
C VAL D 170 35.28 9.34 25.44
N PHE D 171 36.03 8.26 25.54
CA PHE D 171 37.27 8.26 26.32
C PHE D 171 38.54 8.19 25.45
N ALA D 176 36.68 1.90 32.34
CA ALA D 176 36.80 0.90 33.40
C ALA D 176 37.42 -0.40 32.89
N LYS D 177 38.42 -0.28 32.03
CA LYS D 177 39.15 -1.44 31.49
C LYS D 177 40.65 -1.14 31.43
N ASP D 178 40.98 0.15 31.41
CA ASP D 178 42.37 0.60 31.45
C ASP D 178 42.49 1.81 32.36
N PRO D 179 43.32 1.71 33.41
CA PRO D 179 43.54 2.79 34.39
C PRO D 179 44.09 4.06 33.75
N THR D 180 44.30 4.07 32.45
CA THR D 180 44.87 5.22 31.75
C THR D 180 43.95 5.74 30.66
N ALA D 181 42.92 6.49 31.05
CA ALA D 181 41.97 7.09 30.10
C ALA D 181 41.39 8.39 30.64
N THR D 182 40.74 9.15 29.78
CA THR D 182 40.15 10.42 30.17
C THR D 182 38.95 10.77 29.30
N MET D 183 37.85 11.15 29.94
CA MET D 183 36.63 11.45 29.21
C MET D 183 36.71 12.81 28.51
N TYR D 184 36.59 12.81 27.19
CA TYR D 184 36.48 14.06 26.44
C TYR D 184 35.23 14.79 26.87
N GLU D 185 35.16 16.07 26.54
CA GLU D 185 34.04 16.89 26.97
C GLU D 185 33.36 17.45 25.73
N GLN D 186 34.17 17.67 24.69
CA GLN D 186 33.69 18.09 23.39
C GLN D 186 34.71 17.74 22.32
N LEU D 187 34.20 17.40 21.13
CA LEU D 187 35.05 17.07 20.01
C LEU D 187 34.44 17.65 18.73
N THR D 188 35.16 17.51 17.63
CA THR D 188 34.62 17.90 16.34
C THR D 188 34.60 16.67 15.46
N TYR D 189 33.77 16.68 14.42
CA TYR D 189 33.70 15.55 13.53
C TYR D 189 35.10 15.21 13.02
N SER D 190 35.83 16.24 12.60
CA SER D 190 37.20 16.08 12.13
C SER D 190 38.09 15.49 13.24
N GLU D 191 37.93 16.03 14.45
CA GLU D 191 38.74 15.62 15.59
C GLU D 191 38.52 14.14 15.95
N VAL D 192 37.31 13.65 15.69
CA VAL D 192 36.96 12.27 16.02
C VAL D 192 37.53 11.28 15.00
N LEU D 193 37.49 11.65 13.73
CA LEU D 193 38.05 10.82 12.68
C LEU D 193 39.56 10.79 12.81
N GLU D 194 40.13 11.97 13.04
CA GLU D 194 41.58 12.14 13.17
C GLU D 194 42.13 11.30 14.31
N LYS D 195 41.54 11.45 15.50
CA LYS D 195 41.97 10.71 16.67
C LYS D 195 41.45 9.27 16.67
N GLU D 196 40.85 8.86 15.56
CA GLU D 196 40.30 7.51 15.40
C GLU D 196 39.52 7.04 16.63
N LEU D 197 38.50 7.80 17.01
CA LEU D 197 37.68 7.44 18.16
C LEU D 197 36.40 6.74 17.73
N LYS D 198 35.97 5.78 18.54
CA LYS D 198 34.75 5.01 18.25
C LYS D 198 33.52 5.69 18.83
N VAL D 199 32.91 6.60 18.07
CA VAL D 199 31.68 7.26 18.49
C VAL D 199 30.48 6.48 17.96
N MET D 200 30.50 6.23 16.66
CA MET D 200 29.46 5.44 16.02
C MET D 200 29.91 4.99 14.63
N ASP D 201 29.17 4.04 14.07
CA ASP D 201 29.40 3.59 12.71
C ASP D 201 29.81 4.77 11.83
N LEU D 202 30.81 4.55 11.01
CA LEU D 202 31.37 5.59 10.14
C LEU D 202 30.36 6.20 9.17
N ALA D 203 29.49 5.39 8.57
CA ALA D 203 28.49 5.88 7.64
C ALA D 203 27.53 6.82 8.35
N ALA D 204 27.11 6.41 9.55
CA ALA D 204 26.21 7.20 10.38
C ALA D 204 26.85 8.52 10.78
N PHE D 205 28.10 8.44 11.18
CA PHE D 205 28.87 9.60 11.59
C PHE D 205 29.00 10.63 10.46
N THR D 206 29.31 10.13 9.26
CA THR D 206 29.44 10.98 8.08
C THR D 206 28.16 11.77 7.84
N LEU D 207 27.03 11.11 7.99
CA LEU D 207 25.72 11.72 7.80
C LEU D 207 25.50 12.90 8.76
N ALA D 208 25.86 12.70 10.04
CA ALA D 208 25.74 13.75 11.06
C ALA D 208 26.69 14.89 10.77
N ARG D 209 27.93 14.55 10.44
CA ARG D 209 28.95 15.53 10.09
C ARG D 209 28.51 16.43 8.94
N ASP D 210 28.15 15.80 7.81
CA ASP D 210 27.78 16.53 6.61
C ASP D 210 26.54 17.40 6.79
N HIS D 211 25.81 17.18 7.88
CA HIS D 211 24.60 17.97 8.12
C HIS D 211 24.70 18.73 9.43
N LYS D 212 25.90 18.76 9.99
CA LYS D 212 26.18 19.55 11.17
C LYS D 212 25.17 19.24 12.28
N LEU D 213 24.90 17.96 12.45
CA LEU D 213 24.00 17.48 13.50
C LEU D 213 24.80 17.07 14.73
N PRO D 214 24.70 17.86 15.81
CA PRO D 214 25.42 17.62 17.06
C PRO D 214 25.08 16.25 17.65
N ILE D 215 26.09 15.55 18.11
CA ILE D 215 25.89 14.25 18.75
C ILE D 215 26.37 14.30 20.18
N ARG D 216 25.51 13.89 21.11
CA ARG D 216 25.91 13.75 22.51
C ARG D 216 25.89 12.29 22.94
N VAL D 217 27.08 11.73 23.17
CA VAL D 217 27.17 10.40 23.74
C VAL D 217 27.13 10.51 25.26
N PHE D 218 26.25 9.75 25.89
CA PHE D 218 26.12 9.79 27.35
C PHE D 218 25.78 8.42 27.94
N ASN D 219 25.56 8.39 29.24
CA ASN D 219 25.30 7.12 29.93
C ASN D 219 23.88 7.03 30.45
N MET D 220 23.07 6.19 29.82
CA MET D 220 21.67 6.00 30.17
C MET D 220 21.51 5.39 31.56
N ASN D 221 22.56 4.71 32.02
CA ASN D 221 22.53 4.04 33.33
C ASN D 221 22.82 5.00 34.48
N LYS D 222 23.59 6.05 34.19
CA LYS D 222 23.88 7.10 35.16
C LYS D 222 22.60 7.89 35.43
N PRO D 223 22.02 7.71 36.63
CA PRO D 223 20.72 8.32 36.96
C PRO D 223 20.68 9.82 36.69
N GLY D 224 19.59 10.28 36.08
CA GLY D 224 19.41 11.69 35.80
C GLY D 224 20.37 12.25 34.76
N ALA D 225 21.21 11.39 34.19
CA ALA D 225 22.18 11.82 33.18
C ALA D 225 21.46 12.42 31.98
N LEU D 226 20.34 11.81 31.61
CA LEU D 226 19.54 12.29 30.49
C LEU D 226 19.03 13.69 30.79
N ARG D 227 18.43 13.87 31.97
CA ARG D 227 17.93 15.17 32.38
C ARG D 227 19.02 16.24 32.27
N ARG D 228 20.23 15.87 32.67
CA ARG D 228 21.35 16.80 32.66
C ARG D 228 21.82 17.15 31.25
N VAL D 229 21.99 16.14 30.41
CA VAL D 229 22.40 16.35 29.02
C VAL D 229 21.54 17.41 28.37
N VAL D 230 20.26 17.37 28.69
CA VAL D 230 19.30 18.33 28.15
C VAL D 230 19.43 19.73 28.77
N MET D 231 19.70 19.78 30.08
CA MET D 231 19.85 21.06 30.77
C MET D 231 21.02 21.86 30.20
N GLY D 232 21.87 21.19 29.43
CA GLY D 232 23.05 21.82 28.87
C GLY D 232 24.27 21.50 29.72
N GLU D 233 24.02 21.05 30.95
CA GLU D 233 25.09 20.69 31.87
C GLU D 233 26.05 19.68 31.26
N LYS D 234 27.24 19.58 31.83
CA LYS D 234 28.27 18.72 31.28
C LYS D 234 28.06 17.26 31.65
N GLU D 235 27.56 16.51 30.68
CA GLU D 235 27.40 15.07 30.79
C GLU D 235 27.90 14.42 29.49
N GLY D 236 28.65 13.33 29.63
CA GLY D 236 29.22 12.66 28.48
C GLY D 236 29.87 13.64 27.50
N THR D 237 30.11 13.17 26.28
CA THR D 237 30.77 13.97 25.27
C THR D 237 29.80 14.65 24.31
N LEU D 238 30.16 15.83 23.83
CA LEU D 238 29.40 16.48 22.76
C LEU D 238 30.27 16.52 21.51
N ILE D 239 29.63 16.49 20.34
CA ILE D 239 30.37 16.45 19.08
C ILE D 239 29.73 17.39 18.07
N THR D 240 30.44 18.47 17.74
CA THR D 240 29.89 19.52 16.88
C THR D 240 30.95 20.12 15.97
N GLU D 241 30.52 21.09 15.16
CA GLU D 241 31.40 21.83 14.26
C GLU D 241 30.60 22.50 13.13
N ALA E 5 -12.96 -21.12 -37.95
CA ALA E 5 -12.37 -20.13 -38.83
C ALA E 5 -11.10 -19.54 -38.22
N LYS E 6 -10.72 -18.36 -38.69
CA LYS E 6 -9.59 -17.63 -38.11
C LYS E 6 -10.05 -16.27 -37.57
N PRO E 7 -9.81 -16.04 -36.27
CA PRO E 7 -10.21 -14.81 -35.59
C PRO E 7 -9.42 -13.62 -36.13
N VAL E 8 -10.12 -12.55 -36.50
CA VAL E 8 -9.45 -11.36 -37.03
C VAL E 8 -8.87 -10.48 -35.93
N TYR E 9 -8.93 -10.97 -34.69
CA TYR E 9 -8.43 -10.24 -33.53
C TYR E 9 -7.58 -11.16 -32.66
N LYS E 10 -6.36 -10.74 -32.32
CA LYS E 10 -5.51 -11.54 -31.43
C LYS E 10 -5.73 -11.15 -29.96
N ARG E 11 -6.14 -9.91 -29.73
CA ARG E 11 -6.36 -9.41 -28.37
C ARG E 11 -7.53 -8.43 -28.37
N ILE E 12 -8.55 -8.74 -27.57
CA ILE E 12 -9.74 -7.91 -27.49
C ILE E 12 -9.98 -7.48 -26.06
N LEU E 13 -10.68 -6.37 -25.91
CA LEU E 13 -11.18 -5.99 -24.61
C LEU E 13 -12.69 -6.04 -24.61
N LEU E 14 -13.23 -7.07 -23.97
CA LEU E 14 -14.67 -7.27 -23.87
C LEU E 14 -15.25 -6.45 -22.72
N LYS E 15 -16.17 -5.56 -23.03
CA LYS E 15 -16.80 -4.70 -22.00
C LYS E 15 -18.23 -5.15 -21.72
N LEU E 16 -18.47 -5.64 -20.52
CA LEU E 16 -19.80 -6.09 -20.12
C LEU E 16 -20.45 -5.04 -19.22
N SER E 17 -21.77 -4.96 -19.30
CA SER E 17 -22.51 -4.15 -18.36
C SER E 17 -22.72 -5.04 -17.15
N GLY E 18 -22.75 -4.46 -15.96
CA GLY E 18 -23.01 -5.24 -14.77
C GLY E 18 -24.30 -6.04 -14.90
N GLU E 19 -25.32 -5.41 -15.47
CA GLU E 19 -26.62 -6.05 -15.65
C GLU E 19 -26.51 -7.34 -16.45
N ALA E 20 -25.48 -7.45 -17.27
CA ALA E 20 -25.25 -8.66 -18.05
C ALA E 20 -25.24 -9.92 -17.20
N LEU E 21 -25.01 -9.77 -15.90
CA LEU E 21 -24.92 -10.92 -15.00
C LEU E 21 -26.20 -11.11 -14.18
N GLN E 22 -27.16 -10.20 -14.38
CA GLN E 22 -28.41 -10.25 -13.63
C GLN E 22 -29.22 -11.48 -13.95
N GLY E 23 -29.94 -11.98 -12.95
CA GLY E 23 -30.88 -13.06 -13.15
C GLY E 23 -32.24 -12.53 -13.57
N THR E 24 -33.29 -13.29 -13.26
CA THR E 24 -34.64 -12.87 -13.56
C THR E 24 -35.06 -11.73 -12.64
N GLU E 25 -34.60 -11.79 -11.39
CA GLU E 25 -35.01 -10.83 -10.38
C GLU E 25 -34.52 -9.41 -10.69
N GLY E 26 -33.73 -9.28 -11.75
CA GLY E 26 -33.27 -7.97 -12.20
C GLY E 26 -32.20 -7.35 -11.30
N PHE E 27 -31.50 -8.20 -10.56
CA PHE E 27 -30.41 -7.73 -9.71
C PHE E 27 -29.52 -8.90 -9.35
N GLY E 28 -28.35 -8.60 -8.79
CA GLY E 28 -27.45 -9.62 -8.30
C GLY E 28 -26.75 -10.37 -9.41
N ILE E 29 -26.26 -11.56 -9.07
CA ILE E 29 -25.52 -12.37 -10.01
C ILE E 29 -26.20 -13.73 -10.12
N ASP E 30 -26.65 -14.08 -11.32
CA ASP E 30 -27.23 -15.38 -11.55
C ASP E 30 -26.18 -16.41 -11.96
N ALA E 31 -25.96 -17.41 -11.14
CA ALA E 31 -24.91 -18.39 -11.37
C ALA E 31 -24.88 -18.95 -12.79
N SER E 32 -26.05 -19.31 -13.32
CA SER E 32 -26.13 -19.95 -14.62
C SER E 32 -25.85 -18.98 -15.77
N ILE E 33 -26.40 -17.77 -15.67
CA ILE E 33 -26.17 -16.74 -16.67
C ILE E 33 -24.69 -16.33 -16.65
N LEU E 34 -24.03 -16.58 -15.53
CA LEU E 34 -22.62 -16.23 -15.37
C LEU E 34 -21.72 -17.33 -15.93
N ASP E 35 -22.02 -18.58 -15.57
CA ASP E 35 -21.29 -19.73 -16.09
C ASP E 35 -21.45 -19.84 -17.59
N ARG E 36 -22.52 -19.33 -18.15
CA ARG E 36 -22.58 -19.39 -19.57
C ARG E 36 -21.69 -18.34 -20.13
N MET E 37 -21.61 -17.21 -19.49
CA MET E 37 -20.72 -16.17 -19.99
C MET E 37 -19.27 -16.61 -19.88
N ALA E 38 -18.97 -17.38 -18.84
CA ALA E 38 -17.64 -17.96 -18.68
C ALA E 38 -17.31 -18.87 -19.85
N GLN E 39 -18.31 -19.62 -20.31
CA GLN E 39 -18.12 -20.55 -21.41
C GLN E 39 -17.92 -19.83 -22.72
N GLU E 40 -18.66 -18.74 -22.93
CA GLU E 40 -18.48 -17.94 -24.13
C GLU E 40 -17.05 -17.44 -24.21
N ILE E 41 -16.49 -17.05 -23.06
CA ILE E 41 -15.12 -16.56 -22.99
C ILE E 41 -14.13 -17.72 -23.16
N LYS E 42 -14.49 -18.89 -22.64
CA LYS E 42 -13.62 -20.05 -22.79
C LYS E 42 -13.41 -20.33 -24.27
N GLU E 43 -14.44 -20.08 -25.06
CA GLU E 43 -14.35 -20.27 -26.51
C GLU E 43 -13.30 -19.35 -27.11
N LEU E 44 -13.45 -18.05 -26.87
CA LEU E 44 -12.50 -17.06 -27.36
C LEU E 44 -11.06 -17.43 -26.96
N VAL E 45 -10.90 -17.92 -25.74
CA VAL E 45 -9.58 -18.31 -25.25
C VAL E 45 -9.04 -19.47 -26.07
N GLU E 46 -9.86 -20.45 -26.36
CA GLU E 46 -9.36 -21.60 -27.08
C GLU E 46 -9.23 -21.37 -28.55
N LEU E 47 -9.79 -20.30 -29.05
CA LEU E 47 -9.50 -19.84 -30.41
C LEU E 47 -8.17 -19.10 -30.46
N GLY E 48 -7.47 -19.07 -29.33
CA GLY E 48 -6.20 -18.39 -29.24
C GLY E 48 -6.28 -16.87 -29.10
N ILE E 49 -7.46 -16.36 -28.72
CA ILE E 49 -7.61 -14.92 -28.50
C ILE E 49 -7.22 -14.55 -27.07
N GLN E 50 -6.50 -13.44 -26.93
CA GLN E 50 -6.20 -12.88 -25.63
C GLN E 50 -7.36 -11.97 -25.18
N VAL E 51 -7.93 -12.29 -24.03
CA VAL E 51 -9.17 -11.63 -23.60
C VAL E 51 -9.03 -10.81 -22.33
N GLY E 52 -9.25 -9.52 -22.45
CA GLY E 52 -9.39 -8.67 -21.29
C GLY E 52 -10.85 -8.34 -21.11
N VAL E 53 -11.36 -8.49 -19.90
CA VAL E 53 -12.76 -8.17 -19.62
C VAL E 53 -12.91 -6.98 -18.67
N VAL E 54 -13.80 -6.07 -18.98
CA VAL E 54 -14.12 -4.97 -18.09
C VAL E 54 -15.60 -5.03 -17.73
N ILE E 55 -15.92 -5.21 -16.44
CA ILE E 55 -17.31 -5.33 -16.02
C ILE E 55 -17.79 -4.10 -15.25
N GLY E 56 -19.08 -3.80 -15.39
CA GLY E 56 -19.69 -2.70 -14.66
C GLY E 56 -20.26 -3.19 -13.35
N GLY E 57 -20.99 -2.33 -12.64
CA GLY E 57 -21.55 -2.72 -11.36
C GLY E 57 -23.03 -2.49 -11.18
N GLY E 58 -23.73 -2.24 -12.28
CA GLY E 58 -25.15 -1.90 -12.24
C GLY E 58 -26.07 -2.95 -11.63
N ASN E 59 -25.69 -4.22 -11.75
CA ASN E 59 -26.47 -5.32 -11.19
C ASN E 59 -26.39 -5.40 -9.67
N LEU E 60 -25.35 -4.80 -9.09
CA LEU E 60 -25.11 -4.88 -7.67
C LEU E 60 -25.32 -3.54 -6.99
N PHE E 61 -25.25 -2.46 -7.75
CA PHE E 61 -25.50 -1.14 -7.20
C PHE E 61 -26.26 -0.24 -8.15
N ARG E 62 -27.50 0.06 -7.79
CA ARG E 62 -28.33 0.99 -8.55
C ARG E 62 -28.05 2.39 -8.03
N GLY E 63 -28.52 2.67 -6.83
CA GLY E 63 -28.22 3.92 -6.15
C GLY E 63 -28.73 5.16 -6.84
N ALA E 64 -29.77 5.00 -7.67
CA ALA E 64 -30.50 6.14 -8.20
C ALA E 64 -31.36 6.70 -7.09
N GLY E 65 -31.85 5.80 -6.25
CA GLY E 65 -32.66 6.18 -5.10
C GLY E 65 -31.84 6.93 -4.06
N LEU E 66 -30.62 6.48 -3.82
CA LEU E 66 -29.73 7.12 -2.86
C LEU E 66 -29.23 8.47 -3.40
N ALA E 67 -29.07 8.57 -4.71
CA ALA E 67 -28.73 9.85 -5.33
C ALA E 67 -29.88 10.81 -5.09
N LYS E 68 -31.10 10.33 -5.32
CA LYS E 68 -32.31 11.10 -5.10
C LYS E 68 -32.36 11.61 -3.66
N ALA E 69 -31.94 10.79 -2.72
CA ALA E 69 -31.97 11.15 -1.30
C ALA E 69 -30.86 12.14 -0.96
N GLY E 70 -30.02 12.46 -1.93
CA GLY E 70 -28.98 13.45 -1.74
C GLY E 70 -27.58 12.89 -1.51
N MET E 71 -27.39 11.60 -1.75
CA MET E 71 -26.07 10.99 -1.58
C MET E 71 -25.03 11.68 -2.46
N ASN E 72 -23.84 11.92 -1.89
CA ASN E 72 -22.75 12.53 -2.63
C ASN E 72 -22.37 11.73 -3.88
N ARG E 73 -22.23 12.41 -5.01
CA ARG E 73 -21.95 11.76 -6.27
C ARG E 73 -20.69 10.88 -6.22
N VAL E 74 -19.65 11.38 -5.59
CA VAL E 74 -18.39 10.63 -5.46
C VAL E 74 -18.61 9.32 -4.71
N VAL E 75 -19.15 9.42 -3.51
CA VAL E 75 -19.46 8.25 -2.71
C VAL E 75 -20.27 7.24 -3.51
N GLY E 76 -21.23 7.73 -4.27
CA GLY E 76 -22.05 6.88 -5.12
C GLY E 76 -21.22 6.10 -6.10
N ASP E 77 -20.34 6.79 -6.81
CA ASP E 77 -19.48 6.13 -7.79
C ASP E 77 -18.46 5.19 -7.14
N HIS E 78 -18.02 5.50 -5.93
CA HIS E 78 -17.13 4.59 -5.20
C HIS E 78 -17.83 3.30 -4.89
N MET E 79 -19.13 3.39 -4.61
CA MET E 79 -19.91 2.20 -4.31
C MET E 79 -20.00 1.34 -5.56
N GLY E 80 -20.27 1.98 -6.69
CA GLY E 80 -20.35 1.28 -7.95
C GLY E 80 -19.01 0.67 -8.29
N MET E 81 -17.96 1.41 -7.99
CA MET E 81 -16.60 0.95 -8.26
C MET E 81 -16.36 -0.36 -7.52
N LEU E 82 -16.70 -0.42 -6.23
CA LEU E 82 -16.56 -1.65 -5.48
C LEU E 82 -17.44 -2.72 -6.10
N ALA E 83 -18.62 -2.32 -6.55
CA ALA E 83 -19.56 -3.26 -7.14
C ALA E 83 -18.92 -4.00 -8.30
N THR E 84 -18.19 -3.27 -9.14
CA THR E 84 -17.57 -3.87 -10.30
C THR E 84 -16.54 -4.91 -9.87
N VAL E 85 -15.96 -4.74 -8.70
CA VAL E 85 -14.94 -5.67 -8.24
C VAL E 85 -15.59 -6.96 -7.78
N MET E 86 -16.81 -6.85 -7.26
CA MET E 86 -17.54 -8.04 -6.87
C MET E 86 -17.88 -8.85 -8.10
N ASN E 87 -18.37 -8.18 -9.14
CA ASN E 87 -18.61 -8.83 -10.42
C ASN E 87 -17.37 -9.49 -11.00
N GLY E 88 -16.26 -8.76 -11.04
CA GLY E 88 -14.99 -9.30 -11.51
C GLY E 88 -14.57 -10.49 -10.68
N LEU E 89 -14.76 -10.38 -9.37
CA LEU E 89 -14.42 -11.45 -8.45
C LEU E 89 -15.19 -12.71 -8.82
N ALA E 90 -16.48 -12.54 -9.09
CA ALA E 90 -17.35 -13.65 -9.45
C ALA E 90 -16.98 -14.25 -10.78
N MET E 91 -16.63 -13.38 -11.72
CA MET E 91 -16.27 -13.81 -13.06
C MET E 91 -14.96 -14.58 -13.07
N ARG E 92 -13.96 -14.09 -12.34
CA ARG E 92 -12.69 -14.82 -12.25
C ARG E 92 -12.95 -16.21 -11.72
N ASP E 93 -13.77 -16.30 -10.68
CA ASP E 93 -14.10 -17.59 -10.11
C ASP E 93 -14.80 -18.49 -11.13
N ALA E 94 -15.83 -17.94 -11.78
CA ALA E 94 -16.56 -18.67 -12.82
C ALA E 94 -15.65 -19.26 -13.89
N LEU E 95 -14.63 -18.49 -14.28
CA LEU E 95 -13.68 -18.95 -15.29
C LEU E 95 -12.81 -20.08 -14.78
N HIS E 96 -12.40 -20.03 -13.51
CA HIS E 96 -11.54 -21.08 -12.98
C HIS E 96 -12.29 -22.38 -12.88
N ARG E 97 -13.60 -22.27 -12.68
CA ARG E 97 -14.46 -23.44 -12.61
C ARG E 97 -14.71 -24.00 -14.00
N ALA E 98 -14.48 -23.16 -15.01
CA ALA E 98 -14.54 -23.59 -16.41
C ALA E 98 -13.15 -23.91 -16.93
N TYR E 99 -12.23 -24.16 -16.01
CA TYR E 99 -10.85 -24.53 -16.35
C TYR E 99 -10.23 -23.54 -17.33
N VAL E 100 -10.47 -22.26 -17.09
CA VAL E 100 -9.84 -21.17 -17.83
C VAL E 100 -8.96 -20.38 -16.87
N ASN E 101 -7.68 -20.21 -17.21
CA ASN E 101 -6.79 -19.42 -16.37
C ASN E 101 -7.18 -17.95 -16.41
N ALA E 102 -7.38 -17.35 -15.24
CA ALA E 102 -7.87 -15.97 -15.20
C ALA E 102 -7.37 -15.22 -13.99
N ARG E 103 -7.04 -13.95 -14.20
CA ARG E 103 -6.62 -13.06 -13.12
C ARG E 103 -7.56 -11.87 -12.96
N LEU E 104 -7.79 -11.47 -11.73
CA LEU E 104 -8.53 -10.24 -11.48
C LEU E 104 -7.60 -9.10 -11.09
N MET E 105 -7.70 -7.97 -11.77
CA MET E 105 -6.93 -6.79 -11.40
C MET E 105 -7.89 -5.66 -11.05
N SER E 106 -7.46 -4.80 -10.14
CA SER E 106 -8.31 -3.71 -9.67
C SER E 106 -7.58 -2.39 -9.78
N ALA E 107 -8.29 -1.35 -10.22
CA ALA E 107 -7.70 -0.02 -10.30
C ALA E 107 -7.38 0.50 -8.90
N ILE E 108 -8.16 0.04 -7.93
CA ILE E 108 -7.93 0.31 -6.53
C ILE E 108 -7.32 -0.93 -5.90
N PRO E 109 -6.05 -0.86 -5.49
CA PRO E 109 -5.42 -2.03 -4.87
C PRO E 109 -6.28 -2.63 -3.75
N LEU E 110 -6.39 -3.95 -3.75
CA LEU E 110 -7.16 -4.65 -2.73
C LEU E 110 -6.31 -5.76 -2.14
N ASN E 111 -5.54 -5.44 -1.12
CA ASN E 111 -4.58 -6.38 -0.59
C ASN E 111 -5.21 -7.73 -0.28
N GLY E 112 -4.69 -8.78 -0.88
CA GLY E 112 -5.09 -10.14 -0.55
C GLY E 112 -6.32 -10.65 -1.28
N VAL E 113 -6.98 -9.76 -2.01
CA VAL E 113 -8.22 -10.08 -2.70
C VAL E 113 -7.96 -10.32 -4.19
N CYS E 114 -7.11 -9.48 -4.76
CA CYS E 114 -6.73 -9.56 -6.16
C CYS E 114 -5.56 -8.61 -6.37
N ASP E 115 -4.82 -8.76 -7.47
CA ASP E 115 -3.69 -7.87 -7.64
C ASP E 115 -4.06 -6.52 -8.22
N SER E 116 -3.21 -5.54 -7.97
CA SER E 116 -3.41 -4.19 -8.44
C SER E 116 -3.20 -4.13 -9.94
N TYR E 117 -3.98 -3.29 -10.62
CA TYR E 117 -3.82 -3.13 -12.05
C TYR E 117 -2.44 -2.60 -12.40
N SER E 118 -1.88 -3.15 -13.46
CA SER E 118 -0.66 -2.64 -14.07
C SER E 118 -0.82 -2.95 -15.54
N TRP E 119 -0.76 -1.91 -16.36
CA TRP E 119 -0.94 -2.14 -17.80
C TRP E 119 0.04 -3.21 -18.28
N ALA E 120 1.29 -3.15 -17.78
CA ALA E 120 2.31 -4.10 -18.16
C ALA E 120 2.01 -5.51 -17.68
N GLU E 121 1.64 -5.66 -16.42
CA GLU E 121 1.31 -6.99 -15.91
C GLU E 121 0.09 -7.56 -16.61
N ALA E 122 -0.81 -6.69 -17.04
CA ALA E 122 -1.98 -7.12 -17.78
C ALA E 122 -1.58 -7.77 -19.10
N ILE E 123 -0.68 -7.10 -19.82
CA ILE E 123 -0.22 -7.60 -21.11
C ILE E 123 0.52 -8.92 -20.92
N SER E 124 1.36 -8.98 -19.90
CA SER E 124 2.09 -10.19 -19.60
C SER E 124 1.14 -11.36 -19.37
N LEU E 125 0.09 -11.10 -18.59
CA LEU E 125 -0.90 -12.14 -18.30
C LEU E 125 -1.66 -12.57 -19.55
N LEU E 126 -2.10 -11.62 -20.37
CA LEU E 126 -2.81 -11.93 -21.59
C LEU E 126 -1.97 -12.78 -22.53
N ARG E 127 -0.67 -12.48 -22.60
CA ARG E 127 0.24 -13.23 -23.43
C ARG E 127 0.51 -14.65 -22.92
N ASN E 128 0.11 -14.91 -21.68
CA ASN E 128 0.18 -16.26 -21.12
C ASN E 128 -1.18 -16.94 -21.02
N ASN E 129 -2.05 -16.66 -21.99
CA ASN E 129 -3.36 -17.31 -22.07
C ASN E 129 -4.19 -17.16 -20.79
N ARG E 130 -3.95 -16.07 -20.07
CA ARG E 130 -4.77 -15.69 -18.93
C ARG E 130 -5.84 -14.75 -19.43
N VAL E 131 -7.06 -14.96 -19.00
CA VAL E 131 -8.09 -13.95 -19.18
C VAL E 131 -7.84 -12.95 -18.07
N VAL E 132 -7.78 -11.68 -18.42
CA VAL E 132 -7.53 -10.64 -17.44
C VAL E 132 -8.78 -9.82 -17.23
N ILE E 133 -9.34 -9.93 -16.04
CA ILE E 133 -10.52 -9.13 -15.70
C ILE E 133 -10.08 -7.84 -15.00
N LEU E 134 -10.59 -6.73 -15.50
CA LEU E 134 -10.17 -5.42 -15.03
C LEU E 134 -11.29 -4.71 -14.27
N SER E 135 -11.09 -4.53 -12.97
CA SER E 135 -12.14 -4.05 -12.09
C SER E 135 -11.91 -2.65 -11.53
N ALA E 136 -12.96 -2.10 -10.93
CA ALA E 136 -12.92 -0.77 -10.31
C ALA E 136 -12.71 0.33 -11.33
N GLY E 137 -13.14 0.07 -12.57
CA GLY E 137 -13.09 1.05 -13.63
C GLY E 137 -11.73 1.72 -13.78
N THR E 138 -11.77 3.05 -13.84
CA THR E 138 -10.56 3.86 -14.02
C THR E 138 -9.91 4.19 -12.67
N GLY E 139 -10.58 3.85 -11.57
CA GLY E 139 -10.08 4.18 -10.26
C GLY E 139 -10.69 5.49 -9.78
N ASN E 140 -11.28 6.23 -10.73
CA ASN E 140 -11.91 7.51 -10.43
C ASN E 140 -13.43 7.49 -10.57
N PRO E 141 -14.10 8.43 -9.89
CA PRO E 141 -15.54 8.64 -10.03
C PRO E 141 -15.80 9.45 -11.28
N PHE E 142 -17.04 9.46 -11.76
CA PHE E 142 -17.45 10.29 -12.90
C PHE E 142 -16.88 9.79 -14.21
N PHE E 143 -16.50 8.52 -14.23
CA PHE E 143 -16.09 7.87 -15.45
C PHE E 143 -16.90 6.61 -15.62
N THR E 144 -17.51 6.46 -16.80
CA THR E 144 -18.36 5.33 -17.08
C THR E 144 -17.54 4.07 -17.24
N THR E 145 -18.22 2.92 -17.24
CA THR E 145 -17.55 1.64 -17.48
C THR E 145 -17.03 1.61 -18.90
N ASP E 146 -17.70 2.33 -19.79
CA ASP E 146 -17.24 2.46 -21.16
C ASP E 146 -15.87 3.13 -21.16
N SER E 147 -15.74 4.25 -20.45
CA SER E 147 -14.48 4.96 -20.36
C SER E 147 -13.37 4.03 -19.89
N ALA E 148 -13.70 3.17 -18.94
CA ALA E 148 -12.71 2.26 -18.39
C ALA E 148 -12.30 1.23 -19.44
N ALA E 149 -13.27 0.73 -20.19
CA ALA E 149 -13.02 -0.27 -21.22
C ALA E 149 -12.09 0.27 -22.30
N CYS E 150 -12.31 1.51 -22.70
CA CYS E 150 -11.47 2.14 -23.71
C CYS E 150 -10.09 2.37 -23.16
N LEU E 151 -10.02 3.03 -22.00
CA LEU E 151 -8.74 3.27 -21.34
C LEU E 151 -7.93 1.97 -21.21
N ARG E 152 -8.52 0.97 -20.59
CA ARG E 152 -7.86 -0.33 -20.49
C ARG E 152 -7.52 -0.88 -21.87
N GLY E 153 -8.47 -0.82 -22.78
CA GLY E 153 -8.27 -1.33 -24.12
C GLY E 153 -7.03 -0.73 -24.78
N ILE E 154 -6.89 0.58 -24.68
CA ILE E 154 -5.72 1.27 -25.20
C ILE E 154 -4.44 0.87 -24.46
N GLU E 155 -4.52 0.76 -23.15
CA GLU E 155 -3.35 0.43 -22.34
C GLU E 155 -2.80 -0.95 -22.66
N ILE E 156 -3.69 -1.94 -22.68
CA ILE E 156 -3.26 -3.32 -22.95
C ILE E 156 -3.06 -3.57 -24.45
N GLU E 157 -3.24 -2.51 -25.25
CA GLU E 157 -3.01 -2.58 -26.68
C GLU E 157 -3.91 -3.62 -27.33
N ALA E 158 -5.19 -3.59 -26.98
CA ALA E 158 -6.19 -4.45 -27.60
C ALA E 158 -6.44 -3.99 -29.02
N ASN E 159 -6.86 -4.91 -29.87
CA ASN E 159 -7.18 -4.61 -31.26
C ASN E 159 -8.57 -4.00 -31.37
N VAL E 160 -9.42 -4.31 -30.41
CA VAL E 160 -10.79 -3.84 -30.46
C VAL E 160 -11.42 -3.88 -29.08
N VAL E 161 -12.38 -2.98 -28.85
CA VAL E 161 -13.25 -3.05 -27.68
C VAL E 161 -14.62 -3.57 -28.10
N LEU E 162 -15.04 -4.68 -27.51
CA LEU E 162 -16.35 -5.27 -27.81
C LEU E 162 -17.36 -4.86 -26.74
N LYS E 163 -18.12 -3.81 -27.02
CA LYS E 163 -19.19 -3.38 -26.13
C LYS E 163 -20.43 -4.29 -26.23
N ALA E 164 -20.54 -5.24 -25.31
CA ALA E 164 -21.67 -6.16 -25.31
C ALA E 164 -22.88 -5.48 -24.74
N THR E 165 -23.92 -5.34 -25.56
CA THR E 165 -25.15 -4.65 -25.15
C THR E 165 -26.39 -5.50 -25.40
N LYS E 166 -27.55 -4.94 -25.07
CA LYS E 166 -28.83 -5.64 -25.21
C LYS E 166 -29.40 -5.49 -26.63
N VAL E 167 -28.85 -4.52 -27.35
CA VAL E 167 -29.26 -4.23 -28.72
C VAL E 167 -28.27 -4.85 -29.73
N ASP E 168 -28.74 -5.08 -30.96
CA ASP E 168 -27.90 -5.74 -31.96
C ASP E 168 -27.12 -4.76 -32.82
N GLY E 169 -26.45 -3.80 -32.20
CA GLY E 169 -25.65 -2.84 -32.92
C GLY E 169 -26.18 -1.41 -32.80
N VAL E 170 -25.72 -0.54 -33.68
CA VAL E 170 -26.20 0.85 -33.72
C VAL E 170 -27.26 1.03 -34.81
N PHE E 171 -28.41 1.57 -34.43
CA PHE E 171 -29.51 1.71 -35.38
C PHE E 171 -29.77 3.17 -35.78
N THR E 172 -30.15 3.35 -37.04
CA THR E 172 -30.55 4.65 -37.55
C THR E 172 -31.57 5.28 -36.61
N ALA E 173 -32.50 4.49 -36.08
CA ALA E 173 -33.43 5.01 -35.09
C ALA E 173 -33.51 4.13 -33.84
N ASP E 174 -34.19 4.63 -32.81
CA ASP E 174 -34.45 3.85 -31.61
C ASP E 174 -35.15 2.54 -31.97
N PRO E 175 -34.49 1.41 -31.69
CA PRO E 175 -35.06 0.09 -31.96
C PRO E 175 -36.41 -0.12 -31.25
N ALA E 176 -36.37 -0.32 -29.94
CA ALA E 176 -37.58 -0.57 -29.16
C ALA E 176 -38.46 0.68 -29.08
N ASP E 178 -39.74 2.91 -31.75
CA ASP E 178 -39.65 3.43 -33.12
C ASP E 178 -39.40 2.28 -34.11
N PRO E 179 -40.49 1.63 -34.57
CA PRO E 179 -40.45 0.53 -35.54
C PRO E 179 -39.73 0.84 -36.86
N THR E 180 -39.41 2.12 -37.11
CA THR E 180 -38.67 2.47 -38.31
C THR E 180 -37.18 2.70 -38.03
N ALA E 181 -36.48 1.61 -37.72
CA ALA E 181 -35.05 1.67 -37.46
C ALA E 181 -34.31 0.62 -38.32
N THR E 182 -33.05 0.89 -38.65
CA THR E 182 -32.22 -0.08 -39.34
C THR E 182 -30.77 -0.07 -38.85
N MET E 183 -30.07 -1.19 -39.01
CA MET E 183 -28.79 -1.40 -38.36
C MET E 183 -27.59 -1.01 -39.22
N TYR E 184 -26.79 -0.07 -38.74
CA TYR E 184 -25.54 0.27 -39.41
C TYR E 184 -24.64 -0.96 -39.40
N GLU E 185 -23.62 -0.95 -40.25
CA GLU E 185 -22.72 -2.08 -40.35
C GLU E 185 -21.31 -1.62 -39.99
N GLN E 186 -21.05 -0.36 -40.30
CA GLN E 186 -19.78 0.28 -39.95
C GLN E 186 -19.96 1.79 -39.94
N LEU E 187 -19.23 2.45 -39.03
CA LEU E 187 -19.27 3.89 -38.93
C LEU E 187 -17.87 4.41 -38.68
N THR E 188 -17.74 5.73 -38.62
CA THR E 188 -16.48 6.33 -38.22
C THR E 188 -16.75 7.20 -37.01
N TYR E 189 -15.71 7.47 -36.23
CA TYR E 189 -15.88 8.29 -35.05
C TYR E 189 -16.57 9.59 -35.44
N SER E 190 -16.09 10.21 -36.51
CA SER E 190 -16.67 11.44 -37.02
C SER E 190 -18.13 11.23 -37.42
N GLU E 191 -18.39 10.11 -38.09
CA GLU E 191 -19.73 9.80 -38.59
C GLU E 191 -20.73 9.61 -37.45
N VAL E 192 -20.24 9.13 -36.31
CA VAL E 192 -21.10 8.88 -35.15
C VAL E 192 -21.46 10.16 -34.42
N LEU E 193 -20.49 11.05 -34.28
CA LEU E 193 -20.73 12.35 -33.65
C LEU E 193 -21.64 13.19 -34.53
N GLU E 194 -21.34 13.17 -35.82
CA GLU E 194 -22.09 13.94 -36.81
C GLU E 194 -23.56 13.53 -36.82
N LYS E 195 -23.81 12.23 -36.97
CA LYS E 195 -25.17 11.71 -37.01
C LYS E 195 -25.79 11.61 -35.62
N GLU E 196 -25.10 12.16 -34.63
CA GLU E 196 -25.54 12.14 -33.23
C GLU E 196 -26.11 10.78 -32.81
N LEU E 197 -25.29 9.75 -32.91
CA LEU E 197 -25.70 8.41 -32.53
C LEU E 197 -25.21 8.05 -31.13
N LYS E 198 -26.02 7.29 -30.40
CA LYS E 198 -25.68 6.90 -29.05
C LYS E 198 -24.91 5.58 -29.03
N VAL E 199 -23.59 5.65 -29.13
CA VAL E 199 -22.74 4.47 -29.07
C VAL E 199 -22.26 4.27 -27.63
N MET E 200 -21.70 5.33 -27.06
CA MET E 200 -21.29 5.31 -25.67
C MET E 200 -21.03 6.73 -25.16
N ASP E 201 -20.89 6.84 -23.85
CA ASP E 201 -20.55 8.09 -23.21
C ASP E 201 -19.56 8.85 -24.08
N LEU E 202 -19.78 10.15 -24.21
CA LEU E 202 -18.96 10.99 -25.07
C LEU E 202 -17.48 11.02 -24.69
N ALA E 203 -17.19 11.09 -23.39
CA ALA E 203 -15.79 11.12 -22.93
C ALA E 203 -15.10 9.82 -23.31
N ALA E 204 -15.78 8.70 -23.12
CA ALA E 204 -15.25 7.39 -23.46
C ALA E 204 -15.01 7.28 -24.94
N PHE E 205 -15.98 7.74 -25.72
CA PHE E 205 -15.90 7.72 -27.17
C PHE E 205 -14.68 8.51 -27.68
N THR E 206 -14.50 9.71 -27.14
CA THR E 206 -13.37 10.57 -27.49
C THR E 206 -12.04 9.85 -27.28
N LEU E 207 -11.94 9.12 -26.18
CA LEU E 207 -10.74 8.38 -25.85
C LEU E 207 -10.43 7.35 -26.94
N ALA E 208 -11.45 6.61 -27.37
CA ALA E 208 -11.30 5.59 -28.39
C ALA E 208 -10.94 6.19 -29.74
N ARG E 209 -11.63 7.27 -30.07
CA ARG E 209 -11.39 8.01 -31.31
C ARG E 209 -9.94 8.50 -31.38
N ASP E 210 -9.52 9.24 -30.37
CA ASP E 210 -8.18 9.83 -30.35
C ASP E 210 -7.07 8.80 -30.37
N HIS E 211 -7.39 7.53 -30.09
CA HIS E 211 -6.40 6.48 -30.08
C HIS E 211 -6.72 5.40 -31.11
N LYS E 212 -7.64 5.74 -32.01
CA LYS E 212 -7.96 4.86 -33.13
C LYS E 212 -8.23 3.44 -32.65
N LEU E 213 -8.97 3.33 -31.55
CA LEU E 213 -9.38 2.04 -31.01
C LEU E 213 -10.75 1.65 -31.53
N PRO E 214 -10.80 0.64 -32.40
CA PRO E 214 -12.05 0.15 -33.00
C PRO E 214 -13.04 -0.30 -31.94
N ILE E 215 -14.30 0.06 -32.12
CA ILE E 215 -15.36 -0.36 -31.20
C ILE E 215 -16.39 -1.17 -31.94
N ARG E 216 -16.68 -2.36 -31.43
CA ARG E 216 -17.77 -3.18 -31.96
C ARG E 216 -18.92 -3.31 -30.98
N VAL E 217 -20.05 -2.69 -31.30
CA VAL E 217 -21.26 -2.84 -30.50
C VAL E 217 -22.03 -4.06 -31.00
N PHE E 218 -22.38 -4.96 -30.10
CA PHE E 218 -23.08 -6.16 -30.52
C PHE E 218 -24.06 -6.62 -29.46
N ASN E 219 -24.71 -7.76 -29.70
CA ASN E 219 -25.74 -8.25 -28.80
C ASN E 219 -25.33 -9.52 -28.06
N MET E 220 -25.07 -9.39 -26.77
CA MET E 220 -24.62 -10.50 -25.95
C MET E 220 -25.68 -11.58 -25.80
N ASN E 221 -26.93 -11.18 -26.04
CA ASN E 221 -28.06 -12.11 -25.91
C ASN E 221 -28.26 -12.96 -27.16
N LYS E 222 -27.84 -12.45 -28.31
CA LYS E 222 -27.89 -13.18 -29.55
C LYS E 222 -26.85 -14.31 -29.51
N PRO E 223 -27.31 -15.57 -29.41
CA PRO E 223 -26.41 -16.71 -29.22
C PRO E 223 -25.29 -16.75 -30.26
N GLY E 224 -24.08 -17.03 -29.81
CA GLY E 224 -22.93 -17.13 -30.69
C GLY E 224 -22.53 -15.83 -31.35
N ALA E 225 -23.20 -14.74 -30.98
CA ALA E 225 -22.89 -13.44 -31.57
C ALA E 225 -21.46 -13.04 -31.27
N LEU E 226 -21.03 -13.35 -30.06
CA LEU E 226 -19.68 -13.05 -29.64
C LEU E 226 -18.68 -13.79 -30.51
N ARG E 227 -18.89 -15.11 -30.65
CA ARG E 227 -18.02 -15.93 -31.50
C ARG E 227 -17.91 -15.34 -32.89
N ARG E 228 -19.02 -14.82 -33.42
CA ARG E 228 -19.05 -14.28 -34.76
C ARG E 228 -18.31 -12.95 -34.87
N VAL E 229 -18.55 -12.05 -33.93
CA VAL E 229 -17.87 -10.76 -33.92
C VAL E 229 -16.37 -10.93 -34.05
N VAL E 230 -15.85 -11.94 -33.36
CA VAL E 230 -14.44 -12.29 -33.40
C VAL E 230 -14.01 -12.90 -34.74
N MET E 231 -14.83 -13.78 -35.31
CA MET E 231 -14.51 -14.41 -36.59
C MET E 231 -14.34 -13.37 -37.70
N GLY E 232 -14.79 -12.14 -37.43
CA GLY E 232 -14.72 -11.08 -38.41
C GLY E 232 -16.05 -10.92 -39.12
N GLU E 233 -16.88 -11.95 -39.01
CA GLU E 233 -18.21 -11.97 -39.62
C GLU E 233 -19.02 -10.75 -39.23
N LYS E 234 -20.05 -10.45 -40.01
CA LYS E 234 -20.84 -9.25 -39.76
C LYS E 234 -21.87 -9.44 -38.64
N GLU E 235 -21.53 -8.88 -37.49
CA GLU E 235 -22.41 -8.85 -36.33
C GLU E 235 -22.35 -7.45 -35.74
N GLY E 236 -23.51 -6.91 -35.39
CA GLY E 236 -23.57 -5.58 -34.83
C GLY E 236 -22.77 -4.59 -35.65
N THR E 237 -22.52 -3.42 -35.06
CA THR E 237 -21.82 -2.34 -35.74
C THR E 237 -20.33 -2.32 -35.40
N LEU E 238 -19.51 -1.92 -36.38
CA LEU E 238 -18.11 -1.64 -36.12
C LEU E 238 -17.86 -0.14 -36.26
N ILE E 239 -16.90 0.38 -35.50
CA ILE E 239 -16.61 1.80 -35.52
C ILE E 239 -15.10 2.04 -35.58
N THR E 240 -14.62 2.57 -36.71
CA THR E 240 -13.19 2.74 -36.94
C THR E 240 -12.87 4.01 -37.72
N GLU E 241 -11.59 4.22 -37.98
CA GLU E 241 -11.10 5.35 -38.78
C GLU E 241 -9.61 5.62 -38.49
N ALA F 5 -12.46 43.71 -0.48
CA ALA F 5 -13.54 43.31 -1.36
C ALA F 5 -14.21 42.07 -0.82
N LYS F 6 -14.89 41.34 -1.69
CA LYS F 6 -15.59 40.12 -1.34
C LYS F 6 -15.61 39.17 -2.55
N PRO F 7 -14.74 38.16 -2.51
CA PRO F 7 -14.55 37.09 -3.49
C PRO F 7 -15.86 36.37 -3.77
N VAL F 8 -16.22 36.22 -5.04
CA VAL F 8 -17.46 35.55 -5.41
C VAL F 8 -17.30 34.02 -5.39
N TYR F 9 -16.15 33.56 -4.92
CA TYR F 9 -15.84 32.13 -4.84
C TYR F 9 -15.26 31.77 -3.47
N LYS F 10 -15.87 30.81 -2.79
CA LYS F 10 -15.32 30.37 -1.50
C LYS F 10 -14.28 29.25 -1.67
N ARG F 11 -14.40 28.49 -2.76
CA ARG F 11 -13.48 27.40 -3.02
C ARG F 11 -13.25 27.27 -4.50
N ILE F 12 -11.99 27.36 -4.91
CA ILE F 12 -11.63 27.29 -6.33
C ILE F 12 -10.62 26.19 -6.58
N LEU F 13 -10.62 25.67 -7.80
CA LEU F 13 -9.54 24.79 -8.22
C LEU F 13 -8.72 25.46 -9.31
N LEU F 14 -7.52 25.88 -8.92
CA LEU F 14 -6.61 26.57 -9.83
C LEU F 14 -5.79 25.56 -10.61
N LYS F 15 -5.92 25.56 -11.93
CA LYS F 15 -5.17 24.63 -12.77
C LYS F 15 -4.01 25.35 -13.48
N LEU F 16 -2.79 24.96 -13.15
CA LEU F 16 -1.62 25.54 -13.79
C LEU F 16 -1.03 24.58 -14.80
N SER F 17 -0.43 25.13 -15.84
CA SER F 17 0.34 24.32 -16.77
C SER F 17 1.73 24.18 -16.15
N GLY F 18 2.36 23.02 -16.32
CA GLY F 18 3.71 22.83 -15.83
C GLY F 18 4.62 23.95 -16.28
N GLU F 19 4.49 24.37 -17.54
CA GLU F 19 5.31 25.44 -18.10
C GLU F 19 5.21 26.73 -17.30
N ALA F 20 4.09 26.91 -16.61
CA ALA F 20 3.87 28.09 -15.80
C ALA F 20 5.03 28.34 -14.83
N LEU F 21 5.80 27.30 -14.54
CA LEU F 21 6.89 27.40 -13.58
C LEU F 21 8.26 27.49 -14.25
N GLN F 22 8.26 27.42 -15.58
CA GLN F 22 9.50 27.50 -16.35
C GLN F 22 10.18 28.84 -16.19
N GLY F 23 11.51 28.81 -16.29
CA GLY F 23 12.30 30.03 -16.29
C GLY F 23 12.48 30.53 -17.71
N THR F 24 13.57 31.26 -17.93
CA THR F 24 13.90 31.76 -19.26
C THR F 24 14.33 30.61 -20.16
N GLU F 25 15.07 29.66 -19.59
CA GLU F 25 15.62 28.54 -20.35
C GLU F 25 14.55 27.65 -20.96
N GLY F 26 13.29 27.93 -20.64
CA GLY F 26 12.16 27.20 -21.22
C GLY F 26 11.99 25.78 -20.69
N PHE F 27 12.52 25.53 -19.50
CA PHE F 27 12.39 24.23 -18.86
C PHE F 27 12.68 24.34 -17.38
N GLY F 28 12.34 23.29 -16.64
CA GLY F 28 12.64 23.22 -15.21
C GLY F 28 11.76 24.11 -14.36
N ILE F 29 12.27 24.45 -13.18
CA ILE F 29 11.53 25.28 -12.25
C ILE F 29 12.36 26.51 -11.86
N ASP F 30 11.83 27.70 -12.15
CA ASP F 30 12.52 28.93 -11.79
C ASP F 30 12.06 29.42 -10.41
N ALA F 31 13.00 29.44 -9.47
CA ALA F 31 12.68 29.76 -8.09
C ALA F 31 11.83 31.03 -7.95
N SER F 32 12.20 32.08 -8.66
CA SER F 32 11.54 33.37 -8.50
C SER F 32 10.14 33.39 -9.13
N ILE F 33 10.00 32.77 -10.30
CA ILE F 33 8.72 32.67 -10.98
C ILE F 33 7.77 31.79 -10.15
N LEU F 34 8.36 30.94 -9.32
CA LEU F 34 7.61 30.03 -8.44
C LEU F 34 7.16 30.73 -7.16
N ASP F 35 8.09 31.42 -6.51
CA ASP F 35 7.79 32.16 -5.31
C ASP F 35 6.80 33.27 -5.61
N ARG F 36 6.84 33.75 -6.85
CA ARG F 36 5.90 34.76 -7.29
C ARG F 36 4.51 34.14 -7.26
N MET F 37 4.44 32.90 -7.75
CA MET F 37 3.17 32.19 -7.85
C MET F 37 2.66 31.81 -6.47
N ALA F 38 3.60 31.52 -5.57
CA ALA F 38 3.25 31.22 -4.18
C ALA F 38 2.56 32.42 -3.55
N GLN F 39 3.08 33.61 -3.85
CA GLN F 39 2.53 34.84 -3.30
C GLN F 39 1.14 35.14 -3.83
N GLU F 40 0.92 34.90 -5.12
CA GLU F 40 -0.40 35.10 -5.71
C GLU F 40 -1.42 34.23 -4.99
N ILE F 41 -1.01 33.01 -4.66
CA ILE F 41 -1.87 32.07 -3.96
C ILE F 41 -2.06 32.49 -2.50
N LYS F 42 -1.00 33.01 -1.89
CA LYS F 42 -1.08 33.50 -0.52
C LYS F 42 -2.19 34.56 -0.41
N GLU F 43 -2.31 35.38 -1.45
CA GLU F 43 -3.36 36.39 -1.48
C GLU F 43 -4.73 35.72 -1.41
N LEU F 44 -5.02 34.83 -2.36
CA LEU F 44 -6.31 34.13 -2.37
C LEU F 44 -6.62 33.49 -1.02
N VAL F 45 -5.60 32.94 -0.38
CA VAL F 45 -5.77 32.32 0.93
C VAL F 45 -6.19 33.38 1.95
N GLU F 46 -5.49 34.50 1.96
CA GLU F 46 -5.77 35.59 2.89
C GLU F 46 -7.14 36.25 2.68
N LEU F 47 -7.64 36.18 1.44
CA LEU F 47 -9.00 36.63 1.13
C LEU F 47 -10.05 35.63 1.63
N GLY F 48 -9.60 34.56 2.28
CA GLY F 48 -10.50 33.55 2.81
C GLY F 48 -10.95 32.53 1.77
N ILE F 49 -10.24 32.46 0.65
CA ILE F 49 -10.58 31.47 -0.37
C ILE F 49 -9.88 30.14 -0.12
N GLN F 50 -10.62 29.05 -0.30
CA GLN F 50 -10.07 27.72 -0.20
C GLN F 50 -9.52 27.33 -1.55
N VAL F 51 -8.23 27.04 -1.59
CA VAL F 51 -7.51 26.85 -2.84
C VAL F 51 -6.99 25.43 -3.07
N GLY F 52 -7.53 24.79 -4.11
CA GLY F 52 -6.96 23.55 -4.61
C GLY F 52 -6.18 23.83 -5.88
N VAL F 53 -4.93 23.37 -5.93
CA VAL F 53 -4.10 23.57 -7.14
C VAL F 53 -3.79 22.26 -7.85
N VAL F 54 -3.94 22.26 -9.17
CA VAL F 54 -3.56 21.11 -9.99
C VAL F 54 -2.50 21.56 -10.98
N ILE F 55 -1.31 20.97 -10.91
CA ILE F 55 -0.21 21.36 -11.80
C ILE F 55 0.09 20.27 -12.82
N GLY F 56 0.54 20.71 -14.00
CA GLY F 56 0.98 19.79 -15.05
C GLY F 56 2.47 19.52 -14.92
N GLY F 57 3.03 18.80 -15.89
CA GLY F 57 4.43 18.42 -15.83
C GLY F 57 5.25 18.79 -17.06
N GLY F 58 4.70 19.65 -17.91
CA GLY F 58 5.33 20.00 -19.17
C GLY F 58 6.71 20.62 -19.05
N ASN F 59 6.95 21.34 -17.96
CA ASN F 59 8.22 22.01 -17.78
C ASN F 59 9.34 21.02 -17.44
N LEU F 60 8.97 19.84 -16.98
CA LEU F 60 9.94 18.87 -16.49
C LEU F 60 10.00 17.66 -17.39
N PHE F 61 8.95 17.45 -18.16
CA PHE F 61 8.95 16.36 -19.13
C PHE F 61 8.27 16.74 -20.43
N ARG F 62 9.07 16.82 -21.49
CA ARG F 62 8.56 17.07 -22.83
C ARG F 62 8.22 15.72 -23.46
N GLY F 63 9.27 14.97 -23.82
CA GLY F 63 9.10 13.62 -24.29
C GLY F 63 8.34 13.49 -25.59
N ALA F 64 8.35 14.57 -26.38
CA ALA F 64 7.84 14.50 -27.74
C ALA F 64 8.90 13.77 -28.55
N GLY F 65 10.16 14.01 -28.19
CA GLY F 65 11.28 13.36 -28.85
C GLY F 65 11.32 11.87 -28.58
N LEU F 66 11.02 11.49 -27.35
CA LEU F 66 10.99 10.09 -26.98
C LEU F 66 9.79 9.38 -27.59
N ALA F 67 8.68 10.11 -27.74
CA ALA F 67 7.52 9.54 -28.41
C ALA F 67 7.91 9.27 -29.86
N LYS F 68 8.58 10.24 -30.47
CA LYS F 68 9.05 10.11 -31.83
C LYS F 68 9.94 8.88 -32.01
N ALA F 69 10.75 8.59 -30.99
CA ALA F 69 11.65 7.44 -31.03
C ALA F 69 10.92 6.12 -30.78
N GLY F 70 9.63 6.20 -30.50
CA GLY F 70 8.80 5.02 -30.35
C GLY F 70 8.46 4.64 -28.92
N MET F 71 8.71 5.54 -27.98
CA MET F 71 8.40 5.26 -26.58
C MET F 71 6.91 4.97 -26.40
N ASN F 72 6.61 3.94 -25.62
CA ASN F 72 5.23 3.58 -25.32
C ASN F 72 4.45 4.75 -24.70
N ARG F 73 3.25 4.98 -25.21
CA ARG F 73 2.45 6.11 -24.80
C ARG F 73 2.18 6.12 -23.29
N VAL F 74 1.90 4.94 -22.74
CA VAL F 74 1.60 4.80 -21.31
C VAL F 74 2.81 5.24 -20.48
N VAL F 75 3.95 4.61 -20.75
CA VAL F 75 5.21 4.99 -20.10
C VAL F 75 5.48 6.49 -20.18
N GLY F 76 5.22 7.07 -21.34
CA GLY F 76 5.36 8.50 -21.49
C GLY F 76 4.49 9.27 -20.51
N ASP F 77 3.21 8.93 -20.45
CA ASP F 77 2.31 9.62 -19.56
C ASP F 77 2.64 9.39 -18.09
N HIS F 78 3.19 8.21 -17.77
CA HIS F 78 3.63 7.94 -16.40
C HIS F 78 4.79 8.85 -16.02
N MET F 79 5.66 9.13 -16.97
CA MET F 79 6.77 10.03 -16.71
C MET F 79 6.25 11.44 -16.43
N GLY F 80 5.29 11.89 -17.24
CA GLY F 80 4.68 13.18 -17.03
C GLY F 80 3.97 13.23 -15.68
N MET F 81 3.32 12.12 -15.34
CA MET F 81 2.61 12.01 -14.08
C MET F 81 3.55 12.26 -12.92
N LEU F 82 4.70 11.61 -12.95
CA LEU F 82 5.73 11.84 -11.93
C LEU F 82 6.21 13.28 -11.99
N ALA F 83 6.36 13.81 -13.20
CA ALA F 83 6.76 15.20 -13.36
C ALA F 83 5.85 16.15 -12.57
N THR F 84 4.53 15.93 -12.67
CA THR F 84 3.57 16.78 -11.98
C THR F 84 3.75 16.74 -10.46
N VAL F 85 4.26 15.62 -9.96
CA VAL F 85 4.46 15.49 -8.52
C VAL F 85 5.70 16.26 -8.09
N MET F 86 6.69 16.35 -8.97
CA MET F 86 7.86 17.19 -8.68
C MET F 86 7.46 18.65 -8.61
N ASN F 87 6.67 19.11 -9.58
CA ASN F 87 6.12 20.46 -9.53
C ASN F 87 5.30 20.73 -8.27
N GLY F 88 4.38 19.83 -7.95
CA GLY F 88 3.57 19.95 -6.74
C GLY F 88 4.44 19.97 -5.50
N LEU F 89 5.47 19.14 -5.51
CA LEU F 89 6.41 19.05 -4.40
C LEU F 89 7.06 20.42 -4.22
N ALA F 90 7.47 21.03 -5.33
CA ALA F 90 8.13 22.33 -5.30
C ALA F 90 7.19 23.42 -4.84
N MET F 91 5.95 23.35 -5.31
CA MET F 91 4.94 24.35 -5.00
C MET F 91 4.54 24.29 -3.51
N ARG F 92 4.35 23.09 -2.98
CA ARG F 92 4.06 22.95 -1.57
C ARG F 92 5.18 23.58 -0.74
N ASP F 93 6.43 23.33 -1.12
CA ASP F 93 7.55 23.91 -0.40
C ASP F 93 7.54 25.45 -0.51
N ALA F 94 7.37 25.96 -1.73
CA ALA F 94 7.31 27.39 -1.98
C ALA F 94 6.26 28.09 -1.12
N LEU F 95 5.13 27.41 -0.91
CA LEU F 95 4.06 27.96 -0.08
C LEU F 95 4.44 27.99 1.42
N HIS F 96 5.13 26.96 1.89
CA HIS F 96 5.51 26.93 3.29
C HIS F 96 6.55 28.00 3.57
N ARG F 97 7.34 28.32 2.57
CA ARG F 97 8.31 29.38 2.70
C ARG F 97 7.63 30.75 2.65
N ALA F 98 6.40 30.79 2.14
CA ALA F 98 5.60 32.00 2.14
C ALA F 98 4.62 31.98 3.32
N TYR F 99 4.91 31.13 4.30
CA TYR F 99 4.09 31.01 5.49
C TYR F 99 2.62 30.77 5.16
N VAL F 100 2.39 29.92 4.16
CA VAL F 100 1.05 29.43 3.81
C VAL F 100 0.98 27.92 4.10
N ASN F 101 -0.01 27.51 4.89
CA ASN F 101 -0.19 26.09 5.15
C ASN F 101 -0.60 25.36 3.89
N ALA F 102 0.13 24.32 3.52
CA ALA F 102 -0.17 23.60 2.28
C ALA F 102 0.14 22.11 2.36
N ARG F 103 -0.72 21.31 1.78
CA ARG F 103 -0.51 19.86 1.66
C ARG F 103 -0.41 19.42 0.22
N LEU F 104 0.47 18.45 -0.02
CA LEU F 104 0.57 17.81 -1.33
C LEU F 104 -0.11 16.45 -1.32
N MET F 105 -1.02 16.24 -2.26
CA MET F 105 -1.64 14.93 -2.41
C MET F 105 -1.34 14.37 -3.80
N SER F 106 -1.24 13.04 -3.87
CA SER F 106 -0.92 12.40 -5.13
C SER F 106 -1.94 11.34 -5.50
N ALA F 107 -2.29 11.26 -6.78
CA ALA F 107 -3.23 10.24 -7.23
C ALA F 107 -2.58 8.86 -7.10
N ILE F 108 -1.25 8.85 -7.17
CA ILE F 108 -0.45 7.65 -6.96
C ILE F 108 0.21 7.77 -5.60
N PRO F 109 -0.18 6.93 -4.64
CA PRO F 109 0.43 7.00 -3.31
C PRO F 109 1.94 7.00 -3.37
N LEU F 110 2.57 7.88 -2.62
CA LEU F 110 4.02 7.98 -2.57
C LEU F 110 4.46 7.97 -1.12
N ASN F 111 4.63 6.78 -0.58
CA ASN F 111 4.93 6.64 0.83
C ASN F 111 6.08 7.53 1.30
N GLY F 112 5.80 8.38 2.30
CA GLY F 112 6.83 9.19 2.92
C GLY F 112 7.12 10.51 2.24
N VAL F 113 6.58 10.69 1.04
CA VAL F 113 6.84 11.85 0.23
C VAL F 113 5.69 12.86 0.35
N CYS F 114 4.47 12.34 0.33
CA CYS F 114 3.27 13.16 0.42
C CYS F 114 2.10 12.21 0.59
N ASP F 115 0.96 12.70 1.07
CA ASP F 115 -0.13 11.77 1.30
C ASP F 115 -0.91 11.46 0.05
N SER F 116 -1.61 10.33 0.09
CA SER F 116 -2.41 9.86 -1.02
C SER F 116 -3.66 10.72 -1.16
N TYR F 117 -4.10 10.91 -2.39
CA TYR F 117 -5.29 11.71 -2.61
C TYR F 117 -6.49 11.03 -2.00
N SER F 118 -7.36 11.84 -1.42
CA SER F 118 -8.65 11.40 -0.92
C SER F 118 -9.55 12.61 -1.06
N TRP F 119 -10.62 12.47 -1.82
CA TRP F 119 -11.48 13.62 -2.06
C TRP F 119 -11.92 14.21 -0.71
N ALA F 120 -12.27 13.33 0.23
CA ALA F 120 -12.68 13.75 1.56
C ALA F 120 -11.57 14.47 2.32
N GLU F 121 -10.36 13.88 2.35
CA GLU F 121 -9.27 14.51 3.09
C GLU F 121 -8.91 15.85 2.48
N ALA F 122 -9.12 15.97 1.16
CA ALA F 122 -8.85 17.23 0.46
C ALA F 122 -9.79 18.32 0.95
N ILE F 123 -11.08 17.99 1.05
CA ILE F 123 -12.06 18.95 1.51
C ILE F 123 -11.74 19.36 2.94
N SER F 124 -11.44 18.38 3.79
CA SER F 124 -11.12 18.66 5.17
C SER F 124 -9.96 19.65 5.24
N LEU F 125 -8.93 19.41 4.44
CA LEU F 125 -7.74 20.28 4.45
C LEU F 125 -8.08 21.69 3.97
N LEU F 126 -8.85 21.79 2.88
CA LEU F 126 -9.25 23.09 2.36
C LEU F 126 -10.04 23.89 3.38
N ARG F 127 -10.88 23.19 4.14
CA ARG F 127 -11.69 23.85 5.16
C ARG F 127 -10.86 24.31 6.35
N ASN F 128 -9.61 23.85 6.42
CA ASN F 128 -8.70 24.28 7.48
C ASN F 128 -7.63 25.19 6.91
N ASN F 129 -8.02 26.02 5.93
CA ASN F 129 -7.11 27.03 5.39
C ASN F 129 -5.78 26.44 4.90
N ARG F 130 -5.81 25.18 4.51
CA ARG F 130 -4.69 24.55 3.83
C ARG F 130 -4.89 24.72 2.33
N VAL F 131 -3.83 25.10 1.62
CA VAL F 131 -3.83 25.01 0.18
C VAL F 131 -3.55 23.56 -0.15
N VAL F 132 -4.40 22.95 -0.95
CA VAL F 132 -4.24 21.54 -1.30
C VAL F 132 -3.76 21.39 -2.74
N ILE F 133 -2.51 20.93 -2.89
CA ILE F 133 -1.95 20.68 -4.22
C ILE F 133 -2.21 19.24 -4.63
N LEU F 134 -2.80 19.06 -5.81
CA LEU F 134 -3.21 17.75 -6.28
C LEU F 134 -2.33 17.29 -7.44
N SER F 135 -1.54 16.24 -7.19
CA SER F 135 -0.54 15.80 -8.17
C SER F 135 -0.83 14.45 -8.83
N ALA F 136 -0.05 14.16 -9.85
CA ALA F 136 -0.15 12.90 -10.59
C ALA F 136 -1.49 12.78 -11.30
N GLY F 137 -2.08 13.94 -11.64
CA GLY F 137 -3.30 13.99 -12.41
C GLY F 137 -4.40 13.08 -11.90
N THR F 138 -4.97 12.29 -12.83
CA THR F 138 -6.07 11.38 -12.50
C THR F 138 -5.56 10.03 -12.00
N GLY F 139 -4.26 9.80 -12.11
CA GLY F 139 -3.68 8.54 -11.73
C GLY F 139 -3.52 7.68 -12.96
N ASN F 140 -4.22 8.06 -14.04
CA ASN F 140 -4.20 7.32 -15.29
C ASN F 140 -3.50 8.05 -16.41
N PRO F 141 -3.04 7.29 -17.41
CA PRO F 141 -2.47 7.83 -18.64
C PRO F 141 -3.59 8.24 -19.57
N PHE F 142 -3.29 9.06 -20.57
CA PHE F 142 -4.25 9.45 -21.59
C PHE F 142 -5.31 10.39 -21.04
N PHE F 143 -4.99 11.05 -19.94
CA PHE F 143 -5.85 12.10 -19.42
C PHE F 143 -5.03 13.35 -19.24
N THR F 144 -5.54 14.46 -19.77
CA THR F 144 -4.84 15.72 -19.70
C THR F 144 -4.88 16.31 -18.29
N THR F 145 -4.04 17.30 -18.04
CA THR F 145 -4.03 17.98 -16.76
C THR F 145 -5.36 18.70 -16.58
N ASP F 146 -5.94 19.14 -17.69
CA ASP F 146 -7.29 19.72 -17.65
C ASP F 146 -8.28 18.72 -17.09
N SER F 147 -8.31 17.50 -17.63
CA SER F 147 -9.19 16.46 -17.11
C SER F 147 -9.02 16.30 -15.60
N ALA F 148 -7.78 16.36 -15.13
CA ALA F 148 -7.52 16.15 -13.72
C ALA F 148 -8.08 17.32 -12.93
N ALA F 149 -7.92 18.52 -13.45
CA ALA F 149 -8.41 19.73 -12.79
C ALA F 149 -9.92 19.67 -12.61
N CYS F 150 -10.63 19.27 -13.65
CA CYS F 150 -12.08 19.18 -13.59
C CYS F 150 -12.49 18.09 -12.63
N LEU F 151 -11.89 16.91 -12.79
CA LEU F 151 -12.22 15.77 -11.94
C LEU F 151 -12.04 16.14 -10.48
N ARG F 152 -10.86 16.67 -10.15
CA ARG F 152 -10.58 17.14 -8.80
C ARG F 152 -11.55 18.24 -8.42
N GLY F 153 -11.71 19.22 -9.30
CA GLY F 153 -12.64 20.31 -9.06
C GLY F 153 -14.02 19.83 -8.63
N ILE F 154 -14.57 18.88 -9.38
CA ILE F 154 -15.85 18.29 -9.03
C ILE F 154 -15.82 17.55 -7.68
N GLU F 155 -14.75 16.81 -7.44
CA GLU F 155 -14.65 15.97 -6.24
C GLU F 155 -14.59 16.80 -4.98
N ILE F 156 -13.73 17.82 -4.99
CA ILE F 156 -13.58 18.69 -3.83
C ILE F 156 -14.70 19.75 -3.76
N GLU F 157 -15.64 19.67 -4.71
CA GLU F 157 -16.80 20.56 -4.73
C GLU F 157 -16.37 22.03 -4.81
N ALA F 158 -15.47 22.31 -5.74
CA ALA F 158 -15.04 23.66 -6.00
C ALA F 158 -16.14 24.40 -6.73
N ASN F 159 -16.17 25.72 -6.58
CA ASN F 159 -17.17 26.56 -7.23
C ASN F 159 -16.77 26.81 -8.67
N VAL F 160 -15.47 26.75 -8.93
CA VAL F 160 -14.96 27.08 -10.26
C VAL F 160 -13.57 26.48 -10.48
N VAL F 161 -13.28 26.18 -11.74
CA VAL F 161 -11.93 25.80 -12.16
C VAL F 161 -11.31 26.97 -12.88
N LEU F 162 -10.17 27.44 -12.39
CA LEU F 162 -9.48 28.57 -13.01
C LEU F 162 -8.31 28.06 -13.85
N LYS F 163 -8.55 27.88 -15.15
CA LYS F 163 -7.51 27.48 -16.09
C LYS F 163 -6.57 28.65 -16.39
N ALA F 164 -5.43 28.70 -15.70
CA ALA F 164 -4.44 29.74 -15.93
C ALA F 164 -3.66 29.44 -17.20
N THR F 165 -3.78 30.33 -18.18
CA THR F 165 -3.12 30.13 -19.47
C THR F 165 -2.30 31.36 -19.88
N LYS F 166 -1.66 31.26 -21.04
CA LYS F 166 -0.80 32.34 -21.56
C LYS F 166 -1.62 33.39 -22.30
N VAL F 167 -2.85 33.02 -22.65
CA VAL F 167 -3.77 33.90 -23.37
C VAL F 167 -4.78 34.53 -22.41
N ASP F 168 -5.34 35.67 -22.79
CA ASP F 168 -6.25 36.39 -21.90
C ASP F 168 -7.71 36.02 -22.11
N GLY F 169 -8.00 34.71 -22.16
CA GLY F 169 -9.37 34.25 -22.31
C GLY F 169 -9.59 33.50 -23.61
N VAL F 170 -10.85 33.33 -23.99
CA VAL F 170 -11.20 32.67 -25.25
C VAL F 170 -11.52 33.70 -26.32
N PHE F 171 -10.86 33.60 -27.46
CA PHE F 171 -11.05 34.58 -28.53
C PHE F 171 -11.81 34.03 -29.74
N THR F 172 -12.62 34.88 -30.35
CA THR F 172 -13.32 34.55 -31.58
C THR F 172 -12.33 34.02 -32.63
N LYS F 177 -3.81 35.04 -33.30
CA LYS F 177 -3.37 34.91 -34.69
C LYS F 177 -4.41 35.44 -35.67
N ASP F 178 -4.81 36.70 -35.52
CA ASP F 178 -5.81 37.29 -36.40
C ASP F 178 -5.97 38.80 -36.23
N PRO F 179 -6.26 39.50 -37.34
CA PRO F 179 -6.63 40.92 -37.32
C PRO F 179 -8.01 41.12 -36.71
N THR F 180 -8.96 40.26 -37.09
CA THR F 180 -10.33 40.34 -36.59
C THR F 180 -10.57 39.28 -35.52
N ALA F 181 -10.50 39.68 -34.26
CA ALA F 181 -10.70 38.75 -33.13
C ALA F 181 -11.08 39.48 -31.84
N THR F 182 -12.16 39.06 -31.22
CA THR F 182 -12.62 39.65 -29.96
C THR F 182 -12.66 38.61 -28.83
N MET F 183 -12.27 39.03 -27.62
CA MET F 183 -12.33 38.17 -26.45
C MET F 183 -13.77 38.00 -25.97
N TYR F 184 -14.25 36.76 -25.94
CA TYR F 184 -15.52 36.45 -25.31
C TYR F 184 -15.48 36.85 -23.83
N GLU F 185 -16.65 36.95 -23.22
CA GLU F 185 -16.75 37.37 -21.83
C GLU F 185 -17.42 36.27 -21.03
N GLN F 186 -18.31 35.56 -21.71
CA GLN F 186 -18.97 34.40 -21.13
C GLN F 186 -19.50 33.50 -22.23
N LEU F 187 -19.48 32.20 -22.00
CA LEU F 187 -19.98 31.22 -22.96
C LEU F 187 -20.75 30.15 -22.22
N THR F 188 -21.33 29.23 -22.98
CA THR F 188 -21.94 28.04 -22.38
C THR F 188 -21.25 26.81 -22.96
N TYR F 189 -21.35 25.70 -22.24
CA TYR F 189 -20.71 24.47 -22.71
C TYR F 189 -21.16 24.19 -24.12
N SER F 190 -22.47 24.30 -24.35
CA SER F 190 -23.05 24.10 -25.68
C SER F 190 -22.49 25.11 -26.68
N GLU F 191 -22.40 26.37 -26.24
CA GLU F 191 -21.93 27.45 -27.11
C GLU F 191 -20.48 27.24 -27.54
N VAL F 192 -19.69 26.59 -26.68
CA VAL F 192 -18.27 26.36 -26.95
C VAL F 192 -18.06 25.22 -27.94
N LEU F 193 -18.85 24.16 -27.80
CA LEU F 193 -18.78 23.03 -28.71
C LEU F 193 -19.30 23.45 -30.08
N GLU F 194 -20.41 24.18 -30.06
CA GLU F 194 -21.06 24.65 -31.28
C GLU F 194 -20.13 25.54 -32.09
N LYS F 195 -19.57 26.56 -31.45
CA LYS F 195 -18.68 27.49 -32.12
C LYS F 195 -17.27 26.90 -32.31
N GLU F 196 -17.13 25.62 -31.98
CA GLU F 196 -15.86 24.90 -32.07
C GLU F 196 -14.68 25.72 -31.54
N LEU F 197 -14.76 26.10 -30.26
CA LEU F 197 -13.70 26.87 -29.62
C LEU F 197 -12.78 25.99 -28.80
N LYS F 198 -11.49 26.33 -28.80
CA LYS F 198 -10.50 25.56 -28.06
C LYS F 198 -10.35 26.08 -26.64
N VAL F 199 -11.15 25.54 -25.72
CA VAL F 199 -11.05 25.89 -24.31
C VAL F 199 -10.15 24.88 -23.59
N MET F 200 -10.48 23.61 -23.76
CA MET F 200 -9.66 22.54 -23.23
C MET F 200 -10.00 21.20 -23.88
N ASP F 201 -9.14 20.22 -23.65
CA ASP F 201 -9.37 18.86 -24.12
C ASP F 201 -10.85 18.55 -24.01
N LEU F 202 -11.37 17.89 -25.04
CA LEU F 202 -12.80 17.56 -25.13
C LEU F 202 -13.31 16.67 -24.00
N ALA F 203 -12.52 15.68 -23.61
CA ALA F 203 -12.90 14.78 -22.53
C ALA F 203 -13.03 15.56 -21.22
N ALA F 204 -12.05 16.42 -20.95
CA ALA F 204 -12.04 17.26 -19.77
C ALA F 204 -13.24 18.18 -19.76
N PHE F 205 -13.50 18.80 -20.91
CA PHE F 205 -14.60 19.72 -21.06
C PHE F 205 -15.95 19.05 -20.77
N THR F 206 -16.13 17.85 -21.31
CA THR F 206 -17.36 17.07 -21.11
C THR F 206 -17.60 16.83 -19.63
N LEU F 207 -16.54 16.54 -18.90
CA LEU F 207 -16.63 16.30 -17.48
C LEU F 207 -17.18 17.53 -16.75
N ALA F 208 -16.65 18.70 -17.10
CA ALA F 208 -17.06 19.96 -16.46
C ALA F 208 -18.50 20.30 -16.82
N ARG F 209 -18.83 20.11 -18.09
CA ARG F 209 -20.17 20.35 -18.59
C ARG F 209 -21.20 19.49 -17.86
N ASP F 210 -20.98 18.18 -17.87
CA ASP F 210 -21.91 17.24 -17.27
C ASP F 210 -22.10 17.44 -15.76
N HIS F 211 -21.19 18.18 -15.14
CA HIS F 211 -21.29 18.43 -13.71
C HIS F 211 -21.44 19.90 -13.42
N LYS F 212 -21.73 20.68 -14.45
CA LYS F 212 -22.03 22.10 -14.31
C LYS F 212 -20.96 22.81 -13.51
N LEU F 213 -19.70 22.48 -13.81
CA LEU F 213 -18.55 23.10 -13.15
C LEU F 213 -18.05 24.26 -14.00
N PRO F 214 -18.26 25.49 -13.52
CA PRO F 214 -17.84 26.72 -14.21
C PRO F 214 -16.34 26.73 -14.47
N ILE F 215 -15.96 27.13 -15.67
CA ILE F 215 -14.56 27.25 -16.04
C ILE F 215 -14.25 28.70 -16.38
N ARG F 216 -13.20 29.24 -15.75
CA ARG F 216 -12.70 30.55 -16.12
C ARG F 216 -11.31 30.45 -16.72
N VAL F 217 -11.20 30.74 -18.02
CA VAL F 217 -9.90 30.84 -18.66
C VAL F 217 -9.37 32.26 -18.52
N PHE F 218 -8.15 32.41 -18.05
CA PHE F 218 -7.58 33.73 -17.84
C PHE F 218 -6.09 33.74 -18.11
N ASN F 219 -5.45 34.89 -17.87
CA ASN F 219 -4.03 35.04 -18.16
C ASN F 219 -3.18 35.19 -16.89
N MET F 220 -2.43 34.14 -16.57
CA MET F 220 -1.59 34.13 -15.37
C MET F 220 -0.48 35.17 -15.44
N ASN F 221 -0.17 35.61 -16.66
CA ASN F 221 0.93 36.56 -16.88
C ASN F 221 0.48 38.00 -16.65
N LYS F 222 -0.81 38.24 -16.89
CA LYS F 222 -1.41 39.55 -16.65
C LYS F 222 -1.48 39.81 -15.15
N PRO F 223 -0.63 40.72 -14.65
CA PRO F 223 -0.50 40.96 -13.20
C PRO F 223 -1.84 41.21 -12.52
N GLY F 224 -2.04 40.57 -11.36
CA GLY F 224 -3.25 40.74 -10.59
C GLY F 224 -4.49 40.17 -11.26
N ALA F 225 -4.32 39.54 -12.42
CA ALA F 225 -5.45 38.95 -13.13
C ALA F 225 -6.14 37.88 -12.28
N LEU F 226 -5.34 37.10 -11.57
CA LEU F 226 -5.88 36.07 -10.69
C LEU F 226 -6.75 36.71 -9.60
N ARG F 227 -6.19 37.70 -8.92
CA ARG F 227 -6.92 38.43 -7.89
C ARG F 227 -8.26 38.92 -8.41
N ARG F 228 -8.28 39.41 -9.65
CA ARG F 228 -9.49 39.95 -10.24
C ARG F 228 -10.52 38.86 -10.57
N VAL F 229 -10.06 37.78 -11.19
CA VAL F 229 -10.94 36.67 -11.54
C VAL F 229 -11.77 36.23 -10.33
N VAL F 230 -11.11 36.25 -9.17
CA VAL F 230 -11.74 35.89 -7.91
C VAL F 230 -12.71 36.94 -7.40
N MET F 231 -12.35 38.21 -7.55
CA MET F 231 -13.21 39.32 -7.10
C MET F 231 -14.54 39.30 -7.83
N GLY F 232 -14.62 38.53 -8.92
CA GLY F 232 -15.82 38.47 -9.73
C GLY F 232 -15.70 39.39 -10.92
N GLU F 233 -14.75 40.34 -10.84
CA GLU F 233 -14.50 41.29 -11.92
C GLU F 233 -14.27 40.58 -13.25
N LYS F 234 -14.46 41.32 -14.33
CA LYS F 234 -14.35 40.73 -15.66
C LYS F 234 -12.89 40.55 -16.10
N GLU F 235 -12.45 39.30 -16.04
CA GLU F 235 -11.14 38.91 -16.52
C GLU F 235 -11.30 37.61 -17.29
N GLY F 236 -10.65 37.53 -18.44
CA GLY F 236 -10.75 36.35 -19.29
C GLY F 236 -12.19 35.91 -19.48
N THR F 237 -12.36 34.68 -19.93
CA THR F 237 -13.68 34.16 -20.24
C THR F 237 -14.23 33.30 -19.11
N LEU F 238 -15.54 33.35 -18.92
CA LEU F 238 -16.23 32.42 -18.03
C LEU F 238 -17.07 31.45 -18.84
N ILE F 239 -17.25 30.23 -18.34
CA ILE F 239 -17.99 29.21 -19.06
C ILE F 239 -18.92 28.46 -18.12
N THR F 240 -20.23 28.66 -18.29
CA THR F 240 -21.23 28.10 -17.38
C THR F 240 -22.50 27.69 -18.11
N GLU F 241 -23.46 27.16 -17.34
CA GLU F 241 -24.78 26.77 -17.85
C GLU F 241 -25.47 25.80 -16.89
#